data_1KXT
#
_entry.id   1KXT
#
_cell.length_a   52.780
_cell.length_b   286.850
_cell.length_c   65.980
_cell.angle_alpha   90.00
_cell.angle_beta   93.73
_cell.angle_gamma   90.00
#
_symmetry.space_group_name_H-M   'P 1 21 1'
#
loop_
_entity.id
_entity.type
_entity.pdbx_description
1 polymer 'ALPHA-AMYLASE, PANCREATIC'
2 polymer 'IMMUNOGLOBULIN VHH FRAGMENT'
3 non-polymer 'CALCIUM ION'
4 non-polymer 'CHLORIDE ION'
5 water water
#
loop_
_entity_poly.entity_id
_entity_poly.type
_entity_poly.pdbx_seq_one_letter_code
_entity_poly.pdbx_strand_id
1 'polypeptide(L)'
;QYAPQTQSGRTSIVHLFEWRWVDIALECERYLGPKGFGGVQVSPPNENIVVTNPSRPWWERYQPVSYKLCTRSGNENEFR
DMVTRCNNVGVRIYVDAVINHMCGSGAAAGTGTTCGSYCNPGSREFPAVPYSAWDFNDGKCKTASGGIESYNDPYQVRDC
QLVGLLDLALEKDYVRSMIADYLNKLIDIGVAGFRIDASKHMWPGDIKAVLDKLHNLNTNWFPAGSRPFIFQEVIDLGGE
AIKSSEYFGNGRVTEFKYGAKLGTVVRKWSGEKMSYLKNWGEGWGFMPSDRALVFVDNHDNQRGHGAGGSSILTFWDARL
YKIAVGFMLAHPYGFTRVMSSYRWARNFVNGEDVNDWIGPPNNNGVIKEVTINADTTCGNDWVCEHRWREIRNMVWFRNV
VDGQPFANWWDNGSNQVAFGRGNRGFIVFNNDDWQLSSTLQTGLPGGTYCDVISGDKVGNSCTGIKVYVSSDGTAQFSIS
NSAEDPFIAIHAESKL
;
A,C,E
2 'polypeptide(L)'
;QVQLVASGGGSVQAGGSLRLSCAASGYTFSSYPMGWYRQAPGKECELSARIFSDGSANYADSVKGRFTISRDNAANTAYL
QMDSLKPEDTAVYYCAAGPGSGKLVVAGRTCYGPNYWGQGTQVTVSS
;
B,D,F
#
loop_
_chem_comp.id
_chem_comp.type
_chem_comp.name
_chem_comp.formula
CA non-polymer 'CALCIUM ION' 'Ca 2'
CL non-polymer 'CHLORIDE ION' 'Cl -1'
#
# COMPACT_ATOMS: atom_id res chain seq x y z
N GLN A 1 22.39 -14.58 51.42
CA GLN A 1 21.02 -15.04 51.04
C GLN A 1 20.16 -13.88 50.49
N TYR A 2 20.66 -12.66 50.55
CA TYR A 2 19.92 -11.49 50.06
C TYR A 2 20.08 -11.21 48.58
N ALA A 3 21.22 -11.62 48.00
CA ALA A 3 21.46 -11.38 46.59
C ALA A 3 20.62 -12.35 45.76
N PRO A 4 19.99 -11.85 44.70
CA PRO A 4 19.16 -12.72 43.85
C PRO A 4 19.93 -13.79 43.09
N GLN A 5 21.20 -13.52 42.80
CA GLN A 5 22.02 -14.47 42.07
C GLN A 5 21.63 -14.56 40.60
N THR A 6 20.94 -13.54 40.12
CA THR A 6 20.53 -13.50 38.72
C THR A 6 21.77 -13.15 37.91
N GLN A 7 21.74 -13.46 36.62
CA GLN A 7 22.87 -13.11 35.78
C GLN A 7 23.00 -11.58 35.84
N SER A 8 24.21 -11.08 36.02
CA SER A 8 24.48 -9.64 36.12
C SER A 8 23.63 -8.83 35.16
N GLY A 9 23.05 -7.74 35.66
CA GLY A 9 22.24 -6.89 34.82
C GLY A 9 20.76 -7.25 34.77
N ARG A 10 20.43 -8.49 35.13
CA ARG A 10 19.03 -8.92 35.12
C ARG A 10 18.45 -8.58 36.48
N THR A 11 17.31 -7.88 36.49
CA THR A 11 16.72 -7.39 37.72
C THR A 11 15.32 -7.83 38.14
N SER A 12 14.73 -8.80 37.46
CA SER A 12 13.38 -9.24 37.82
C SER A 12 13.22 -10.74 37.65
N ILE A 13 12.18 -11.28 38.24
CA ILE A 13 11.84 -12.68 38.10
C ILE A 13 10.35 -12.70 37.83
N VAL A 14 9.88 -13.73 37.12
CA VAL A 14 8.46 -13.86 36.82
C VAL A 14 7.90 -15.15 37.38
N HIS A 15 6.66 -15.08 37.87
CA HIS A 15 5.98 -16.23 38.43
C HIS A 15 5.16 -16.91 37.34
N LEU A 16 5.69 -17.99 36.78
CA LEU A 16 4.99 -18.74 35.76
C LEU A 16 4.08 -19.72 36.48
N PHE A 17 3.11 -19.13 37.18
CA PHE A 17 2.11 -19.86 37.95
C PHE A 17 1.58 -21.11 37.24
N GLU A 18 1.93 -22.29 37.77
CA GLU A 18 1.43 -23.56 37.25
C GLU A 18 1.89 -24.01 35.86
N TRP A 19 2.91 -23.36 35.31
CA TRP A 19 3.41 -23.77 34.01
C TRP A 19 4.04 -25.16 34.13
N ARG A 20 4.09 -25.90 33.02
CA ARG A 20 4.70 -27.23 33.02
C ARG A 20 6.20 -27.02 32.80
N TRP A 21 7.01 -27.97 33.24
CA TRP A 21 8.44 -27.87 33.09
C TRP A 21 8.88 -27.79 31.63
N VAL A 22 8.20 -28.51 30.74
CA VAL A 22 8.55 -28.49 29.33
C VAL A 22 8.28 -27.14 28.66
N ASP A 23 7.25 -26.44 29.13
CA ASP A 23 6.91 -25.13 28.57
C ASP A 23 7.87 -24.04 29.07
N ILE A 24 8.25 -24.15 30.33
CA ILE A 24 9.17 -23.19 30.93
C ILE A 24 10.54 -23.29 30.25
N ALA A 25 11.00 -24.52 30.04
CA ALA A 25 12.28 -24.72 29.39
C ALA A 25 12.29 -23.93 28.09
N LEU A 26 11.26 -24.16 27.26
CA LEU A 26 11.15 -23.47 25.98
C LEU A 26 11.03 -21.96 26.20
N GLU A 27 10.14 -21.56 27.10
CA GLU A 27 9.94 -20.15 27.37
C GLU A 27 11.28 -19.47 27.70
N CYS A 28 12.14 -20.19 28.44
CA CYS A 28 13.44 -19.64 28.81
C CYS A 28 14.27 -19.28 27.58
N GLU A 29 14.42 -20.24 26.67
CA GLU A 29 15.20 -20.05 25.46
C GLU A 29 14.56 -19.09 24.44
N ARG A 30 13.28 -19.25 24.18
CA ARG A 30 12.61 -18.40 23.19
C ARG A 30 12.30 -16.99 23.63
N TYR A 31 12.18 -16.76 24.93
CA TYR A 31 11.82 -15.43 25.39
C TYR A 31 12.51 -14.88 26.63
N LEU A 32 12.34 -15.52 27.78
CA LEU A 32 12.96 -15.00 29.00
C LEU A 32 14.43 -14.62 28.83
N GLY A 33 15.19 -15.48 28.15
CA GLY A 33 16.59 -15.18 27.92
C GLY A 33 16.76 -13.88 27.15
N PRO A 34 16.30 -13.84 25.89
CA PRO A 34 16.37 -12.67 25.00
C PRO A 34 15.80 -11.36 25.57
N LYS A 35 14.77 -11.46 26.41
CA LYS A 35 14.13 -10.28 26.98
C LYS A 35 14.69 -9.81 28.32
N GLY A 36 15.81 -10.38 28.74
CA GLY A 36 16.42 -9.95 29.99
C GLY A 36 15.76 -10.27 31.32
N PHE A 37 14.95 -11.32 31.39
CA PHE A 37 14.32 -11.68 32.67
C PHE A 37 15.40 -12.41 33.48
N GLY A 38 15.51 -12.06 34.76
CA GLY A 38 16.52 -12.65 35.62
C GLY A 38 16.31 -14.10 36.03
N GLY A 39 15.06 -14.51 36.15
CA GLY A 39 14.79 -15.89 36.54
C GLY A 39 13.30 -16.15 36.70
N VAL A 40 12.96 -17.41 36.96
CA VAL A 40 11.57 -17.79 37.13
C VAL A 40 11.29 -18.42 38.47
N GLN A 41 10.13 -18.08 39.04
CA GLN A 41 9.70 -18.68 40.30
C GLN A 41 8.74 -19.77 39.81
N VAL A 42 9.01 -21.02 40.14
CA VAL A 42 8.14 -22.10 39.70
C VAL A 42 7.24 -22.56 40.86
N SER A 43 6.15 -23.22 40.50
CA SER A 43 5.23 -23.71 41.52
C SER A 43 5.90 -24.93 42.18
N PRO A 44 5.45 -25.30 43.39
CA PRO A 44 6.01 -26.44 44.12
C PRO A 44 6.28 -27.66 43.23
N PRO A 45 7.55 -28.07 43.09
CA PRO A 45 7.94 -29.22 42.27
C PRO A 45 7.91 -30.56 42.99
N ASN A 46 7.42 -30.56 44.22
CA ASN A 46 7.35 -31.80 44.97
C ASN A 46 5.93 -32.36 44.92
N GLU A 47 5.83 -33.68 45.01
CA GLU A 47 4.56 -34.39 44.97
C GLU A 47 3.57 -33.86 46.01
N ASN A 48 2.31 -33.77 45.61
CA ASN A 48 1.26 -33.30 46.50
C ASN A 48 0.06 -34.23 46.41
N ILE A 49 -0.87 -34.06 47.35
CA ILE A 49 -2.08 -34.86 47.40
C ILE A 49 -3.01 -34.39 46.29
N VAL A 50 -3.75 -35.33 45.69
CA VAL A 50 -4.66 -34.97 44.60
C VAL A 50 -6.06 -34.66 45.14
N VAL A 51 -6.59 -33.49 44.79
CA VAL A 51 -7.93 -33.09 45.23
C VAL A 51 -8.89 -33.15 44.05
N THR A 52 -10.01 -33.86 44.24
CA THR A 52 -10.99 -34.02 43.18
C THR A 52 -12.25 -33.24 43.48
N ASN A 53 -12.29 -32.65 44.67
CA ASN A 53 -13.45 -31.86 45.07
C ASN A 53 -13.03 -30.66 45.89
N PRO A 54 -12.93 -29.47 45.24
CA PRO A 54 -13.18 -29.24 43.82
C PRO A 54 -12.18 -29.97 42.93
N SER A 55 -12.53 -30.10 41.65
CA SER A 55 -11.68 -30.79 40.69
C SER A 55 -10.33 -30.14 40.37
N ARG A 56 -9.27 -30.67 40.98
CA ARG A 56 -7.89 -30.22 40.79
C ARG A 56 -7.64 -28.71 40.95
N PRO A 57 -7.90 -28.17 42.15
CA PRO A 57 -7.67 -26.74 42.36
C PRO A 57 -6.17 -26.40 42.30
N TRP A 58 -5.84 -25.13 42.10
CA TRP A 58 -4.44 -24.75 42.06
C TRP A 58 -3.79 -25.00 43.43
N TRP A 59 -4.53 -24.71 44.50
CA TRP A 59 -3.97 -24.88 45.83
C TRP A 59 -3.64 -26.29 46.32
N GLU A 60 -4.02 -27.31 45.56
CA GLU A 60 -3.70 -28.67 46.02
C GLU A 60 -2.19 -28.85 46.08
N ARG A 61 -1.47 -28.03 45.30
CA ARG A 61 -0.01 -28.10 45.24
C ARG A 61 0.66 -27.49 46.45
N TYR A 62 -0.13 -27.13 47.46
CA TYR A 62 0.45 -26.56 48.67
C TYR A 62 0.17 -27.56 49.78
N GLN A 63 -0.06 -28.80 49.37
CA GLN A 63 -0.32 -29.90 50.29
C GLN A 63 0.61 -31.05 49.90
N PRO A 64 1.89 -30.95 50.30
CA PRO A 64 2.91 -31.96 50.02
C PRO A 64 2.58 -33.33 50.62
N VAL A 65 3.00 -34.38 49.92
CA VAL A 65 2.78 -35.73 50.42
C VAL A 65 4.12 -36.44 50.44
N SER A 66 5.11 -35.82 49.79
CA SER A 66 6.48 -36.36 49.76
C SER A 66 7.34 -35.33 49.05
N TYR A 67 8.64 -35.60 48.93
CA TYR A 67 9.50 -34.65 48.25
C TYR A 67 9.99 -35.17 46.90
N LYS A 68 9.29 -36.17 46.38
CA LYS A 68 9.63 -36.70 45.06
C LYS A 68 9.34 -35.55 44.10
N LEU A 69 10.25 -35.32 43.16
CA LEU A 69 10.11 -34.24 42.19
C LEU A 69 9.18 -34.71 41.09
N CYS A 70 7.91 -34.90 41.44
CA CYS A 70 6.94 -35.44 40.50
C CYS A 70 5.56 -34.80 40.71
N THR A 71 5.12 -34.03 39.72
CA THR A 71 3.85 -33.29 39.79
C THR A 71 3.16 -33.10 38.42
N ARG A 72 2.07 -32.34 38.41
CA ARG A 72 1.36 -32.07 37.15
C ARG A 72 2.19 -31.18 36.25
N SER A 73 3.26 -30.63 36.79
CA SER A 73 4.15 -29.79 36.01
C SER A 73 5.14 -30.66 35.26
N GLY A 74 5.46 -31.83 35.84
CA GLY A 74 6.37 -32.76 35.20
C GLY A 74 7.16 -33.68 36.13
N ASN A 75 7.94 -34.59 35.52
CA ASN A 75 8.76 -35.54 36.26
C ASN A 75 10.06 -34.86 36.67
N GLU A 76 10.95 -35.63 37.28
CA GLU A 76 12.24 -35.11 37.70
C GLU A 76 13.22 -34.79 36.56
N ASN A 77 13.31 -35.65 35.55
CA ASN A 77 14.24 -35.38 34.46
C ASN A 77 13.72 -34.20 33.62
N GLU A 78 12.40 -34.01 33.62
CA GLU A 78 11.80 -32.89 32.88
C GLU A 78 12.16 -31.65 33.68
N PHE A 79 12.08 -31.78 35.00
CA PHE A 79 12.43 -30.67 35.86
C PHE A 79 13.92 -30.37 35.68
N ARG A 80 14.75 -31.41 35.65
CA ARG A 80 16.19 -31.23 35.49
C ARG A 80 16.53 -30.57 34.17
N ASP A 81 15.89 -31.06 33.12
CA ASP A 81 16.11 -30.53 31.78
C ASP A 81 15.82 -29.04 31.78
N MET A 82 14.76 -28.63 32.47
CA MET A 82 14.34 -27.23 32.56
C MET A 82 15.36 -26.35 33.24
N VAL A 83 15.91 -26.81 34.36
CA VAL A 83 16.90 -26.04 35.10
C VAL A 83 18.19 -25.89 34.30
N THR A 84 18.55 -26.93 33.55
CA THR A 84 19.77 -26.88 32.73
C THR A 84 19.59 -25.89 31.58
N ARG A 85 18.47 -26.03 30.88
CA ARG A 85 18.17 -25.19 29.74
C ARG A 85 17.91 -23.71 30.04
N CYS A 86 17.45 -23.40 31.24
CA CYS A 86 17.21 -22.00 31.61
C CYS A 86 18.51 -21.36 32.05
N ASN A 87 19.28 -22.09 32.87
CA ASN A 87 20.57 -21.60 33.35
C ASN A 87 21.52 -21.37 32.19
N ASN A 88 21.51 -22.29 31.22
CA ASN A 88 22.37 -22.17 30.05
C ASN A 88 22.10 -20.91 29.26
N VAL A 89 20.89 -20.34 29.40
CA VAL A 89 20.58 -19.11 28.70
C VAL A 89 20.47 -17.92 29.62
N GLY A 90 21.07 -18.03 30.81
CA GLY A 90 21.05 -16.94 31.77
C GLY A 90 19.78 -16.66 32.55
N VAL A 91 18.90 -17.63 32.67
CA VAL A 91 17.67 -17.43 33.43
C VAL A 91 17.66 -18.39 34.61
N ARG A 92 17.67 -17.85 35.83
CA ARG A 92 17.67 -18.69 37.03
C ARG A 92 16.30 -19.28 37.34
N ILE A 93 16.28 -20.32 38.16
CA ILE A 93 15.05 -20.99 38.56
C ILE A 93 14.92 -20.89 40.09
N TYR A 94 13.75 -20.48 40.56
CA TYR A 94 13.51 -20.38 41.98
C TYR A 94 12.33 -21.25 42.30
N VAL A 95 12.54 -22.15 43.27
CA VAL A 95 11.52 -23.09 43.67
C VAL A 95 10.64 -22.55 44.80
N ASP A 96 9.35 -22.85 44.73
CA ASP A 96 8.42 -22.46 45.77
C ASP A 96 8.56 -23.60 46.79
N ALA A 97 9.16 -23.32 47.93
CA ALA A 97 9.39 -24.34 48.95
C ALA A 97 8.31 -24.41 50.02
N VAL A 98 7.53 -25.47 49.96
CA VAL A 98 6.45 -25.70 50.91
C VAL A 98 7.00 -26.63 51.99
N ILE A 99 7.51 -26.05 53.09
CA ILE A 99 8.10 -26.87 54.14
C ILE A 99 7.48 -26.73 55.54
N ASN A 100 6.48 -25.87 55.69
CA ASN A 100 5.88 -25.72 57.02
C ASN A 100 4.89 -26.84 57.28
N HIS A 101 4.40 -27.46 56.22
CA HIS A 101 3.39 -28.49 56.38
C HIS A 101 3.38 -29.54 55.30
N MET A 102 2.61 -30.60 55.56
CA MET A 102 2.36 -31.67 54.62
C MET A 102 0.91 -31.41 54.26
N CYS A 103 0.20 -32.41 53.75
CA CYS A 103 -1.19 -32.20 53.37
C CYS A 103 -2.15 -31.99 54.53
N GLY A 104 -3.42 -31.78 54.19
CA GLY A 104 -4.44 -31.57 55.21
C GLY A 104 -4.61 -32.80 56.08
N SER A 105 -4.75 -32.57 57.38
CA SER A 105 -4.92 -33.67 58.34
C SER A 105 -6.16 -34.50 58.08
N GLY A 106 -7.15 -33.91 57.42
CA GLY A 106 -8.38 -34.66 57.15
C GLY A 106 -8.48 -35.30 55.79
N ALA A 107 -7.35 -35.47 55.11
CA ALA A 107 -7.37 -36.08 53.79
C ALA A 107 -7.57 -37.58 53.93
N ALA A 108 -8.05 -38.22 52.86
CA ALA A 108 -8.31 -39.64 52.86
C ALA A 108 -6.99 -40.41 52.75
N ALA A 109 -6.96 -41.63 53.26
CA ALA A 109 -5.75 -42.44 53.19
C ALA A 109 -5.66 -43.05 51.79
N GLY A 110 -4.45 -43.35 51.34
CA GLY A 110 -4.30 -43.94 50.02
C GLY A 110 -3.18 -43.36 49.19
N THR A 111 -3.27 -43.57 47.88
CA THR A 111 -2.26 -43.09 46.94
C THR A 111 -2.79 -42.03 45.99
N GLY A 112 -3.87 -41.35 46.38
CA GLY A 112 -4.41 -40.31 45.53
C GLY A 112 -3.45 -39.14 45.60
N THR A 113 -2.28 -39.34 44.99
CA THR A 113 -1.21 -38.35 45.00
C THR A 113 -0.64 -38.18 43.60
N THR A 114 0.00 -37.04 43.34
CA THR A 114 0.55 -36.78 42.01
C THR A 114 1.55 -37.82 41.53
N CYS A 115 2.21 -38.52 42.45
CA CYS A 115 3.16 -39.55 42.06
C CYS A 115 2.86 -40.94 42.60
N GLY A 116 1.62 -41.15 43.02
CA GLY A 116 1.24 -42.46 43.52
C GLY A 116 1.85 -42.85 44.86
N SER A 117 2.42 -41.88 45.58
CA SER A 117 2.95 -42.21 46.89
C SER A 117 1.78 -42.42 47.83
N TYR A 118 1.97 -43.28 48.81
CA TYR A 118 0.90 -43.53 49.78
C TYR A 118 1.09 -42.56 50.93
N CYS A 119 0.01 -42.34 51.68
CA CYS A 119 0.06 -41.49 52.86
C CYS A 119 -1.24 -41.66 53.65
N ASN A 120 -1.16 -41.46 54.96
CA ASN A 120 -2.34 -41.58 55.82
C ASN A 120 -2.31 -40.35 56.71
N PRO A 121 -2.92 -39.25 56.25
CA PRO A 121 -2.98 -37.99 56.99
C PRO A 121 -3.49 -38.22 58.40
N GLY A 122 -4.62 -38.90 58.51
CA GLY A 122 -5.17 -39.18 59.82
C GLY A 122 -4.13 -39.69 60.80
N SER A 123 -3.19 -40.49 60.31
CA SER A 123 -2.15 -41.04 61.17
C SER A 123 -0.78 -40.40 60.98
N ARG A 124 -0.73 -39.27 60.28
CA ARG A 124 0.55 -38.59 60.05
C ARG A 124 1.55 -39.54 59.38
N GLU A 125 1.07 -40.36 58.45
CA GLU A 125 1.92 -41.31 57.74
C GLU A 125 2.31 -40.88 56.34
N PHE A 126 3.61 -40.70 56.13
CA PHE A 126 4.14 -40.30 54.83
C PHE A 126 5.39 -41.13 54.62
N PRO A 127 5.22 -42.43 54.39
CA PRO A 127 6.34 -43.34 54.17
C PRO A 127 7.36 -42.93 53.11
N ALA A 128 6.92 -42.18 52.10
CA ALA A 128 7.83 -41.76 51.02
C ALA A 128 8.84 -40.67 51.37
N VAL A 129 8.75 -40.11 52.58
CA VAL A 129 9.68 -39.08 52.98
C VAL A 129 10.92 -39.65 53.70
N PRO A 130 10.73 -40.38 54.80
CA PRO A 130 9.48 -40.75 55.48
C PRO A 130 9.24 -39.93 56.75
N TYR A 131 7.97 -39.66 57.06
CA TYR A 131 7.59 -38.91 58.26
C TYR A 131 6.62 -39.73 59.11
N SER A 132 6.73 -39.60 60.44
CA SER A 132 5.84 -40.30 61.36
C SER A 132 5.11 -39.24 62.16
N ALA A 133 4.21 -39.68 63.03
CA ALA A 133 3.43 -38.77 63.85
C ALA A 133 4.32 -37.90 64.72
N TRP A 134 5.48 -38.41 65.11
CA TRP A 134 6.38 -37.63 65.95
C TRP A 134 7.15 -36.56 65.17
N ASP A 135 6.78 -36.38 63.90
CA ASP A 135 7.45 -35.39 63.07
C ASP A 135 6.55 -34.19 62.88
N PHE A 136 5.44 -34.19 63.62
CA PHE A 136 4.46 -33.11 63.57
C PHE A 136 4.28 -32.50 64.96
N ASN A 137 3.81 -31.25 65.00
CA ASN A 137 3.62 -30.51 66.23
C ASN A 137 2.46 -30.88 67.14
N ASP A 138 1.44 -31.53 66.59
CA ASP A 138 0.25 -31.94 67.35
C ASP A 138 0.22 -31.64 68.87
N GLY A 139 1.22 -32.09 69.62
CA GLY A 139 1.22 -31.83 71.06
C GLY A 139 1.58 -30.40 71.44
N LYS A 140 2.50 -29.83 70.68
CA LYS A 140 3.00 -28.48 70.90
C LYS A 140 1.95 -27.37 70.81
N CYS A 141 0.90 -27.59 70.03
CA CYS A 141 -0.16 -26.59 69.89
C CYS A 141 -1.03 -26.59 71.15
N LYS A 142 -1.42 -25.40 71.60
CA LYS A 142 -2.23 -25.26 72.81
C LYS A 142 -3.64 -24.69 72.64
N THR A 143 -4.07 -24.45 71.41
CA THR A 143 -5.41 -23.95 71.20
C THR A 143 -6.31 -25.16 71.38
N ALA A 144 -7.58 -24.93 71.71
CA ALA A 144 -8.50 -26.03 71.91
C ALA A 144 -8.74 -26.84 70.65
N SER A 145 -8.93 -26.16 69.51
CA SER A 145 -9.20 -26.83 68.24
C SER A 145 -7.98 -27.38 67.54
N GLY A 146 -6.80 -27.07 68.05
CA GLY A 146 -5.58 -27.53 67.40
C GLY A 146 -5.26 -26.69 66.19
N GLY A 147 -6.15 -25.75 65.88
CA GLY A 147 -5.96 -24.89 64.73
C GLY A 147 -5.63 -23.46 65.15
N ILE A 148 -5.30 -22.62 64.18
CA ILE A 148 -5.00 -21.22 64.50
C ILE A 148 -6.32 -20.50 64.77
N GLU A 149 -6.42 -19.87 65.94
CA GLU A 149 -7.64 -19.18 66.30
C GLU A 149 -7.42 -17.68 66.50
N SER A 150 -6.17 -17.28 66.65
CA SER A 150 -5.83 -15.88 66.87
C SER A 150 -4.45 -15.54 66.36
N TYR A 151 -4.36 -14.56 65.48
CA TYR A 151 -3.08 -14.15 64.93
C TYR A 151 -2.39 -13.13 65.83
N ASN A 152 -2.89 -12.95 67.05
CA ASN A 152 -2.27 -12.03 67.99
C ASN A 152 -1.31 -12.78 68.90
N ASP A 153 -1.29 -14.10 68.73
CA ASP A 153 -0.40 -14.97 69.50
C ASP A 153 0.56 -15.67 68.56
N PRO A 154 1.84 -15.29 68.58
CA PRO A 154 2.81 -15.92 67.70
C PRO A 154 2.86 -17.44 67.83
N TYR A 155 2.82 -17.93 69.06
CA TYR A 155 2.90 -19.36 69.30
C TYR A 155 1.90 -20.23 68.54
N GLN A 156 0.61 -19.90 68.55
CA GLN A 156 -0.33 -20.74 67.83
C GLN A 156 -0.26 -20.62 66.31
N VAL A 157 0.14 -19.46 65.81
CA VAL A 157 0.24 -19.30 64.36
C VAL A 157 1.46 -20.09 63.83
N ARG A 158 2.36 -20.48 64.72
CA ARG A 158 3.55 -21.21 64.30
C ARG A 158 3.57 -22.66 64.75
N ASP A 159 2.74 -22.98 65.73
CA ASP A 159 2.69 -24.34 66.28
C ASP A 159 1.38 -25.07 66.00
N CYS A 160 0.38 -24.35 65.52
CA CYS A 160 -0.91 -24.99 65.23
C CYS A 160 -1.16 -25.16 63.73
N GLN A 161 -2.22 -25.87 63.38
CA GLN A 161 -2.52 -26.16 61.98
C GLN A 161 -3.22 -25.09 61.15
N LEU A 162 -2.52 -24.61 60.11
CA LEU A 162 -3.08 -23.60 59.19
C LEU A 162 -4.16 -24.32 58.41
N VAL A 163 -5.40 -23.83 58.51
CA VAL A 163 -6.54 -24.42 57.81
C VAL A 163 -6.53 -25.95 57.72
N GLY A 164 -6.19 -26.59 58.83
CA GLY A 164 -6.16 -28.04 58.87
C GLY A 164 -4.89 -28.74 58.36
N LEU A 165 -3.96 -27.97 57.80
CA LEU A 165 -2.70 -28.55 57.30
C LEU A 165 -1.85 -29.11 58.45
N LEU A 166 -1.43 -30.36 58.29
CA LEU A 166 -0.58 -31.03 59.29
C LEU A 166 0.70 -30.21 59.43
N ASP A 167 0.85 -29.51 60.56
CA ASP A 167 2.01 -28.67 60.82
C ASP A 167 3.24 -29.53 61.15
N LEU A 168 4.33 -29.30 60.41
CA LEU A 168 5.57 -30.03 60.58
C LEU A 168 6.34 -29.55 61.81
N ALA A 169 6.92 -30.48 62.58
CA ALA A 169 7.69 -30.13 63.77
C ALA A 169 9.11 -29.67 63.40
N LEU A 170 9.19 -28.47 62.83
CA LEU A 170 10.45 -27.90 62.38
C LEU A 170 11.51 -27.61 63.43
N GLU A 171 11.27 -27.94 64.69
CA GLU A 171 12.29 -27.71 65.69
C GLU A 171 13.22 -28.92 65.72
N LYS A 172 12.71 -30.07 65.31
CA LYS A 172 13.44 -31.33 65.30
C LYS A 172 14.51 -31.40 64.21
N ASP A 173 15.70 -31.85 64.57
CA ASP A 173 16.78 -31.95 63.61
C ASP A 173 16.41 -32.90 62.48
N TYR A 174 15.72 -33.99 62.83
CA TYR A 174 15.32 -34.96 61.82
C TYR A 174 14.50 -34.27 60.73
N VAL A 175 13.60 -33.40 61.13
CA VAL A 175 12.74 -32.68 60.21
C VAL A 175 13.49 -31.64 59.40
N ARG A 176 14.32 -30.86 60.07
CA ARG A 176 15.08 -29.84 59.39
C ARG A 176 16.01 -30.49 58.38
N SER A 177 16.65 -31.59 58.79
CA SER A 177 17.57 -32.32 57.91
C SER A 177 16.87 -32.92 56.68
N MET A 178 15.62 -33.33 56.86
CA MET A 178 14.86 -33.93 55.77
C MET A 178 14.47 -32.85 54.77
N ILE A 179 14.14 -31.67 55.29
CA ILE A 179 13.77 -30.57 54.42
C ILE A 179 15.01 -30.08 53.69
N ALA A 180 16.12 -29.94 54.40
CA ALA A 180 17.37 -29.50 53.78
C ALA A 180 17.74 -30.47 52.65
N ASP A 181 17.54 -31.77 52.89
CA ASP A 181 17.84 -32.78 51.87
C ASP A 181 17.08 -32.50 50.58
N TYR A 182 15.82 -32.13 50.72
CA TYR A 182 14.96 -31.80 49.57
C TYR A 182 15.47 -30.55 48.87
N LEU A 183 15.72 -29.49 49.63
CA LEU A 183 16.19 -28.24 49.06
C LEU A 183 17.59 -28.36 48.49
N ASN A 184 18.42 -29.22 49.11
CA ASN A 184 19.78 -29.39 48.62
C ASN A 184 19.82 -30.10 47.28
N LYS A 185 18.94 -31.09 47.13
CA LYS A 185 18.84 -31.83 45.88
C LYS A 185 18.49 -30.82 44.78
N LEU A 186 17.58 -29.91 45.11
CA LEU A 186 17.17 -28.87 44.17
C LEU A 186 18.39 -28.02 43.83
N ILE A 187 19.10 -27.57 44.86
CA ILE A 187 20.30 -26.75 44.65
C ILE A 187 21.28 -27.45 43.73
N ASP A 188 21.56 -28.70 44.03
CA ASP A 188 22.50 -29.49 43.24
C ASP A 188 22.03 -29.62 41.79
N ILE A 189 20.71 -29.63 41.59
CA ILE A 189 20.15 -29.72 40.25
C ILE A 189 20.41 -28.42 39.47
N GLY A 190 20.53 -27.31 40.19
CA GLY A 190 20.79 -26.04 39.53
C GLY A 190 20.00 -24.83 40.02
N VAL A 191 18.95 -25.09 40.79
CA VAL A 191 18.10 -24.03 41.33
C VAL A 191 18.92 -22.93 42.00
N ALA A 192 18.54 -21.69 41.79
CA ALA A 192 19.27 -20.56 42.35
C ALA A 192 18.77 -20.12 43.73
N GLY A 193 17.54 -20.43 44.06
CA GLY A 193 17.02 -20.00 45.34
C GLY A 193 15.61 -20.44 45.57
N PHE A 194 15.04 -20.03 46.69
CA PHE A 194 13.70 -20.43 47.04
C PHE A 194 12.79 -19.36 47.60
N ARG A 195 11.49 -19.61 47.46
CA ARG A 195 10.49 -18.75 48.03
C ARG A 195 10.09 -19.59 49.23
N ILE A 196 10.16 -19.06 50.44
CA ILE A 196 9.79 -19.88 51.59
C ILE A 196 8.31 -19.70 51.84
N ASP A 197 7.52 -20.68 51.40
CA ASP A 197 6.09 -20.60 51.57
C ASP A 197 5.63 -20.59 53.01
N ALA A 198 4.69 -19.70 53.31
CA ALA A 198 4.11 -19.61 54.65
C ALA A 198 5.14 -19.45 55.77
N SER A 199 6.10 -18.56 55.58
CA SER A 199 7.16 -18.33 56.57
C SER A 199 6.59 -17.85 57.90
N LYS A 200 5.51 -17.09 57.80
CA LYS A 200 4.80 -16.55 58.95
C LYS A 200 4.53 -17.66 59.95
N HIS A 201 4.17 -18.83 59.43
CA HIS A 201 3.84 -19.96 60.27
C HIS A 201 5.00 -20.80 60.81
N MET A 202 6.21 -20.30 60.66
CA MET A 202 7.38 -21.00 61.18
C MET A 202 8.22 -20.04 62.02
N TRP A 203 8.98 -20.57 62.95
CA TRP A 203 9.83 -19.72 63.78
C TRP A 203 11.05 -19.33 62.95
N PRO A 204 11.45 -18.05 63.02
CA PRO A 204 12.62 -17.59 62.27
C PRO A 204 13.83 -18.48 62.53
N GLY A 205 13.94 -18.94 63.77
CA GLY A 205 15.05 -19.79 64.17
C GLY A 205 15.10 -21.14 63.48
N ASP A 206 13.94 -21.75 63.28
CA ASP A 206 13.88 -23.03 62.60
C ASP A 206 14.25 -22.83 61.13
N ILE A 207 13.87 -21.68 60.56
CA ILE A 207 14.18 -21.38 59.17
C ILE A 207 15.68 -21.33 59.05
N LYS A 208 16.30 -20.54 59.91
CA LYS A 208 17.75 -20.35 59.94
C LYS A 208 18.40 -21.72 60.00
N ALA A 209 17.94 -22.54 60.93
CA ALA A 209 18.45 -23.89 61.12
C ALA A 209 18.48 -24.66 59.81
N VAL A 210 17.38 -24.64 59.07
CA VAL A 210 17.30 -25.34 57.81
C VAL A 210 18.22 -24.71 56.76
N LEU A 211 18.16 -23.40 56.65
CA LEU A 211 18.96 -22.65 55.67
C LEU A 211 20.46 -22.89 55.80
N ASP A 212 20.95 -22.88 57.05
CA ASP A 212 22.36 -23.09 57.31
C ASP A 212 22.83 -24.48 56.89
N LYS A 213 21.88 -25.38 56.63
CA LYS A 213 22.25 -26.72 56.20
C LYS A 213 22.35 -26.78 54.67
N LEU A 214 21.98 -25.71 53.99
CA LEU A 214 22.00 -25.70 52.54
C LEU A 214 23.40 -25.57 51.91
N HIS A 215 23.60 -26.31 50.83
CA HIS A 215 24.84 -26.35 50.06
C HIS A 215 25.04 -25.07 49.27
N ASN A 216 26.25 -24.87 48.78
CA ASN A 216 26.55 -23.70 47.96
C ASN A 216 25.97 -24.01 46.58
N LEU A 217 25.75 -22.98 45.78
CA LEU A 217 25.19 -23.17 44.45
C LEU A 217 26.08 -23.98 43.52
N ASN A 218 25.45 -24.60 42.52
CA ASN A 218 26.11 -25.43 41.53
C ASN A 218 27.14 -24.65 40.74
N THR A 219 28.42 -24.93 40.96
CA THR A 219 29.50 -24.21 40.28
C THR A 219 29.50 -24.31 38.76
N ASN A 220 28.56 -25.04 38.19
CA ASN A 220 28.49 -25.13 36.73
C ASN A 220 27.99 -23.80 36.16
N TRP A 221 27.23 -23.07 36.97
CA TRP A 221 26.69 -21.79 36.55
C TRP A 221 27.00 -20.66 37.49
N PHE A 222 27.36 -20.99 38.73
CA PHE A 222 27.66 -19.96 39.71
C PHE A 222 29.08 -20.06 40.25
N PRO A 223 29.64 -18.93 40.70
CA PRO A 223 31.00 -18.97 41.24
C PRO A 223 31.00 -19.58 42.65
N ALA A 224 32.01 -20.41 42.90
CA ALA A 224 32.19 -21.08 44.18
C ALA A 224 31.08 -20.93 45.22
N GLY A 225 31.48 -20.44 46.39
CA GLY A 225 30.56 -20.29 47.51
C GLY A 225 29.39 -19.35 47.36
N SER A 226 28.59 -19.55 46.32
CA SER A 226 27.42 -18.69 46.13
C SER A 226 26.32 -19.24 47.01
N ARG A 227 25.68 -18.32 47.70
CA ARG A 227 24.59 -18.64 48.60
C ARG A 227 23.27 -18.60 47.84
N PRO A 228 22.34 -19.49 48.18
CA PRO A 228 21.07 -19.44 47.44
C PRO A 228 20.29 -18.17 47.81
N PHE A 229 19.42 -17.75 46.90
CA PHE A 229 18.59 -16.58 47.13
C PHE A 229 17.42 -16.99 48.01
N ILE A 230 17.19 -16.25 49.08
CA ILE A 230 16.09 -16.59 49.97
C ILE A 230 15.08 -15.45 50.12
N PHE A 231 13.83 -15.72 49.73
CA PHE A 231 12.79 -14.74 49.92
C PHE A 231 11.60 -15.47 50.54
N GLN A 232 11.41 -15.16 51.82
CA GLN A 232 10.38 -15.75 52.65
C GLN A 232 9.03 -15.09 52.48
N GLU A 233 8.00 -15.92 52.32
CA GLU A 233 6.64 -15.42 52.17
C GLU A 233 6.04 -15.11 53.53
N VAL A 234 5.96 -13.83 53.87
CA VAL A 234 5.39 -13.37 55.12
C VAL A 234 4.38 -12.30 54.79
N ILE A 235 3.12 -12.55 55.15
CA ILE A 235 2.08 -11.58 54.87
C ILE A 235 1.91 -10.67 56.08
N ASP A 236 2.64 -9.56 56.06
CA ASP A 236 2.58 -8.61 57.15
C ASP A 236 2.10 -7.24 56.67
N LEU A 237 0.81 -6.96 56.90
CA LEU A 237 0.22 -5.68 56.53
C LEU A 237 0.08 -4.86 57.79
N GLY A 238 0.70 -5.34 58.86
CA GLY A 238 0.63 -4.66 60.13
C GLY A 238 -0.59 -5.13 60.90
N GLY A 239 -0.69 -4.73 62.16
CA GLY A 239 -1.84 -5.12 62.95
C GLY A 239 -1.80 -6.52 63.52
N GLU A 240 -0.65 -7.19 63.41
CA GLU A 240 -0.53 -8.55 63.94
C GLU A 240 0.65 -8.71 64.88
N ALA A 241 0.70 -9.86 65.54
CA ALA A 241 1.79 -10.16 66.45
C ALA A 241 3.09 -10.29 65.66
N ILE A 242 3.07 -11.10 64.61
CA ILE A 242 4.26 -11.31 63.79
C ILE A 242 4.55 -10.16 62.82
N LYS A 243 5.83 -9.82 62.69
CA LYS A 243 6.27 -8.74 61.79
C LYS A 243 7.39 -9.28 60.90
N SER A 244 7.46 -8.77 59.67
CA SER A 244 8.46 -9.24 58.70
C SER A 244 9.91 -9.03 59.16
N SER A 245 10.14 -7.98 59.94
CA SER A 245 11.48 -7.68 60.45
C SER A 245 12.09 -8.82 61.27
N GLU A 246 11.28 -9.79 61.65
CA GLU A 246 11.79 -10.92 62.44
C GLU A 246 12.53 -11.95 61.57
N TYR A 247 12.29 -11.91 60.27
CA TYR A 247 12.90 -12.85 59.33
C TYR A 247 14.01 -12.26 58.48
N PHE A 248 14.30 -10.97 58.65
CA PHE A 248 15.36 -10.31 57.88
C PHE A 248 16.68 -11.03 58.01
N GLY A 249 16.88 -11.75 59.11
CA GLY A 249 18.11 -12.45 59.33
C GLY A 249 18.28 -13.69 58.47
N ASN A 250 17.20 -14.16 57.86
CA ASN A 250 17.25 -15.35 57.01
C ASN A 250 17.35 -15.04 55.53
N GLY A 251 16.90 -13.86 55.14
CA GLY A 251 16.93 -13.49 53.75
C GLY A 251 15.96 -12.35 53.57
N ARG A 252 15.47 -12.19 52.34
CA ARG A 252 14.53 -11.14 52.01
C ARG A 252 13.13 -11.59 52.34
N VAL A 253 12.18 -10.68 52.24
CA VAL A 253 10.79 -10.98 52.57
C VAL A 253 9.82 -10.30 51.60
N THR A 254 8.69 -10.95 51.32
CA THR A 254 7.67 -10.39 50.44
C THR A 254 7.00 -9.22 51.16
N GLU A 255 7.08 -8.03 50.57
CA GLU A 255 6.50 -6.84 51.16
C GLU A 255 5.10 -6.64 50.60
N PHE A 256 4.11 -7.23 51.25
CA PHE A 256 2.73 -7.12 50.80
C PHE A 256 2.15 -5.72 51.01
N LYS A 257 2.84 -4.88 51.78
CA LYS A 257 2.38 -3.51 52.00
C LYS A 257 2.46 -2.76 50.67
N TYR A 258 3.44 -3.15 49.86
CA TYR A 258 3.70 -2.55 48.56
C TYR A 258 2.50 -2.61 47.60
N GLY A 259 2.14 -3.81 47.20
CA GLY A 259 1.02 -3.99 46.29
C GLY A 259 -0.30 -3.42 46.81
N ALA A 260 -0.48 -3.41 48.13
CA ALA A 260 -1.72 -2.89 48.69
C ALA A 260 -1.76 -1.37 48.54
N LYS A 261 -0.69 -0.71 48.97
CA LYS A 261 -0.60 0.75 48.90
C LYS A 261 -0.61 1.30 47.47
N LEU A 262 0.08 0.61 46.56
CA LEU A 262 0.17 1.05 45.18
C LEU A 262 -1.15 0.87 44.45
N GLY A 263 -1.82 -0.24 44.72
CA GLY A 263 -3.10 -0.50 44.07
C GLY A 263 -4.07 0.62 44.40
N THR A 264 -4.10 1.01 45.67
CA THR A 264 -5.00 2.07 46.12
C THR A 264 -4.67 3.37 45.44
N VAL A 265 -3.37 3.70 45.39
CA VAL A 265 -2.91 4.94 44.78
C VAL A 265 -3.27 5.01 43.31
N VAL A 266 -2.89 4.00 42.54
CA VAL A 266 -3.18 4.00 41.11
C VAL A 266 -4.68 3.96 40.82
N ARG A 267 -5.44 3.31 41.70
CA ARG A 267 -6.89 3.25 41.51
C ARG A 267 -7.53 4.59 41.92
N LYS A 268 -6.75 5.44 42.59
CA LYS A 268 -7.26 6.74 43.05
C LYS A 268 -8.46 6.61 44.00
N TRP A 269 -8.40 5.63 44.90
CA TRP A 269 -9.46 5.41 45.87
C TRP A 269 -9.01 6.10 47.16
N SER A 270 -9.98 6.35 48.04
CA SER A 270 -9.73 6.98 49.34
C SER A 270 -8.94 8.28 49.27
N GLY A 271 -9.07 8.99 48.17
CA GLY A 271 -8.40 10.26 48.00
C GLY A 271 -6.91 10.21 47.69
N GLU A 272 -6.39 9.03 47.36
CA GLU A 272 -4.98 8.91 47.04
C GLU A 272 -4.66 9.57 45.71
N LYS A 273 -3.46 10.13 45.60
CA LYS A 273 -3.00 10.79 44.39
C LYS A 273 -1.62 10.27 44.08
N MET A 274 -1.34 10.06 42.80
CA MET A 274 -0.04 9.54 42.41
C MET A 274 1.08 10.50 42.78
N SER A 275 0.78 11.80 42.82
CA SER A 275 1.80 12.79 43.18
C SER A 275 2.33 12.55 44.60
N TYR A 276 1.60 11.78 45.40
CA TYR A 276 2.02 11.47 46.76
C TYR A 276 3.10 10.38 46.75
N LEU A 277 3.37 9.81 45.58
CA LEU A 277 4.37 8.74 45.45
C LEU A 277 5.80 9.27 45.33
N LYS A 278 6.00 10.55 45.61
CA LYS A 278 7.32 11.15 45.50
C LYS A 278 8.31 10.52 46.48
N ASN A 279 7.83 10.18 47.67
CA ASN A 279 8.68 9.57 48.69
C ASN A 279 8.40 8.07 48.82
N TRP A 280 7.99 7.46 47.71
CA TRP A 280 7.68 6.04 47.66
C TRP A 280 8.90 5.28 48.17
N GLY A 281 8.67 4.22 48.95
CA GLY A 281 9.78 3.44 49.48
C GLY A 281 9.68 3.32 50.98
N GLU A 282 10.82 3.19 51.65
CA GLU A 282 10.86 3.06 53.10
C GLU A 282 10.00 4.16 53.73
N GLY A 283 10.08 5.35 53.15
CA GLY A 283 9.31 6.48 53.65
C GLY A 283 7.84 6.16 53.90
N TRP A 284 7.29 5.24 53.11
CA TRP A 284 5.89 4.87 53.26
C TRP A 284 5.64 3.82 54.33
N GLY A 285 6.66 3.51 55.12
CA GLY A 285 6.50 2.52 56.17
C GLY A 285 6.96 1.13 55.73
N PHE A 286 7.44 1.02 54.50
CA PHE A 286 7.92 -0.25 53.98
C PHE A 286 9.21 -0.68 54.66
N MET A 287 9.50 -1.97 54.53
CA MET A 287 10.72 -2.56 55.09
C MET A 287 11.91 -2.03 54.30
N PRO A 288 13.14 -2.29 54.76
CA PRO A 288 14.34 -1.82 54.04
C PRO A 288 14.40 -2.40 52.64
N SER A 289 14.61 -1.52 51.67
CA SER A 289 14.67 -1.92 50.27
C SER A 289 15.52 -3.16 49.98
N ASP A 290 16.68 -3.26 50.64
CA ASP A 290 17.56 -4.41 50.38
C ASP A 290 17.12 -5.70 51.04
N ARG A 291 15.89 -5.72 51.53
CA ARG A 291 15.34 -6.91 52.18
C ARG A 291 14.03 -7.26 51.52
N ALA A 292 13.55 -6.33 50.69
CA ALA A 292 12.26 -6.49 50.03
C ALA A 292 12.24 -7.16 48.67
N LEU A 293 11.20 -7.97 48.49
CA LEU A 293 10.90 -8.67 47.26
C LEU A 293 9.54 -8.04 46.97
N VAL A 294 9.45 -7.25 45.91
CA VAL A 294 8.21 -6.55 45.60
C VAL A 294 7.45 -7.08 44.38
N PHE A 295 6.14 -6.81 44.37
CA PHE A 295 5.29 -7.25 43.29
C PHE A 295 3.98 -6.46 43.39
N VAL A 296 3.26 -6.39 42.28
CA VAL A 296 1.98 -5.69 42.29
C VAL A 296 0.91 -6.60 42.86
N ASP A 297 0.94 -7.85 42.41
CA ASP A 297 -0.01 -8.85 42.87
C ASP A 297 0.70 -10.20 42.92
N ASN A 298 0.06 -11.18 43.54
CA ASN A 298 0.65 -12.52 43.59
C ASN A 298 -0.45 -13.50 43.22
N HIS A 299 -0.12 -14.79 43.14
CA HIS A 299 -1.09 -15.78 42.75
C HIS A 299 -2.26 -15.86 43.72
N ASP A 300 -2.02 -15.48 44.96
CA ASP A 300 -3.03 -15.52 46.00
C ASP A 300 -3.98 -14.32 46.02
N ASN A 301 -3.42 -13.12 46.16
CA ASN A 301 -4.25 -11.93 46.24
C ASN A 301 -4.85 -11.42 44.93
N GLN A 302 -4.46 -12.01 43.82
CA GLN A 302 -5.01 -11.57 42.55
C GLN A 302 -6.39 -12.22 42.41
N ARG A 303 -6.70 -13.10 43.35
CA ARG A 303 -7.98 -13.78 43.38
C ARG A 303 -8.92 -13.07 44.34
N GLY A 304 -8.55 -11.84 44.68
CA GLY A 304 -9.37 -11.02 45.54
C GLY A 304 -9.09 -11.02 47.03
N HIS A 305 -9.80 -11.88 47.74
CA HIS A 305 -9.69 -12.00 49.19
C HIS A 305 -8.31 -12.38 49.69
N GLY A 306 -7.28 -11.79 49.10
CA GLY A 306 -5.93 -12.08 49.53
C GLY A 306 -5.47 -10.92 50.39
N ALA A 307 -4.15 -10.71 50.40
CA ALA A 307 -3.56 -9.62 51.17
C ALA A 307 -3.71 -8.30 50.42
N GLY A 308 -4.72 -7.52 50.80
CA GLY A 308 -4.95 -6.24 50.15
C GLY A 308 -6.36 -6.03 49.65
N GLY A 309 -7.19 -7.07 49.79
CA GLY A 309 -8.56 -6.97 49.32
C GLY A 309 -8.65 -6.56 47.86
N SER A 310 -9.70 -5.84 47.50
CA SER A 310 -9.88 -5.43 46.11
C SER A 310 -8.99 -4.29 45.63
N SER A 311 -8.17 -3.75 46.52
CA SER A 311 -7.30 -2.65 46.12
C SER A 311 -6.19 -3.16 45.19
N ILE A 312 -5.87 -4.44 45.31
CA ILE A 312 -4.83 -5.06 44.50
C ILE A 312 -5.22 -5.09 43.01
N LEU A 313 -4.34 -4.57 42.17
CA LEU A 313 -4.59 -4.54 40.73
C LEU A 313 -4.10 -5.83 40.11
N THR A 314 -4.76 -6.27 39.03
CA THR A 314 -4.39 -7.50 38.34
C THR A 314 -4.58 -7.35 36.83
N PHE A 315 -4.32 -8.42 36.08
CA PHE A 315 -4.48 -8.37 34.64
C PHE A 315 -5.94 -8.15 34.23
N TRP A 316 -6.87 -8.38 35.16
CA TRP A 316 -8.29 -8.18 34.89
C TRP A 316 -8.50 -6.68 34.68
N ASP A 317 -7.67 -5.90 35.37
CA ASP A 317 -7.72 -4.44 35.31
C ASP A 317 -6.53 -3.99 34.45
N ALA A 318 -6.39 -4.59 33.27
CA ALA A 318 -5.29 -4.35 32.32
C ALA A 318 -4.65 -2.95 32.27
N ARG A 319 -5.41 -1.96 31.83
CA ARG A 319 -4.91 -0.60 31.70
C ARG A 319 -4.17 -0.13 32.94
N LEU A 320 -4.90 0.02 34.05
CA LEU A 320 -4.30 0.46 35.31
C LEU A 320 -3.21 -0.50 35.77
N TYR A 321 -3.40 -1.79 35.48
CA TYR A 321 -2.42 -2.78 35.90
C TYR A 321 -1.04 -2.49 35.30
N LYS A 322 -1.02 -2.20 34.01
CA LYS A 322 0.24 -1.89 33.35
C LYS A 322 0.89 -0.63 33.95
N ILE A 323 0.11 0.36 34.33
CA ILE A 323 0.74 1.55 34.91
C ILE A 323 1.42 1.24 36.25
N ALA A 324 0.77 0.44 37.08
CA ALA A 324 1.36 0.10 38.38
C ALA A 324 2.61 -0.73 38.19
N VAL A 325 2.53 -1.75 37.34
CA VAL A 325 3.67 -2.60 37.11
C VAL A 325 4.82 -1.74 36.57
N GLY A 326 4.49 -0.76 35.74
CA GLY A 326 5.50 0.09 35.16
C GLY A 326 6.16 1.04 36.15
N PHE A 327 5.37 1.47 37.13
CA PHE A 327 5.90 2.38 38.16
C PHE A 327 6.86 1.57 39.05
N MET A 328 6.41 0.39 39.46
CA MET A 328 7.24 -0.46 40.29
C MET A 328 8.53 -0.78 39.56
N LEU A 329 8.42 -1.12 38.28
CA LEU A 329 9.61 -1.48 37.53
C LEU A 329 10.60 -0.34 37.33
N ALA A 330 10.12 0.89 37.20
CA ALA A 330 11.02 2.03 37.00
C ALA A 330 11.60 2.51 38.34
N HIS A 331 10.88 2.24 39.42
CA HIS A 331 11.32 2.69 40.73
C HIS A 331 12.34 1.74 41.38
N PRO A 332 13.40 2.32 41.95
CA PRO A 332 14.49 1.57 42.61
C PRO A 332 14.14 0.71 43.82
N TYR A 333 13.05 1.02 44.51
CA TYR A 333 12.73 0.23 45.69
C TYR A 333 12.53 -1.26 45.45
N GLY A 334 13.23 -2.06 46.24
CA GLY A 334 13.13 -3.52 46.20
C GLY A 334 13.59 -4.31 44.99
N PHE A 335 13.39 -5.64 45.07
CA PHE A 335 13.71 -6.55 43.98
C PHE A 335 12.35 -6.96 43.44
N THR A 336 12.16 -6.79 42.14
CA THR A 336 10.87 -7.06 41.52
C THR A 336 10.49 -8.41 40.92
N ARG A 337 9.26 -8.83 41.20
CA ARG A 337 8.71 -10.07 40.67
C ARG A 337 7.43 -9.74 39.88
N VAL A 338 7.40 -10.12 38.61
CA VAL A 338 6.22 -9.87 37.78
C VAL A 338 5.33 -11.12 37.82
N MET A 339 4.03 -10.92 37.70
CA MET A 339 3.12 -12.05 37.75
C MET A 339 2.68 -12.51 36.36
N SER A 340 2.63 -13.82 36.19
CA SER A 340 2.22 -14.41 34.92
C SER A 340 1.22 -15.46 35.32
N SER A 341 -0.06 -15.23 34.99
CA SER A 341 -1.08 -16.17 35.39
C SER A 341 -1.93 -16.77 34.29
N TYR A 342 -3.05 -17.35 34.70
CA TYR A 342 -3.97 -17.97 33.78
C TYR A 342 -5.39 -17.46 34.03
N ARG A 343 -6.18 -17.48 32.98
CA ARG A 343 -7.55 -17.03 33.02
C ARG A 343 -8.51 -18.11 33.57
N TRP A 344 -9.55 -17.67 34.25
CA TRP A 344 -10.55 -18.58 34.80
C TRP A 344 -11.87 -17.81 34.93
N ALA A 345 -12.98 -18.54 35.01
CA ALA A 345 -14.29 -17.90 35.13
C ALA A 345 -14.56 -17.45 36.57
N ARG A 346 -14.56 -16.14 36.79
CA ARG A 346 -14.81 -15.62 38.12
C ARG A 346 -16.30 -15.57 38.43
N ASN A 347 -16.64 -15.77 39.69
CA ASN A 347 -18.05 -15.76 40.09
C ASN A 347 -18.19 -15.27 41.51
N PHE A 348 -18.27 -13.95 41.67
CA PHE A 348 -18.42 -13.34 42.97
C PHE A 348 -19.82 -13.48 43.53
N VAL A 349 -19.90 -14.12 44.68
CA VAL A 349 -21.17 -14.30 45.38
C VAL A 349 -20.94 -13.71 46.76
N ASN A 350 -21.69 -12.67 47.09
CA ASN A 350 -21.55 -12.02 48.38
C ASN A 350 -20.14 -11.50 48.64
N GLY A 351 -19.49 -11.01 47.59
CA GLY A 351 -18.15 -10.44 47.73
C GLY A 351 -16.99 -11.40 47.59
N GLU A 352 -17.27 -12.67 47.30
CA GLU A 352 -16.18 -13.63 47.17
C GLU A 352 -16.32 -14.55 45.96
N ASP A 353 -15.23 -14.66 45.20
CA ASP A 353 -15.20 -15.49 44.00
C ASP A 353 -15.15 -16.95 44.41
N VAL A 354 -16.27 -17.65 44.23
CA VAL A 354 -16.33 -19.07 44.57
C VAL A 354 -15.73 -19.97 43.49
N ASN A 355 -15.11 -19.37 42.47
CA ASN A 355 -14.50 -20.16 41.41
C ASN A 355 -13.00 -19.90 41.46
N ASP A 356 -12.59 -19.12 42.45
CA ASP A 356 -11.20 -18.75 42.64
C ASP A 356 -10.31 -19.96 42.94
N TRP A 357 -10.92 -21.14 43.08
CA TRP A 357 -10.17 -22.36 43.33
C TRP A 357 -9.69 -22.98 42.02
N ILE A 358 -10.39 -22.67 40.93
CA ILE A 358 -10.07 -23.24 39.62
C ILE A 358 -8.60 -23.29 39.26
N GLY A 359 -8.17 -24.48 38.85
CA GLY A 359 -6.79 -24.71 38.49
C GLY A 359 -6.44 -24.32 37.07
N PRO A 360 -5.15 -24.44 36.70
CA PRO A 360 -4.61 -24.12 35.38
C PRO A 360 -5.33 -24.81 34.24
N PRO A 361 -5.25 -24.20 33.04
CA PRO A 361 -5.89 -24.73 31.82
C PRO A 361 -5.57 -26.21 31.70
N ASN A 362 -6.61 -27.02 31.55
CA ASN A 362 -6.40 -28.45 31.46
C ASN A 362 -7.43 -29.21 30.66
N ASN A 363 -7.07 -30.44 30.32
CA ASN A 363 -7.92 -31.37 29.61
C ASN A 363 -7.98 -32.52 30.60
N ASN A 364 -9.07 -32.57 31.36
CA ASN A 364 -9.29 -33.59 32.37
C ASN A 364 -8.09 -33.79 33.29
N GLY A 365 -7.73 -32.71 34.00
CA GLY A 365 -6.62 -32.77 34.94
C GLY A 365 -5.22 -32.61 34.36
N VAL A 366 -5.07 -32.79 33.06
CA VAL A 366 -3.76 -32.66 32.42
C VAL A 366 -3.54 -31.23 31.92
N ILE A 367 -2.59 -30.53 32.53
CA ILE A 367 -2.29 -29.14 32.19
C ILE A 367 -1.97 -28.92 30.71
N LYS A 368 -2.50 -27.84 30.15
CA LYS A 368 -2.27 -27.52 28.74
C LYS A 368 -0.94 -26.86 28.47
N GLU A 369 -0.41 -27.11 27.28
CA GLU A 369 0.87 -26.54 26.86
C GLU A 369 0.59 -25.05 26.65
N VAL A 370 1.65 -24.25 26.65
CA VAL A 370 1.51 -22.82 26.44
C VAL A 370 1.83 -22.49 24.98
N THR A 371 0.79 -22.25 24.20
CA THR A 371 0.92 -21.94 22.77
C THR A 371 1.20 -20.47 22.53
N ILE A 372 2.12 -20.19 21.60
CA ILE A 372 2.50 -18.82 21.29
C ILE A 372 1.94 -18.37 19.95
N ASN A 373 1.24 -17.25 19.94
CA ASN A 373 0.67 -16.74 18.71
C ASN A 373 1.71 -15.85 18.04
N ALA A 374 1.52 -15.60 16.76
CA ALA A 374 2.43 -14.77 15.99
C ALA A 374 2.55 -13.36 16.55
N ASP A 375 1.55 -12.90 17.30
CA ASP A 375 1.64 -11.56 17.84
C ASP A 375 2.33 -11.59 19.19
N THR A 376 2.87 -12.76 19.52
CA THR A 376 3.58 -13.04 20.77
C THR A 376 2.72 -13.20 22.02
N THR A 377 1.39 -13.18 21.87
CA THR A 377 0.51 -13.40 23.02
C THR A 377 0.45 -14.93 23.17
N CYS A 378 -0.12 -15.42 24.26
CA CYS A 378 -0.24 -16.86 24.48
C CYS A 378 -1.66 -17.36 24.24
N GLY A 379 -1.80 -18.66 24.03
CA GLY A 379 -3.11 -19.23 23.84
C GLY A 379 -3.47 -20.13 25.02
N ASN A 380 -4.42 -21.03 24.80
CA ASN A 380 -4.88 -21.96 25.84
C ASN A 380 -5.19 -21.37 27.22
N ASP A 381 -5.66 -20.13 27.25
CA ASP A 381 -6.02 -19.42 28.47
C ASP A 381 -4.89 -18.91 29.37
N TRP A 382 -3.65 -18.99 28.89
CA TRP A 382 -2.53 -18.47 29.66
C TRP A 382 -2.50 -16.97 29.33
N VAL A 383 -2.49 -16.12 30.34
CA VAL A 383 -2.51 -14.68 30.14
C VAL A 383 -1.15 -14.12 29.71
N CYS A 384 -0.09 -14.71 30.22
CA CYS A 384 1.25 -14.27 29.88
C CYS A 384 1.49 -12.76 29.95
N GLU A 385 1.19 -12.18 31.11
CA GLU A 385 1.40 -10.74 31.30
C GLU A 385 2.86 -10.42 31.03
N HIS A 386 3.73 -11.37 31.35
CA HIS A 386 5.16 -11.17 31.17
C HIS A 386 5.50 -10.98 29.68
N ARG A 387 4.49 -11.00 28.82
CA ARG A 387 4.75 -10.83 27.40
C ARG A 387 4.08 -9.60 26.82
N TRP A 388 3.39 -8.85 27.67
CA TRP A 388 2.74 -7.62 27.21
C TRP A 388 3.88 -6.66 26.97
N ARG A 389 3.93 -6.05 25.79
CA ARG A 389 5.00 -5.11 25.47
C ARG A 389 5.23 -4.13 26.62
N GLU A 390 4.14 -3.62 27.18
CA GLU A 390 4.21 -2.65 28.27
C GLU A 390 5.01 -3.15 29.46
N ILE A 391 4.84 -4.41 29.81
CA ILE A 391 5.54 -4.97 30.95
C ILE A 391 6.90 -5.50 30.55
N ARG A 392 6.95 -6.17 29.41
CA ARG A 392 8.19 -6.73 28.90
C ARG A 392 9.25 -5.63 28.75
N ASN A 393 8.86 -4.52 28.15
CA ASN A 393 9.83 -3.43 27.96
C ASN A 393 10.23 -2.76 29.25
N MET A 394 9.38 -2.82 30.26
CA MET A 394 9.71 -2.20 31.53
C MET A 394 10.67 -3.10 32.31
N VAL A 395 10.69 -4.40 32.02
CA VAL A 395 11.63 -5.27 32.72
C VAL A 395 12.97 -4.91 32.09
N TRP A 396 12.95 -4.63 30.79
CA TRP A 396 14.18 -4.25 30.11
C TRP A 396 14.60 -2.90 30.68
N PHE A 397 13.64 -2.01 30.88
CA PHE A 397 13.90 -0.69 31.45
C PHE A 397 14.67 -0.83 32.79
N ARG A 398 14.18 -1.70 33.67
CA ARG A 398 14.83 -1.88 34.97
C ARG A 398 16.27 -2.37 34.82
N ASN A 399 16.49 -3.29 33.89
CA ASN A 399 17.83 -3.81 33.66
C ASN A 399 18.71 -2.63 33.23
N VAL A 400 18.23 -1.84 32.27
CA VAL A 400 19.00 -0.71 31.76
C VAL A 400 19.37 0.40 32.75
N VAL A 401 18.48 0.71 33.69
CA VAL A 401 18.75 1.77 34.67
C VAL A 401 19.29 1.27 36.01
N ASP A 402 19.64 -0.01 36.07
CA ASP A 402 20.16 -0.62 37.29
C ASP A 402 21.27 0.22 37.92
N GLY A 403 21.21 0.40 39.22
CA GLY A 403 22.24 1.16 39.91
C GLY A 403 22.13 2.67 39.81
N GLN A 404 21.25 3.16 38.95
CA GLN A 404 21.06 4.61 38.77
C GLN A 404 20.12 5.18 39.84
N PRO A 405 20.43 6.38 40.37
CA PRO A 405 19.59 6.99 41.41
C PRO A 405 18.30 7.64 40.96
N PHE A 406 17.28 7.55 41.82
CA PHE A 406 15.98 8.15 41.56
C PHE A 406 16.24 9.64 41.41
N ALA A 407 15.74 10.25 40.34
CA ALA A 407 15.99 11.66 40.13
C ALA A 407 14.98 12.32 39.21
N ASN A 408 15.03 13.64 39.15
CA ASN A 408 14.16 14.44 38.30
C ASN A 408 12.67 14.17 38.47
N TRP A 409 12.18 14.22 39.70
CA TRP A 409 10.77 14.00 39.96
C TRP A 409 9.93 15.22 39.62
N TRP A 410 8.83 15.01 38.92
CA TRP A 410 7.92 16.08 38.55
C TRP A 410 6.49 15.60 38.80
N ASP A 411 5.61 16.53 39.17
CA ASP A 411 4.21 16.19 39.35
C ASP A 411 3.38 17.45 39.16
N ASN A 412 2.15 17.27 38.68
CA ASN A 412 1.29 18.42 38.43
C ASN A 412 0.38 18.76 39.60
N GLY A 413 0.75 18.26 40.79
CA GLY A 413 -0.04 18.48 41.99
C GLY A 413 -1.26 17.59 42.08
N SER A 414 -1.49 16.76 41.06
CA SER A 414 -2.64 15.87 41.03
C SER A 414 -2.24 14.43 40.73
N ASN A 415 -2.59 13.94 39.55
CA ASN A 415 -2.26 12.57 39.17
C ASN A 415 -1.35 12.44 37.94
N GLN A 416 -0.54 13.46 37.70
CA GLN A 416 0.40 13.40 36.58
C GLN A 416 1.76 13.46 37.24
N VAL A 417 2.60 12.49 36.94
CA VAL A 417 3.90 12.38 37.57
C VAL A 417 4.97 11.85 36.61
N ALA A 418 6.24 12.05 36.99
CA ALA A 418 7.37 11.58 36.19
C ALA A 418 8.68 11.60 36.98
N PHE A 419 9.61 10.73 36.60
CA PHE A 419 10.90 10.70 37.29
C PHE A 419 11.98 9.98 36.47
N GLY A 420 13.23 10.09 36.92
CA GLY A 420 14.31 9.46 36.20
C GLY A 420 15.22 8.58 37.03
N ARG A 421 16.06 7.84 36.32
CA ARG A 421 17.03 6.96 36.93
C ARG A 421 18.38 7.39 36.40
N GLY A 422 18.99 8.36 37.07
CA GLY A 422 20.27 8.87 36.63
C GLY A 422 20.13 9.40 35.21
N ASN A 423 21.13 9.12 34.39
CA ASN A 423 21.12 9.57 33.00
C ASN A 423 20.90 8.40 32.05
N ARG A 424 20.13 7.41 32.47
CA ARG A 424 19.89 6.27 31.62
C ARG A 424 18.43 5.95 31.35
N GLY A 425 17.52 6.65 32.01
CA GLY A 425 16.11 6.39 31.79
C GLY A 425 15.16 7.36 32.46
N PHE A 426 14.02 7.59 31.81
CA PHE A 426 13.00 8.50 32.28
C PHE A 426 11.63 7.89 32.03
N ILE A 427 10.64 8.26 32.83
CA ILE A 427 9.29 7.71 32.69
C ILE A 427 8.26 8.75 33.13
N VAL A 428 7.18 8.86 32.36
CA VAL A 428 6.11 9.83 32.64
C VAL A 428 4.74 9.15 32.70
N PHE A 429 3.91 9.58 33.65
CA PHE A 429 2.57 9.05 33.83
C PHE A 429 1.47 10.12 33.88
N ASN A 430 0.34 9.87 33.23
CA ASN A 430 -0.80 10.77 33.30
C ASN A 430 -2.00 9.98 33.80
N ASN A 431 -2.28 10.06 35.10
CA ASN A 431 -3.40 9.32 35.68
C ASN A 431 -4.54 10.25 36.09
N ASP A 432 -4.55 11.44 35.49
CA ASP A 432 -5.60 12.43 35.73
C ASP A 432 -6.61 12.29 34.60
N ASP A 433 -7.79 12.86 34.77
CA ASP A 433 -8.82 12.78 33.74
C ASP A 433 -8.71 13.88 32.69
N TRP A 434 -7.49 14.40 32.49
CA TRP A 434 -7.29 15.42 31.50
C TRP A 434 -5.92 15.30 30.84
N GLN A 435 -5.76 16.00 29.73
CA GLN A 435 -4.53 15.98 28.94
C GLN A 435 -3.26 16.36 29.69
N LEU A 436 -2.18 15.70 29.33
CA LEU A 436 -0.89 16.00 29.94
C LEU A 436 -0.02 16.64 28.87
N SER A 437 0.44 17.85 29.16
CA SER A 437 1.29 18.56 28.21
C SER A 437 2.32 19.31 29.03
N SER A 438 3.58 18.88 28.91
CA SER A 438 4.65 19.50 29.66
C SER A 438 5.99 19.26 29.00
N THR A 439 6.94 20.11 29.35
CA THR A 439 8.28 19.96 28.83
C THR A 439 9.07 19.60 30.08
N LEU A 440 9.53 18.36 30.15
CA LEU A 440 10.25 17.88 31.32
C LEU A 440 11.72 17.59 31.08
N GLN A 441 12.52 17.73 32.14
CA GLN A 441 13.95 17.43 32.10
C GLN A 441 14.02 15.93 32.37
N THR A 442 14.59 15.19 31.42
CA THR A 442 14.68 13.74 31.53
C THR A 442 15.98 13.20 32.12
N GLY A 443 17.02 14.03 32.15
CA GLY A 443 18.30 13.60 32.65
C GLY A 443 19.01 12.74 31.62
N LEU A 444 18.35 12.57 30.47
CA LEU A 444 18.89 11.77 29.39
C LEU A 444 19.68 12.57 28.35
N PRO A 445 20.68 11.93 27.73
CA PRO A 445 21.51 12.59 26.71
C PRO A 445 20.63 12.98 25.52
N GLY A 446 20.93 14.12 24.89
CA GLY A 446 20.14 14.56 23.76
C GLY A 446 19.98 13.47 22.71
N GLY A 447 18.83 13.42 22.05
CA GLY A 447 18.63 12.41 21.04
C GLY A 447 17.16 12.08 20.79
N THR A 448 16.94 11.06 19.97
CA THR A 448 15.60 10.59 19.64
C THR A 448 15.41 9.22 20.29
N TYR A 449 14.39 9.09 21.13
CA TYR A 449 14.14 7.83 21.83
C TYR A 449 12.80 7.20 21.47
N CYS A 450 12.78 5.87 21.42
CA CYS A 450 11.56 5.13 21.16
C CYS A 450 10.78 4.97 22.48
N ASP A 451 9.49 5.29 22.45
CA ASP A 451 8.66 5.10 23.64
C ASP A 451 8.48 3.58 23.75
N VAL A 452 9.06 2.95 24.79
CA VAL A 452 8.94 1.49 24.94
C VAL A 452 7.59 0.98 25.44
N ILE A 453 6.64 1.89 25.63
CA ILE A 453 5.32 1.50 26.10
C ILE A 453 4.36 1.37 24.91
N SER A 454 4.44 2.29 23.97
CA SER A 454 3.57 2.30 22.78
C SER A 454 4.18 1.54 21.60
N GLY A 455 5.47 1.21 21.69
CA GLY A 455 6.10 0.51 20.59
C GLY A 455 7.43 -0.11 20.98
N ASP A 456 8.22 -0.45 19.97
CA ASP A 456 9.53 -1.06 20.18
C ASP A 456 10.54 -0.50 19.22
N LYS A 457 11.80 -0.60 19.60
CA LYS A 457 12.86 -0.16 18.72
C LYS A 457 13.19 -1.40 17.90
N VAL A 458 12.99 -1.34 16.59
CA VAL A 458 13.31 -2.47 15.73
C VAL A 458 14.22 -1.93 14.64
N GLY A 459 15.42 -2.49 14.54
CA GLY A 459 16.36 -1.98 13.56
C GLY A 459 16.63 -0.52 13.90
N ASN A 460 16.54 0.35 12.90
CA ASN A 460 16.79 1.77 13.10
C ASN A 460 15.47 2.53 13.12
N SER A 461 14.47 1.97 13.77
CA SER A 461 13.17 2.64 13.81
C SER A 461 12.39 2.28 15.05
N CYS A 462 11.38 3.11 15.33
CA CYS A 462 10.48 2.90 16.46
C CYS A 462 9.16 2.52 15.82
N THR A 463 8.38 1.68 16.48
CA THR A 463 7.09 1.31 15.95
C THR A 463 6.03 2.23 16.56
N GLY A 464 6.35 2.84 17.69
CA GLY A 464 5.42 3.73 18.36
C GLY A 464 5.91 5.16 18.55
N ILE A 465 5.40 5.81 19.59
CA ILE A 465 5.76 7.19 19.90
C ILE A 465 7.27 7.44 19.97
N LYS A 466 7.71 8.53 19.37
CA LYS A 466 9.10 8.93 19.41
C LYS A 466 9.18 10.15 20.32
N VAL A 467 10.18 10.20 21.19
CA VAL A 467 10.35 11.32 22.10
C VAL A 467 11.70 11.97 21.76
N TYR A 468 11.69 13.28 21.56
CA TYR A 468 12.92 13.99 21.21
C TYR A 468 13.47 14.86 22.34
N VAL A 469 14.60 14.45 22.89
CA VAL A 469 15.24 15.17 23.96
C VAL A 469 16.31 16.07 23.35
N SER A 470 16.23 17.36 23.65
CA SER A 470 17.18 18.31 23.11
C SER A 470 18.48 18.21 23.90
N SER A 471 19.49 18.91 23.42
CA SER A 471 20.80 18.91 24.06
C SER A 471 20.71 19.14 25.57
N ASP A 472 19.81 20.00 26.03
CA ASP A 472 19.74 20.24 27.46
C ASP A 472 18.96 19.19 28.26
N GLY A 473 18.63 18.08 27.62
CA GLY A 473 17.94 17.01 28.33
C GLY A 473 16.43 17.09 28.43
N THR A 474 15.85 18.23 28.08
CA THR A 474 14.41 18.39 28.15
C THR A 474 13.71 17.86 26.92
N ALA A 475 12.44 17.52 27.09
CA ALA A 475 11.63 17.01 26.00
C ALA A 475 10.17 17.37 26.23
N GLN A 476 9.42 17.46 25.14
CA GLN A 476 8.00 17.75 25.22
C GLN A 476 7.27 16.40 25.33
N PHE A 477 6.33 16.33 26.25
CA PHE A 477 5.52 15.12 26.45
C PHE A 477 4.06 15.50 26.34
N SER A 478 3.29 14.67 25.64
CA SER A 478 1.85 14.89 25.49
C SER A 478 1.10 13.57 25.60
N ILE A 479 0.35 13.39 26.69
CA ILE A 479 -0.41 12.15 26.86
C ILE A 479 -1.86 12.46 27.15
N SER A 480 -2.73 11.99 26.28
CA SER A 480 -4.15 12.21 26.49
C SER A 480 -4.61 11.25 27.57
N ASN A 481 -5.51 11.69 28.42
CA ASN A 481 -6.02 10.80 29.46
C ASN A 481 -6.74 9.63 28.79
N SER A 482 -7.05 9.76 27.51
CA SER A 482 -7.73 8.69 26.80
C SER A 482 -6.78 7.78 26.00
N ALA A 483 -5.48 8.02 26.11
CA ALA A 483 -4.51 7.18 25.41
C ALA A 483 -4.69 5.72 25.82
N GLU A 484 -4.28 4.81 24.96
CA GLU A 484 -4.40 3.38 25.25
C GLU A 484 -3.63 3.08 26.54
N ASP A 485 -2.39 3.55 26.60
CA ASP A 485 -1.52 3.38 27.75
C ASP A 485 -0.98 4.77 28.13
N PRO A 486 -1.61 5.41 29.14
CA PRO A 486 -1.30 6.74 29.69
C PRO A 486 0.06 7.01 30.30
N PHE A 487 1.09 6.37 29.78
CA PHE A 487 2.43 6.62 30.28
C PHE A 487 3.46 6.27 29.22
N ILE A 488 4.53 7.05 29.19
CA ILE A 488 5.62 6.88 28.25
C ILE A 488 6.88 6.56 29.01
N ALA A 489 7.80 5.87 28.35
CA ALA A 489 9.06 5.51 28.97
C ALA A 489 10.15 5.37 27.91
N ILE A 490 11.33 5.87 28.23
CA ILE A 490 12.47 5.82 27.32
C ILE A 490 13.73 5.60 28.14
N HIS A 491 14.71 4.95 27.53
CA HIS A 491 15.95 4.67 28.20
C HIS A 491 17.13 4.64 27.25
N ALA A 492 18.33 4.48 27.82
CA ALA A 492 19.57 4.46 27.06
C ALA A 492 19.55 3.54 25.84
N GLU A 493 18.97 2.34 25.99
CA GLU A 493 18.96 1.39 24.90
C GLU A 493 17.73 1.47 23.98
N SER A 494 16.91 2.49 24.14
CA SER A 494 15.74 2.65 23.26
C SER A 494 16.02 3.86 22.38
N LYS A 495 17.21 4.41 22.54
CA LYS A 495 17.60 5.57 21.78
C LYS A 495 17.91 5.20 20.35
N LEU A 496 17.32 5.93 19.41
CA LEU A 496 17.53 5.65 18.02
C LEU A 496 18.96 6.02 17.64
N GLN B 1 -3.31 -3.56 72.91
CA GLN B 1 -4.35 -3.10 71.96
C GLN B 1 -4.27 -1.61 71.71
N VAL B 2 -4.11 -1.22 70.45
CA VAL B 2 -4.00 0.18 70.08
C VAL B 2 -5.38 0.83 70.03
N GLN B 3 -5.44 2.08 70.46
CA GLN B 3 -6.68 2.86 70.49
C GLN B 3 -6.35 4.29 70.09
N LEU B 4 -6.97 4.76 69.02
CA LEU B 4 -6.74 6.13 68.55
C LEU B 4 -7.94 6.99 68.94
N VAL B 5 -7.73 7.94 69.85
CA VAL B 5 -8.80 8.80 70.30
C VAL B 5 -8.65 10.21 69.72
N ALA B 6 -9.60 10.61 68.90
CA ALA B 6 -9.57 11.92 68.29
C ALA B 6 -10.30 12.93 69.15
N SER B 7 -9.86 14.19 69.10
CA SER B 7 -10.49 15.26 69.86
C SER B 7 -10.72 16.45 68.94
N GLY B 8 -11.16 17.56 69.51
CA GLY B 8 -11.44 18.73 68.71
C GLY B 8 -12.71 18.44 67.95
N GLY B 9 -12.97 19.21 66.90
CA GLY B 9 -14.18 19.00 66.14
C GLY B 9 -15.27 19.93 66.62
N GLY B 10 -16.44 19.84 65.99
CA GLY B 10 -17.54 20.70 66.38
C GLY B 10 -17.99 21.56 65.22
N SER B 11 -18.84 22.54 65.51
CA SER B 11 -19.35 23.44 64.50
C SER B 11 -18.66 24.79 64.58
N VAL B 12 -18.55 25.46 63.43
CA VAL B 12 -17.89 26.75 63.36
C VAL B 12 -18.39 27.48 62.12
N GLN B 13 -18.30 28.80 62.12
CA GLN B 13 -18.75 29.57 60.97
C GLN B 13 -17.67 29.60 59.88
N ALA B 14 -18.10 29.77 58.64
CA ALA B 14 -17.18 29.83 57.51
C ALA B 14 -16.04 30.80 57.80
N GLY B 15 -14.82 30.39 57.47
CA GLY B 15 -13.66 31.24 57.72
C GLY B 15 -13.07 30.99 59.10
N GLY B 16 -13.82 30.26 59.93
CA GLY B 16 -13.35 29.96 61.27
C GLY B 16 -12.25 28.92 61.31
N SER B 17 -11.80 28.56 62.52
CA SER B 17 -10.74 27.58 62.65
C SER B 17 -11.06 26.49 63.67
N LEU B 18 -10.47 25.32 63.45
CA LEU B 18 -10.64 24.18 64.34
C LEU B 18 -9.36 23.37 64.35
N ARG B 19 -9.00 22.83 65.51
CA ARG B 19 -7.80 22.02 65.62
C ARG B 19 -8.20 20.65 66.16
N LEU B 20 -7.92 19.62 65.39
CA LEU B 20 -8.24 18.27 65.79
C LEU B 20 -7.02 17.63 66.41
N SER B 21 -7.25 16.80 67.42
CA SER B 21 -6.17 16.11 68.10
C SER B 21 -6.41 14.63 68.10
N CYS B 22 -5.33 13.86 68.08
CA CYS B 22 -5.44 12.43 68.09
C CYS B 22 -4.41 11.85 69.03
N ALA B 23 -4.88 11.14 70.04
CA ALA B 23 -4.00 10.51 71.01
C ALA B 23 -3.91 9.02 70.66
N ALA B 24 -2.80 8.38 71.03
CA ALA B 24 -2.63 6.97 70.72
C ALA B 24 -1.94 6.19 71.82
N SER B 25 -2.59 5.14 72.28
CA SER B 25 -2.04 4.27 73.30
C SER B 25 -2.00 2.91 72.63
N THR B 28 0.43 2.00 70.46
CA THR B 28 1.11 2.47 69.23
C THR B 28 1.88 3.78 69.39
N PHE B 29 3.13 3.75 68.96
CA PHE B 29 4.05 4.87 69.00
C PHE B 29 3.82 5.74 67.75
N SER B 30 4.81 6.55 67.39
CA SER B 30 4.70 7.43 66.23
C SER B 30 5.98 7.54 65.41
N SER B 31 6.22 6.51 64.59
CA SER B 31 7.40 6.42 63.73
C SER B 31 7.01 5.97 62.31
N TYR B 32 5.72 5.98 62.02
CA TYR B 32 5.22 5.62 60.70
C TYR B 32 4.31 6.77 60.29
N PRO B 33 3.70 6.69 59.09
CA PRO B 33 2.81 7.78 58.69
C PRO B 33 1.47 7.76 59.41
N MET B 34 0.98 8.96 59.74
CA MET B 34 -0.31 9.12 60.39
C MET B 34 -1.02 10.11 59.46
N GLY B 35 -2.32 9.93 59.26
CA GLY B 35 -3.04 10.83 58.40
C GLY B 35 -4.42 11.17 58.95
N TRP B 36 -5.16 11.96 58.19
CA TRP B 36 -6.50 12.34 58.55
C TRP B 36 -7.37 12.14 57.31
N TYR B 37 -8.46 11.42 57.47
CA TYR B 37 -9.37 11.19 56.37
C TYR B 37 -10.71 11.85 56.72
N ARG B 38 -11.51 12.16 55.71
CA ARG B 38 -12.80 12.74 55.99
C ARG B 38 -13.83 12.08 55.10
N GLN B 39 -15.00 11.87 55.68
CA GLN B 39 -16.09 11.23 54.98
C GLN B 39 -17.32 12.10 55.05
N ALA B 40 -17.69 12.68 53.91
CA ALA B 40 -18.87 13.53 53.86
C ALA B 40 -20.05 12.61 53.60
N PRO B 41 -21.25 13.02 54.01
CA PRO B 41 -22.45 12.19 53.82
C PRO B 41 -22.70 11.88 52.34
N GLY B 42 -22.88 10.60 52.03
CA GLY B 42 -23.14 10.19 50.66
C GLY B 42 -21.95 10.36 49.74
N LYS B 43 -20.78 10.66 50.29
CA LYS B 43 -19.59 10.84 49.48
C LYS B 43 -18.51 9.83 49.82
N GLU B 44 -17.63 9.61 48.85
CA GLU B 44 -16.52 8.70 49.01
C GLU B 44 -15.59 9.23 50.11
N CYS B 45 -14.83 8.32 50.70
CA CYS B 45 -13.88 8.66 51.76
C CYS B 45 -12.66 9.33 51.13
N GLU B 46 -12.25 10.48 51.67
CA GLU B 46 -11.10 11.20 51.13
C GLU B 46 -9.95 11.45 52.11
N LEU B 47 -8.72 11.27 51.63
CA LEU B 47 -7.54 11.53 52.46
C LEU B 47 -7.38 13.05 52.52
N SER B 48 -7.34 13.61 53.72
CA SER B 48 -7.20 15.06 53.87
C SER B 48 -5.74 15.52 53.93
N ALA B 49 -4.94 14.86 54.77
CA ALA B 49 -3.52 15.20 54.92
C ALA B 49 -2.81 14.02 55.57
N ARG B 50 -1.52 13.88 55.28
CA ARG B 50 -0.73 12.80 55.82
C ARG B 50 0.63 13.30 56.25
N ILE B 51 1.16 12.77 57.34
CA ILE B 51 2.48 13.16 57.80
C ILE B 51 3.34 11.92 57.88
N PHE B 52 4.48 11.95 57.21
CA PHE B 52 5.37 10.81 57.20
C PHE B 52 6.35 10.87 58.36
N SER B 53 7.05 9.77 58.61
CA SER B 53 8.01 9.70 59.70
C SER B 53 8.99 10.87 59.64
N ASP B 54 9.54 11.12 58.47
CA ASP B 54 10.49 12.21 58.28
C ASP B 54 9.88 13.60 58.45
N GLY B 55 8.56 13.66 58.55
CA GLY B 55 7.92 14.95 58.74
C GLY B 55 7.28 15.53 57.49
N SER B 56 7.61 14.97 56.33
CA SER B 56 7.03 15.46 55.09
C SER B 56 5.55 15.15 55.14
N ALA B 57 4.76 15.88 54.36
CA ALA B 57 3.31 15.67 54.34
C ALA B 57 2.65 15.72 52.97
N ASN B 58 1.43 15.19 52.92
CA ASN B 58 0.63 15.20 51.70
C ASN B 58 -0.57 16.09 52.07
N TYR B 59 -1.14 16.81 51.12
CA TYR B 59 -2.30 17.65 51.39
C TYR B 59 -3.29 17.57 50.23
N ALA B 60 -4.57 17.47 50.53
CA ALA B 60 -5.58 17.44 49.47
C ALA B 60 -5.51 18.82 48.85
N ASP B 61 -5.47 18.89 47.52
CA ASP B 61 -5.37 20.19 46.84
C ASP B 61 -6.33 21.22 47.39
N SER B 62 -7.54 20.79 47.76
CA SER B 62 -8.53 21.72 48.28
C SER B 62 -8.28 22.21 49.71
N VAL B 63 -7.28 21.65 50.39
CA VAL B 63 -6.99 22.08 51.75
C VAL B 63 -5.58 22.65 51.87
N LYS B 64 -4.77 22.34 50.88
CA LYS B 64 -3.39 22.81 50.83
C LYS B 64 -3.37 24.32 51.11
N GLY B 65 -2.55 24.75 52.06
CA GLY B 65 -2.49 26.16 52.39
C GLY B 65 -3.52 26.58 53.44
N ARG B 66 -4.45 25.69 53.78
CA ARG B 66 -5.48 26.01 54.77
C ARG B 66 -5.43 25.10 56.00
N PHE B 67 -4.90 23.90 55.84
CA PHE B 67 -4.77 22.97 56.96
C PHE B 67 -3.30 22.72 57.19
N THR B 68 -2.94 22.35 58.42
CA THR B 68 -1.55 22.06 58.72
C THR B 68 -1.48 20.87 59.67
N ILE B 69 -0.94 19.77 59.15
CA ILE B 69 -0.81 18.56 59.94
C ILE B 69 0.52 18.62 60.67
N SER B 70 0.58 18.02 61.85
CA SER B 70 1.82 18.01 62.64
C SER B 70 1.74 16.92 63.70
N ARG B 71 2.91 16.53 64.22
CA ARG B 71 3.01 15.50 65.24
C ARG B 71 3.74 16.15 66.42
N ASP B 72 3.76 15.48 67.56
CA ASP B 72 4.49 16.01 68.71
C ASP B 72 5.60 15.06 69.17
N ASN B 73 5.38 13.76 69.05
CA ASN B 73 6.38 12.77 69.44
C ASN B 73 6.61 12.77 70.94
N ALA B 74 6.62 13.96 71.52
CA ALA B 74 6.86 14.10 72.94
C ALA B 74 5.57 13.89 73.72
N ALA B 75 4.55 13.36 73.05
CA ALA B 75 3.27 13.10 73.70
C ALA B 75 2.39 12.22 72.83
N ASN B 76 3.00 11.62 71.81
CA ASN B 76 2.26 10.76 70.89
C ASN B 76 0.91 11.37 70.54
N THR B 77 0.96 12.56 69.96
CA THR B 77 -0.24 13.25 69.54
C THR B 77 -0.03 13.83 68.16
N ALA B 78 -1.02 13.67 67.31
CA ALA B 78 -0.94 14.20 65.97
C ALA B 78 -1.92 15.36 65.96
N TYR B 79 -1.69 16.32 65.08
CA TYR B 79 -2.56 17.48 65.04
C TYR B 79 -2.93 17.88 63.61
N LEU B 80 -4.12 18.44 63.48
CA LEU B 80 -4.59 18.92 62.20
C LEU B 80 -5.24 20.28 62.40
N GLN B 81 -4.52 21.35 62.08
CA GLN B 81 -5.08 22.69 62.23
C GLN B 81 -5.81 23.08 60.97
N MET B 82 -7.09 23.40 61.14
CA MET B 82 -7.94 23.77 60.02
C MET B 82 -8.33 25.24 60.06
N ASP B 83 -7.70 26.04 59.21
CA ASP B 83 -7.99 27.48 59.11
C ASP B 83 -8.84 27.74 57.88
N SER B 84 -9.45 28.92 57.81
CA SER B 84 -10.30 29.30 56.69
C SER B 84 -11.25 28.17 56.34
N LEU B 85 -11.88 27.59 57.34
CA LEU B 85 -12.81 26.50 57.09
C LEU B 85 -13.88 26.91 56.10
N LYS B 86 -14.36 25.96 55.32
CA LYS B 86 -15.40 26.21 54.33
C LYS B 86 -16.49 25.19 54.52
N PRO B 87 -17.74 25.56 54.19
CA PRO B 87 -18.84 24.62 54.34
C PRO B 87 -18.61 23.31 53.60
N GLU B 88 -17.70 23.33 52.62
CA GLU B 88 -17.39 22.11 51.87
C GLU B 88 -16.56 21.17 52.75
N ASP B 89 -15.93 21.72 53.77
CA ASP B 89 -15.12 20.92 54.68
C ASP B 89 -15.97 20.14 55.67
N THR B 90 -17.29 20.32 55.60
CA THR B 90 -18.17 19.61 56.51
C THR B 90 -18.16 18.10 56.24
N ALA B 91 -17.85 17.34 57.29
CA ALA B 91 -17.80 15.89 57.20
C ALA B 91 -17.26 15.31 58.50
N VAL B 92 -17.22 13.98 58.57
CA VAL B 92 -16.66 13.34 59.75
C VAL B 92 -15.20 13.09 59.46
N TYR B 93 -14.34 13.52 60.35
CA TYR B 93 -12.93 13.31 60.16
C TYR B 93 -12.45 12.18 61.04
N TYR B 94 -11.71 11.25 60.46
CA TYR B 94 -11.20 10.11 61.19
C TYR B 94 -9.69 10.18 61.29
N CYS B 95 -9.17 9.92 62.49
CA CYS B 95 -7.74 9.89 62.72
C CYS B 95 -7.34 8.49 62.23
N ALA B 96 -6.20 8.39 61.54
CA ALA B 96 -5.76 7.12 60.98
C ALA B 96 -4.26 6.93 61.09
N ALA B 97 -3.82 5.77 61.57
CA ALA B 97 -2.39 5.53 61.70
C ALA B 97 -1.98 4.07 61.71
N GLY B 98 -0.68 3.83 61.79
CA GLY B 98 -0.17 2.48 61.84
C GLY B 98 0.71 2.09 60.67
N PRO B 99 1.40 0.95 60.79
CA PRO B 99 2.26 0.51 59.69
C PRO B 99 1.36 -0.30 58.78
N GLY B 100 1.80 -0.59 57.57
CA GLY B 100 0.96 -1.34 56.68
C GLY B 100 -0.32 -0.64 56.31
N SER B 101 -1.32 -1.42 55.91
CA SER B 101 -2.60 -0.87 55.50
C SER B 101 -3.80 -1.60 56.07
N GLY B 102 -4.90 -0.87 56.19
CA GLY B 102 -6.14 -1.43 56.71
C GLY B 102 -7.33 -0.82 55.97
N LYS B 103 -8.53 -0.90 56.55
CA LYS B 103 -9.73 -0.37 55.91
C LYS B 103 -10.70 0.11 56.99
N LEU B 104 -11.65 0.95 56.58
CA LEU B 104 -12.68 1.51 57.44
C LEU B 104 -13.99 1.30 56.69
N VAL B 105 -14.88 0.48 57.23
CA VAL B 105 -16.14 0.23 56.58
C VAL B 105 -17.21 1.08 57.23
N VAL B 106 -17.64 2.12 56.52
CA VAL B 106 -18.66 3.03 57.02
C VAL B 106 -19.69 3.37 55.95
N ALA B 107 -20.96 3.23 56.31
CA ALA B 107 -22.05 3.54 55.39
C ALA B 107 -22.00 2.72 54.11
N GLY B 108 -21.51 1.48 54.23
CA GLY B 108 -21.42 0.61 53.07
C GLY B 108 -20.20 0.84 52.22
N ARG B 109 -19.45 1.90 52.51
CA ARG B 109 -18.24 2.23 51.75
C ARG B 109 -17.00 1.91 52.58
N THR B 110 -15.94 1.41 51.95
CA THR B 110 -14.73 1.08 52.68
C THR B 110 -13.57 2.00 52.29
N CYS B 111 -12.81 2.43 53.31
CA CYS B 111 -11.69 3.33 53.11
C CYS B 111 -10.36 2.62 53.35
N TYR B 112 -9.58 2.45 52.29
CA TYR B 112 -8.28 1.80 52.39
C TYR B 112 -7.27 2.82 52.89
N GLY B 113 -6.64 2.51 54.02
CA GLY B 113 -5.67 3.41 54.61
C GLY B 113 -4.68 2.73 55.55
N PRO B 114 -4.25 3.41 56.64
CA PRO B 114 -3.31 3.02 57.70
C PRO B 114 -3.45 1.87 58.72
N ASN B 115 -4.47 1.02 58.66
CA ASN B 115 -4.58 -0.10 59.66
C ASN B 115 -5.47 0.27 60.86
N TYR B 116 -5.13 1.37 61.54
CA TYR B 116 -5.91 1.79 62.70
C TYR B 116 -6.63 3.12 62.48
N TRP B 117 -7.90 3.17 62.88
CA TRP B 117 -8.74 4.37 62.75
C TRP B 117 -9.22 4.86 64.10
N GLY B 118 -9.78 6.06 64.11
CA GLY B 118 -10.33 6.62 65.32
C GLY B 118 -11.84 6.50 65.20
N GLN B 119 -12.58 6.93 66.21
CA GLN B 119 -14.03 6.85 66.15
C GLN B 119 -14.67 7.90 65.23
N GLY B 120 -13.88 8.88 64.81
CA GLY B 120 -14.39 9.91 63.92
C GLY B 120 -15.06 11.06 64.66
N THR B 121 -14.62 12.27 64.37
CA THR B 121 -15.19 13.46 64.98
C THR B 121 -15.91 14.32 63.94
N GLN B 122 -17.10 14.77 64.30
CA GLN B 122 -17.92 15.58 63.42
C GLN B 122 -17.50 17.04 63.31
N VAL B 123 -17.28 17.49 62.08
CA VAL B 123 -16.91 18.88 61.80
C VAL B 123 -18.05 19.48 60.96
N THR B 124 -18.44 20.70 61.29
CA THR B 124 -19.53 21.34 60.58
C THR B 124 -19.27 22.83 60.34
N VAL B 125 -19.37 23.23 59.08
CA VAL B 125 -19.14 24.63 58.69
C VAL B 125 -20.39 25.15 57.98
N GLN C 1 22.59 36.91 -40.93
CA GLN C 1 21.70 36.01 -40.15
C GLN C 1 21.43 34.72 -40.93
N TYR C 2 20.87 34.87 -42.12
CA TYR C 2 20.52 33.74 -42.97
C TYR C 2 21.66 33.37 -43.92
N ALA C 3 22.56 34.32 -44.14
CA ALA C 3 23.70 34.11 -45.03
C ALA C 3 24.76 33.24 -44.36
N PRO C 4 25.05 32.06 -44.94
CA PRO C 4 26.06 31.16 -44.36
C PRO C 4 27.41 31.84 -44.23
N GLN C 5 27.62 32.88 -45.03
CA GLN C 5 28.88 33.64 -44.99
C GLN C 5 30.07 32.80 -45.45
N THR C 6 29.83 31.71 -46.16
CA THR C 6 30.95 30.90 -46.64
C THR C 6 31.61 31.68 -47.76
N GLN C 7 32.80 31.27 -48.15
CA GLN C 7 33.50 31.95 -49.23
C GLN C 7 32.67 31.64 -50.50
N SER C 8 32.41 32.66 -51.30
CA SER C 8 31.60 32.54 -52.51
C SER C 8 31.84 31.27 -53.34
N GLY C 9 30.76 30.55 -53.64
CA GLY C 9 30.87 29.34 -54.42
C GLY C 9 30.95 28.06 -53.61
N ARG C 10 31.15 28.19 -52.31
CA ARG C 10 31.23 27.02 -51.43
C ARG C 10 29.84 26.87 -50.85
N THR C 11 29.21 25.72 -51.10
CA THR C 11 27.85 25.51 -50.67
C THR C 11 27.53 24.46 -49.61
N SER C 12 28.53 23.98 -48.89
CA SER C 12 28.26 23.00 -47.86
C SER C 12 29.17 23.17 -46.66
N ILE C 13 28.77 22.56 -45.56
CA ILE C 13 29.55 22.56 -44.33
C ILE C 13 29.48 21.13 -43.83
N VAL C 14 30.56 20.70 -43.17
CA VAL C 14 30.64 19.36 -42.62
C VAL C 14 30.69 19.41 -41.12
N HIS C 15 30.07 18.41 -40.50
CA HIS C 15 30.05 18.30 -39.06
C HIS C 15 31.15 17.29 -38.71
N LEU C 16 32.30 17.80 -38.31
CA LEU C 16 33.39 16.93 -37.93
C LEU C 16 33.15 16.62 -36.46
N PHE C 17 32.19 15.72 -36.24
CA PHE C 17 31.76 15.31 -34.92
C PHE C 17 32.88 14.85 -33.99
N GLU C 18 33.05 15.56 -32.88
CA GLU C 18 34.06 15.22 -31.87
C GLU C 18 35.51 15.33 -32.34
N TRP C 19 35.72 15.92 -33.52
CA TRP C 19 37.08 16.07 -34.01
C TRP C 19 37.85 17.03 -33.12
N ARG C 20 39.13 16.77 -32.96
CA ARG C 20 39.97 17.63 -32.13
C ARG C 20 40.33 18.87 -32.96
N TRP C 21 40.62 19.97 -32.27
CA TRP C 21 40.97 21.22 -32.92
C TRP C 21 42.15 21.08 -33.89
N VAL C 22 43.24 20.47 -33.43
CA VAL C 22 44.43 20.28 -34.24
C VAL C 22 44.17 19.51 -35.53
N ASP C 23 43.39 18.43 -35.43
CA ASP C 23 43.06 17.60 -36.58
C ASP C 23 42.26 18.38 -37.61
N ILE C 24 41.32 19.19 -37.16
CA ILE C 24 40.52 20.00 -38.06
C ILE C 24 41.44 20.99 -38.77
N ALA C 25 42.30 21.63 -38.00
CA ALA C 25 43.24 22.60 -38.55
C ALA C 25 43.92 21.97 -39.77
N LEU C 26 44.47 20.78 -39.61
CA LEU C 26 45.13 20.09 -40.70
C LEU C 26 44.17 19.72 -41.82
N GLU C 27 43.00 19.19 -41.45
CA GLU C 27 42.02 18.76 -42.45
C GLU C 27 41.54 19.91 -43.33
N CYS C 28 41.62 21.15 -42.83
CA CYS C 28 41.22 22.30 -43.62
C CYS C 28 42.24 22.56 -44.72
N GLU C 29 43.50 22.52 -44.33
CA GLU C 29 44.60 22.79 -45.25
C GLU C 29 44.86 21.65 -46.24
N ARG C 30 44.89 20.43 -45.75
CA ARG C 30 45.17 19.28 -46.61
C ARG C 30 43.97 18.79 -47.40
N TYR C 31 42.76 19.24 -47.07
CA TYR C 31 41.58 18.73 -47.75
C TYR C 31 40.36 19.63 -47.94
N LEU C 32 39.80 20.14 -46.84
CA LEU C 32 38.61 20.98 -46.92
C LEU C 32 38.74 22.18 -47.82
N GLY C 33 39.80 22.95 -47.65
CA GLY C 33 40.01 24.11 -48.48
C GLY C 33 40.12 23.69 -49.94
N PRO C 34 41.03 22.75 -50.26
CA PRO C 34 41.24 22.25 -51.62
C PRO C 34 40.00 21.64 -52.30
N LYS C 35 39.16 20.96 -51.54
CA LYS C 35 37.97 20.32 -52.11
C LYS C 35 36.71 21.19 -52.10
N GLY C 36 36.89 22.49 -51.85
CA GLY C 36 35.76 23.42 -51.87
C GLY C 36 34.69 23.33 -50.80
N PHE C 37 35.00 22.73 -49.64
CA PHE C 37 34.00 22.68 -48.58
C PHE C 37 33.84 24.10 -48.03
N GLY C 38 32.60 24.49 -47.74
CA GLY C 38 32.34 25.84 -47.26
C GLY C 38 32.63 26.10 -45.79
N GLY C 39 32.39 25.11 -44.94
CA GLY C 39 32.65 25.30 -43.53
C GLY C 39 32.64 24.05 -42.69
N VAL C 40 32.95 24.22 -41.42
CA VAL C 40 32.98 23.10 -40.48
C VAL C 40 32.20 23.41 -39.22
N GLN C 41 31.26 22.53 -38.91
CA GLN C 41 30.50 22.72 -37.68
C GLN C 41 31.32 21.94 -36.64
N VAL C 42 31.74 22.63 -35.59
CA VAL C 42 32.52 21.98 -34.55
C VAL C 42 31.67 21.70 -33.31
N SER C 43 32.05 20.66 -32.58
CA SER C 43 31.37 20.27 -31.34
C SER C 43 31.58 21.39 -30.32
N PRO C 44 30.71 21.46 -29.29
CA PRO C 44 30.84 22.51 -28.26
C PRO C 44 32.28 22.71 -27.76
N PRO C 45 32.80 23.94 -27.92
CA PRO C 45 34.15 24.33 -27.50
C PRO C 45 34.27 24.77 -26.03
N ASN C 46 33.13 24.95 -25.36
CA ASN C 46 33.13 25.37 -23.97
C ASN C 46 33.29 24.19 -23.02
N GLU C 47 33.83 24.47 -21.84
CA GLU C 47 34.07 23.46 -20.81
C GLU C 47 32.79 22.72 -20.43
N ASN C 48 32.88 21.39 -20.35
CA ASN C 48 31.73 20.55 -20.00
C ASN C 48 32.09 19.67 -18.81
N ILE C 49 31.06 19.07 -18.22
CA ILE C 49 31.24 18.19 -17.05
C ILE C 49 31.73 16.82 -17.51
N VAL C 50 32.64 16.24 -16.75
CA VAL C 50 33.15 14.91 -17.09
C VAL C 50 32.14 13.86 -16.64
N VAL C 51 31.92 12.87 -17.49
CA VAL C 51 30.98 11.79 -17.19
C VAL C 51 31.73 10.47 -17.18
N THR C 52 31.97 9.94 -15.98
CA THR C 52 32.72 8.70 -15.80
C THR C 52 31.94 7.41 -15.98
N ASN C 53 30.61 7.49 -15.88
CA ASN C 53 29.79 6.29 -16.08
C ASN C 53 28.50 6.69 -16.80
N PRO C 54 28.36 6.25 -18.06
CA PRO C 54 29.36 5.43 -18.77
C PRO C 54 30.62 6.27 -18.92
N SER C 55 31.71 5.64 -19.34
CA SER C 55 32.97 6.34 -19.49
C SER C 55 33.12 7.30 -20.69
N ARG C 56 33.12 8.60 -20.39
CA ARG C 56 33.28 9.64 -21.40
C ARG C 56 32.41 9.52 -22.67
N PRO C 57 31.07 9.55 -22.51
CA PRO C 57 30.17 9.45 -23.66
C PRO C 57 30.21 10.80 -24.38
N TRP C 58 29.82 10.80 -25.64
CA TRP C 58 29.83 12.03 -26.44
C TRP C 58 28.85 13.09 -25.91
N TRP C 59 27.71 12.64 -25.42
CA TRP C 59 26.70 13.59 -24.95
C TRP C 59 27.07 14.32 -23.67
N GLU C 60 28.27 14.09 -23.17
CA GLU C 60 28.69 14.79 -21.95
C GLU C 60 29.04 16.22 -22.35
N ARG C 61 29.34 16.41 -23.63
CA ARG C 61 29.71 17.72 -24.16
C ARG C 61 28.52 18.66 -24.26
N TYR C 62 27.35 18.18 -23.86
CA TYR C 62 26.17 19.03 -23.89
C TYR C 62 25.74 19.38 -22.46
N GLN C 63 26.70 19.27 -21.54
CA GLN C 63 26.48 19.61 -20.15
C GLN C 63 27.58 20.60 -19.77
N PRO C 64 27.36 21.89 -20.07
CA PRO C 64 28.31 22.97 -19.78
C PRO C 64 28.54 23.24 -18.29
N VAL C 65 29.78 23.55 -17.95
CA VAL C 65 30.15 23.89 -16.57
C VAL C 65 30.71 25.31 -16.56
N SER C 66 31.05 25.80 -17.76
CA SER C 66 31.58 27.16 -17.93
C SER C 66 31.70 27.46 -19.41
N TYR C 67 32.24 28.63 -19.73
CA TYR C 67 32.40 29.04 -21.12
C TYR C 67 33.85 29.14 -21.56
N LYS C 68 34.74 28.58 -20.75
CA LYS C 68 36.17 28.58 -21.08
C LYS C 68 36.37 27.56 -22.20
N LEU C 69 37.02 28.00 -23.28
CA LEU C 69 37.28 27.15 -24.43
C LEU C 69 38.33 26.12 -24.05
N CYS C 70 37.87 25.07 -23.38
CA CYS C 70 38.75 24.02 -22.90
C CYS C 70 37.97 22.71 -22.80
N THR C 71 38.25 21.79 -23.73
CA THR C 71 37.57 20.49 -23.76
C THR C 71 38.46 19.38 -24.32
N ARG C 72 37.86 18.21 -24.54
CA ARG C 72 38.59 17.07 -25.07
C ARG C 72 39.11 17.38 -26.49
N SER C 73 38.50 18.36 -27.14
CA SER C 73 38.92 18.74 -28.48
C SER C 73 40.15 19.64 -28.42
N GLY C 74 40.39 20.24 -27.26
CA GLY C 74 41.55 21.09 -27.12
C GLY C 74 41.40 22.31 -26.23
N ASN C 75 42.47 23.08 -26.11
CA ASN C 75 42.47 24.28 -25.29
C ASN C 75 42.31 25.50 -26.19
N GLU C 76 41.95 26.63 -25.57
CA GLU C 76 41.72 27.87 -26.29
C GLU C 76 42.73 28.18 -27.39
N ASN C 77 44.00 27.87 -27.12
CA ASN C 77 45.05 28.11 -28.09
C ASN C 77 44.81 27.29 -29.36
N GLU C 78 44.58 25.99 -29.17
CA GLU C 78 44.36 25.07 -30.28
C GLU C 78 43.08 25.44 -31.04
N PHE C 79 42.18 26.15 -30.36
CA PHE C 79 40.93 26.57 -31.00
C PHE C 79 41.21 27.79 -31.86
N ARG C 80 42.00 28.71 -31.32
CA ARG C 80 42.34 29.92 -32.05
C ARG C 80 43.14 29.58 -33.29
N ASP C 81 44.09 28.65 -33.12
CA ASP C 81 44.94 28.22 -34.23
C ASP C 81 44.08 27.67 -35.36
N MET C 82 43.25 26.70 -35.02
CA MET C 82 42.33 26.06 -35.95
C MET C 82 41.56 27.10 -36.76
N VAL C 83 40.82 27.95 -36.06
CA VAL C 83 40.01 28.99 -36.69
C VAL C 83 40.82 29.87 -37.65
N THR C 84 42.01 30.25 -37.24
CA THR C 84 42.85 31.11 -38.09
C THR C 84 43.30 30.36 -39.33
N ARG C 85 43.83 29.17 -39.14
CA ARG C 85 44.35 28.35 -40.22
C ARG C 85 43.26 27.92 -41.20
N CYS C 86 42.07 27.63 -40.67
CA CYS C 86 40.97 27.22 -41.54
C CYS C 86 40.45 28.41 -42.36
N ASN C 87 40.35 29.59 -41.75
CA ASN C 87 39.88 30.77 -42.47
C ASN C 87 40.88 31.13 -43.56
N ASN C 88 42.16 30.87 -43.32
CA ASN C 88 43.18 31.21 -44.31
C ASN C 88 43.15 30.37 -45.58
N VAL C 89 42.31 29.34 -45.60
CA VAL C 89 42.19 28.50 -46.80
C VAL C 89 40.75 28.60 -47.29
N GLY C 90 40.01 29.55 -46.73
CA GLY C 90 38.64 29.76 -47.12
C GLY C 90 37.59 28.81 -46.59
N VAL C 91 37.80 28.29 -45.38
CA VAL C 91 36.84 27.36 -44.78
C VAL C 91 36.38 27.93 -43.45
N ARG C 92 35.08 28.19 -43.35
CA ARG C 92 34.50 28.75 -42.13
C ARG C 92 34.34 27.73 -41.00
N ILE C 93 34.15 28.23 -39.78
CA ILE C 93 33.95 27.38 -38.61
C ILE C 93 32.68 27.88 -37.92
N TYR C 94 31.75 26.97 -37.66
CA TYR C 94 30.51 27.31 -37.01
C TYR C 94 30.40 26.53 -35.71
N VAL C 95 30.35 27.24 -34.59
CA VAL C 95 30.26 26.64 -33.28
C VAL C 95 28.85 26.21 -32.87
N ASP C 96 28.81 25.04 -32.23
CA ASP C 96 27.61 24.42 -31.70
C ASP C 96 27.46 25.04 -30.31
N ALA C 97 26.62 26.07 -30.21
CA ALA C 97 26.42 26.75 -28.95
C ALA C 97 25.35 26.13 -28.05
N VAL C 98 25.79 25.59 -26.91
CA VAL C 98 24.89 24.97 -25.94
C VAL C 98 24.61 26.09 -24.93
N ILE C 99 23.46 26.73 -25.07
CA ILE C 99 23.12 27.86 -24.22
C ILE C 99 21.76 27.84 -23.52
N ASN C 100 21.05 26.71 -23.56
CA ASN C 100 19.75 26.62 -22.92
C ASN C 100 19.91 26.03 -21.52
N HIS C 101 21.13 25.66 -21.17
CA HIS C 101 21.33 25.02 -19.89
C HIS C 101 22.80 24.81 -19.50
N MET C 102 22.99 24.22 -18.32
CA MET C 102 24.32 23.89 -17.83
C MET C 102 24.25 22.38 -17.60
N CYS C 103 25.20 21.81 -16.87
CA CYS C 103 25.18 20.35 -16.65
C CYS C 103 23.96 19.85 -15.89
N GLY C 104 23.86 18.53 -15.76
CA GLY C 104 22.73 17.93 -15.07
C GLY C 104 22.56 18.35 -13.62
N SER C 105 21.32 18.59 -13.20
CA SER C 105 21.04 19.02 -11.85
C SER C 105 21.55 18.04 -10.80
N GLY C 106 21.69 16.77 -11.22
CA GLY C 106 22.15 15.74 -10.30
C GLY C 106 23.63 15.38 -10.32
N ALA C 107 24.42 16.11 -11.10
CA ALA C 107 25.85 15.85 -11.18
C ALA C 107 26.53 16.20 -9.84
N ALA C 108 27.53 15.43 -9.46
CA ALA C 108 28.25 15.65 -8.22
C ALA C 108 29.08 16.94 -8.30
N ALA C 109 29.20 17.63 -7.17
CA ALA C 109 29.97 18.87 -7.12
C ALA C 109 31.46 18.56 -7.08
N GLY C 110 32.26 19.49 -7.57
CA GLY C 110 33.69 19.27 -7.59
C GLY C 110 34.37 19.85 -8.81
N THR C 111 35.58 19.39 -9.09
CA THR C 111 36.35 19.87 -10.22
C THR C 111 36.44 18.81 -11.31
N GLY C 112 35.46 17.91 -11.34
CA GLY C 112 35.45 16.86 -12.35
C GLY C 112 34.93 17.41 -13.67
N THR C 113 35.67 18.35 -14.23
CA THR C 113 35.30 19.00 -15.48
C THR C 113 36.44 19.09 -16.48
N THR C 114 36.09 19.16 -17.76
CA THR C 114 37.08 19.21 -18.85
C THR C 114 38.21 20.21 -18.64
N CYS C 115 38.06 21.12 -17.68
CA CYS C 115 39.12 22.08 -17.41
C CYS C 115 39.50 22.19 -15.95
N GLY C 116 38.86 21.39 -15.10
CA GLY C 116 39.17 21.40 -13.68
C GLY C 116 38.53 22.53 -12.90
N SER C 117 37.52 23.17 -13.48
CA SER C 117 36.83 24.26 -12.81
C SER C 117 35.80 23.64 -11.86
N TYR C 118 35.57 24.30 -10.73
CA TYR C 118 34.62 23.81 -9.74
C TYR C 118 33.19 24.18 -10.11
N CYS C 119 32.25 23.34 -9.68
CA CYS C 119 30.84 23.59 -9.90
C CYS C 119 29.99 22.72 -8.97
N ASN C 120 28.93 23.30 -8.45
CA ASN C 120 28.03 22.59 -7.54
C ASN C 120 26.63 22.53 -8.15
N PRO C 121 26.39 21.59 -9.07
CA PRO C 121 25.11 21.42 -9.74
C PRO C 121 23.94 21.39 -8.75
N GLY C 122 24.23 20.85 -7.57
CA GLY C 122 23.21 20.75 -6.54
C GLY C 122 22.67 22.08 -6.05
N SER C 123 23.54 23.09 -6.00
CA SER C 123 23.14 24.42 -5.55
C SER C 123 23.17 25.45 -6.69
N ARG C 124 23.04 24.98 -7.92
CA ARG C 124 23.06 25.89 -9.07
C ARG C 124 24.30 26.77 -9.06
N GLU C 125 25.44 26.23 -8.61
CA GLU C 125 26.68 27.01 -8.54
C GLU C 125 27.68 26.77 -9.66
N PHE C 126 28.02 27.85 -10.36
CA PHE C 126 28.98 27.81 -11.45
C PHE C 126 29.84 29.07 -11.40
N PRO C 127 30.72 29.15 -10.40
CA PRO C 127 31.63 30.28 -10.18
C PRO C 127 32.41 30.69 -11.42
N ALA C 128 32.72 29.73 -12.27
CA ALA C 128 33.49 30.01 -13.48
C ALA C 128 32.79 30.94 -14.46
N VAL C 129 31.46 30.92 -14.48
CA VAL C 129 30.75 31.77 -15.41
C VAL C 129 30.76 33.26 -15.04
N PRO C 130 30.22 33.62 -13.86
CA PRO C 130 29.58 32.76 -12.86
C PRO C 130 28.04 32.78 -12.89
N TYR C 131 27.44 31.68 -12.46
CA TYR C 131 25.98 31.57 -12.39
C TYR C 131 25.53 31.18 -10.99
N SER C 132 24.42 31.75 -10.55
CA SER C 132 23.89 31.44 -9.23
C SER C 132 22.52 30.81 -9.44
N ALA C 133 21.85 30.43 -8.36
CA ALA C 133 20.54 29.83 -8.45
C ALA C 133 19.54 30.79 -9.08
N TRP C 134 19.79 32.09 -8.97
CA TRP C 134 18.88 33.06 -9.58
C TRP C 134 19.11 33.22 -11.07
N ASP C 135 20.00 32.40 -11.61
CA ASP C 135 20.29 32.42 -13.03
C ASP C 135 19.73 31.16 -13.68
N PHE C 136 18.72 30.58 -13.02
CA PHE C 136 18.08 29.36 -13.51
C PHE C 136 16.57 29.45 -13.34
N ASN C 137 15.82 28.70 -14.14
CA ASN C 137 14.36 28.71 -14.10
C ASN C 137 13.66 27.89 -13.04
N ASP C 138 14.41 27.35 -12.09
CA ASP C 138 13.81 26.51 -11.06
C ASP C 138 12.38 26.88 -10.60
N GLY C 139 12.11 28.16 -10.38
CA GLY C 139 10.79 28.56 -9.93
C GLY C 139 9.74 28.83 -11.01
N LYS C 140 10.19 29.10 -12.24
CA LYS C 140 9.27 29.39 -13.35
C LYS C 140 8.55 28.17 -13.96
N CYS C 141 9.15 27.00 -13.88
CA CYS C 141 8.51 25.80 -14.42
C CYS C 141 7.24 25.60 -13.60
N LYS C 142 6.21 25.03 -14.21
CA LYS C 142 4.96 24.82 -13.51
C LYS C 142 4.50 23.36 -13.48
N THR C 143 5.46 22.45 -13.63
CA THR C 143 5.15 21.03 -13.58
C THR C 143 5.64 20.50 -12.24
N ALA C 144 4.90 19.57 -11.65
CA ALA C 144 5.28 18.99 -10.38
C ALA C 144 6.74 18.53 -10.40
N SER C 145 7.08 17.75 -11.42
CA SER C 145 8.43 17.20 -11.57
C SER C 145 9.52 18.22 -11.84
N GLY C 146 9.15 19.35 -12.44
CA GLY C 146 10.13 20.38 -12.75
C GLY C 146 10.78 20.10 -14.10
N GLY C 147 10.36 19.01 -14.74
CA GLY C 147 10.88 18.64 -16.05
C GLY C 147 9.73 18.62 -17.03
N ILE C 148 10.01 18.48 -18.32
CA ILE C 148 8.94 18.45 -19.32
C ILE C 148 8.17 17.14 -19.21
N GLU C 149 6.85 17.22 -19.32
CA GLU C 149 6.00 16.03 -19.22
C GLU C 149 5.07 15.95 -20.43
N SER C 150 5.04 17.02 -21.21
CA SER C 150 4.21 17.10 -22.40
C SER C 150 4.76 18.16 -23.35
N TYR C 151 5.00 17.76 -24.59
CA TYR C 151 5.52 18.66 -25.61
C TYR C 151 4.39 19.38 -26.33
N ASN C 152 3.23 19.42 -25.69
CA ASN C 152 2.09 20.10 -26.25
C ASN C 152 1.87 21.45 -25.58
N ASP C 153 2.66 21.70 -24.53
CA ASP C 153 2.60 22.94 -23.77
C ASP C 153 3.91 23.68 -24.03
N PRO C 154 3.85 24.84 -24.71
CA PRO C 154 5.05 25.62 -25.01
C PRO C 154 5.80 26.11 -23.78
N TYR C 155 5.07 26.41 -22.71
CA TYR C 155 5.69 26.92 -21.50
C TYR C 155 6.63 25.95 -20.82
N GLN C 156 6.24 24.70 -20.66
CA GLN C 156 7.13 23.78 -20.00
C GLN C 156 8.35 23.37 -20.83
N VAL C 157 8.17 23.12 -22.12
CA VAL C 157 9.32 22.71 -22.93
C VAL C 157 10.40 23.80 -22.92
N ARG C 158 10.05 25.00 -22.47
CA ARG C 158 11.01 26.10 -22.44
C ARG C 158 11.48 26.52 -21.04
N ASP C 159 10.57 26.55 -20.09
CA ASP C 159 10.90 26.96 -18.73
C ASP C 159 11.34 25.78 -17.85
N CYS C 160 10.99 24.57 -18.25
CA CYS C 160 11.34 23.38 -17.48
C CYS C 160 12.61 22.69 -17.95
N GLN C 161 13.12 21.79 -17.13
CA GLN C 161 14.36 21.08 -17.42
C GLN C 161 14.28 19.96 -18.45
N LEU C 162 15.23 20.00 -19.40
CA LEU C 162 15.33 18.98 -20.45
C LEU C 162 16.15 17.84 -19.85
N VAL C 163 15.58 16.65 -19.81
CA VAL C 163 16.23 15.47 -19.23
C VAL C 163 17.09 15.81 -18.01
N GLY C 164 16.58 16.69 -17.15
CA GLY C 164 17.30 17.06 -15.93
C GLY C 164 18.34 18.17 -15.99
N LEU C 165 18.58 18.73 -17.16
CA LEU C 165 19.55 19.80 -17.31
C LEU C 165 19.06 21.07 -16.62
N LEU C 166 19.98 21.76 -15.94
CA LEU C 166 19.64 23.01 -15.25
C LEU C 166 19.29 24.04 -16.33
N ASP C 167 18.00 24.38 -16.38
CA ASP C 167 17.48 25.31 -17.38
C ASP C 167 17.81 26.77 -17.05
N LEU C 168 18.75 27.32 -17.79
CA LEU C 168 19.21 28.69 -17.63
C LEU C 168 18.03 29.67 -17.68
N ALA C 169 18.16 30.79 -16.99
CA ALA C 169 17.10 31.81 -16.94
C ALA C 169 17.32 32.84 -18.06
N LEU C 170 17.04 32.40 -19.28
CA LEU C 170 17.20 33.20 -20.49
C LEU C 170 16.37 34.48 -20.59
N GLU C 171 15.62 34.79 -19.54
CA GLU C 171 14.82 36.01 -19.57
C GLU C 171 15.66 37.14 -19.01
N LYS C 172 16.54 36.82 -18.06
CA LYS C 172 17.40 37.81 -17.44
C LYS C 172 18.47 38.35 -18.37
N ASP C 173 18.66 39.66 -18.31
CA ASP C 173 19.67 40.33 -19.12
C ASP C 173 21.05 39.84 -18.72
N TYR C 174 21.25 39.60 -17.43
CA TYR C 174 22.54 39.12 -16.96
C TYR C 174 22.92 37.86 -17.73
N VAL C 175 21.98 36.94 -17.85
CA VAL C 175 22.18 35.69 -18.55
C VAL C 175 22.37 35.95 -20.05
N ARG C 176 21.44 36.68 -20.65
CA ARG C 176 21.53 36.99 -22.06
C ARG C 176 22.91 37.56 -22.39
N SER C 177 23.37 38.47 -21.54
CA SER C 177 24.67 39.11 -21.73
C SER C 177 25.84 38.18 -21.50
N MET C 178 25.72 37.30 -20.52
CA MET C 178 26.80 36.35 -20.22
C MET C 178 27.02 35.42 -21.39
N ILE C 179 25.93 34.90 -21.95
CA ILE C 179 26.00 34.01 -23.09
C ILE C 179 26.60 34.79 -24.27
N ALA C 180 26.07 35.98 -24.51
CA ALA C 180 26.56 36.80 -25.61
C ALA C 180 28.06 37.08 -25.51
N ASP C 181 28.57 37.15 -24.28
CA ASP C 181 30.00 37.39 -24.08
C ASP C 181 30.78 36.18 -24.60
N TYR C 182 30.23 35.01 -24.36
CA TYR C 182 30.84 33.77 -24.80
C TYR C 182 30.88 33.80 -26.34
N LEU C 183 29.71 34.01 -26.92
CA LEU C 183 29.57 34.05 -28.37
C LEU C 183 30.33 35.17 -29.04
N ASN C 184 30.47 36.31 -28.37
CA ASN C 184 31.21 37.41 -28.96
C ASN C 184 32.70 37.10 -28.94
N LYS C 185 33.11 36.37 -27.91
CA LYS C 185 34.50 35.97 -27.79
C LYS C 185 34.79 35.13 -29.03
N LEU C 186 33.83 34.26 -29.37
CA LEU C 186 33.95 33.39 -30.53
C LEU C 186 34.00 34.16 -31.84
N ILE C 187 33.08 35.11 -32.01
CA ILE C 187 33.04 35.94 -33.21
C ILE C 187 34.39 36.61 -33.37
N ASP C 188 34.79 37.31 -32.32
CA ASP C 188 36.07 38.00 -32.33
C ASP C 188 37.19 37.05 -32.76
N ILE C 189 37.15 35.82 -32.27
CA ILE C 189 38.15 34.82 -32.64
C ILE C 189 38.16 34.65 -34.16
N GLY C 190 36.97 34.67 -34.76
CA GLY C 190 36.87 34.51 -36.20
C GLY C 190 35.73 33.61 -36.66
N VAL C 191 35.02 33.01 -35.72
CA VAL C 191 33.89 32.12 -36.04
C VAL C 191 32.92 32.80 -37.00
N ALA C 192 32.38 32.03 -37.94
CA ALA C 192 31.45 32.55 -38.93
C ALA C 192 29.98 32.48 -38.53
N GLY C 193 29.66 31.66 -37.54
CA GLY C 193 28.27 31.53 -37.12
C GLY C 193 28.05 30.41 -36.12
N PHE C 194 26.80 30.17 -35.77
CA PHE C 194 26.50 29.12 -34.79
C PHE C 194 25.29 28.25 -35.04
N ARG C 195 25.27 27.12 -34.34
CA ARG C 195 24.18 26.18 -34.36
C ARG C 195 23.59 26.38 -32.98
N ILE C 196 22.41 26.95 -32.88
CA ILE C 196 21.80 27.15 -31.58
C ILE C 196 21.21 25.81 -31.15
N ASP C 197 21.86 25.20 -30.17
CA ASP C 197 21.42 23.91 -29.66
C ASP C 197 20.16 24.06 -28.81
N ALA C 198 19.31 23.04 -28.86
CA ALA C 198 18.06 23.03 -28.09
C ALA C 198 17.24 24.30 -28.21
N SER C 199 17.22 24.89 -29.41
CA SER C 199 16.46 26.11 -29.63
C SER C 199 14.99 25.87 -29.36
N LYS C 200 14.60 24.61 -29.42
CA LYS C 200 13.22 24.20 -29.17
C LYS C 200 12.84 24.60 -27.75
N HIS C 201 13.72 24.30 -26.82
CA HIS C 201 13.48 24.58 -25.41
C HIS C 201 13.78 26.01 -24.93
N MET C 202 13.78 26.95 -25.87
CA MET C 202 14.00 28.34 -25.53
C MET C 202 12.94 29.19 -26.22
N TRP C 203 12.75 30.42 -25.72
CA TRP C 203 11.79 31.33 -26.32
C TRP C 203 12.47 32.12 -27.44
N PRO C 204 11.83 32.21 -28.61
CA PRO C 204 12.37 32.94 -29.77
C PRO C 204 12.81 34.35 -29.43
N GLY C 205 12.04 35.03 -28.59
CA GLY C 205 12.37 36.39 -28.21
C GLY C 205 13.63 36.48 -27.40
N ASP C 206 13.87 35.49 -26.53
CA ASP C 206 15.07 35.49 -25.72
C ASP C 206 16.28 35.25 -26.63
N ILE C 207 16.11 34.38 -27.62
CA ILE C 207 17.17 34.09 -28.56
C ILE C 207 17.49 35.38 -29.33
N LYS C 208 16.45 36.12 -29.71
CA LYS C 208 16.67 37.36 -30.45
C LYS C 208 17.52 38.29 -29.59
N ALA C 209 17.17 38.37 -28.30
CA ALA C 209 17.87 39.22 -27.35
C ALA C 209 19.38 38.92 -27.31
N VAL C 210 19.75 37.65 -27.31
CA VAL C 210 21.16 37.29 -27.28
C VAL C 210 21.82 37.57 -28.63
N LEU C 211 21.10 37.27 -29.71
CA LEU C 211 21.63 37.51 -31.05
C LEU C 211 21.90 38.98 -31.28
N ASP C 212 21.03 39.84 -30.77
CA ASP C 212 21.19 41.29 -30.97
C ASP C 212 22.38 41.90 -30.23
N LYS C 213 23.11 41.08 -29.47
CA LYS C 213 24.28 41.55 -28.74
C LYS C 213 25.55 41.12 -29.47
N LEU C 214 25.38 40.27 -30.49
CA LEU C 214 26.51 39.77 -31.26
C LEU C 214 27.17 40.86 -32.08
N HIS C 215 28.49 40.77 -32.21
CA HIS C 215 29.26 41.73 -32.99
C HIS C 215 29.25 41.34 -34.47
N ASN C 216 29.70 42.23 -35.34
CA ASN C 216 29.76 41.90 -36.75
C ASN C 216 30.89 40.90 -36.88
N LEU C 217 31.04 40.31 -38.05
CA LEU C 217 32.11 39.36 -38.21
C LEU C 217 33.47 40.02 -38.38
N ASN C 218 34.49 39.36 -37.84
CA ASN C 218 35.87 39.79 -37.87
C ASN C 218 36.31 40.19 -39.29
N THR C 219 36.24 41.48 -39.61
CA THR C 219 36.61 41.96 -40.94
C THR C 219 37.91 41.44 -41.55
N ASN C 220 38.83 40.94 -40.73
CA ASN C 220 40.08 40.41 -41.26
C ASN C 220 39.82 39.29 -42.26
N TRP C 221 38.65 38.68 -42.17
CA TRP C 221 38.27 37.59 -43.07
C TRP C 221 36.95 37.86 -43.80
N PHE C 222 36.09 38.67 -43.21
CA PHE C 222 34.80 38.99 -43.82
C PHE C 222 34.64 40.50 -43.99
N PRO C 223 33.70 40.93 -44.84
CA PRO C 223 33.47 42.36 -45.06
C PRO C 223 32.78 43.10 -43.90
N ALA C 224 32.93 44.42 -43.93
CA ALA C 224 32.40 45.36 -42.95
C ALA C 224 31.16 44.98 -42.13
N GLY C 225 30.02 44.78 -42.78
CA GLY C 225 28.82 44.46 -42.04
C GLY C 225 28.43 43.00 -41.98
N SER C 226 29.41 42.10 -41.98
CA SER C 226 29.12 40.67 -41.93
C SER C 226 28.39 40.27 -40.63
N ARG C 227 27.20 39.69 -40.78
CA ARG C 227 26.42 39.23 -39.64
C ARG C 227 26.66 37.74 -39.50
N PRO C 228 26.74 37.24 -38.27
CA PRO C 228 26.96 35.80 -38.08
C PRO C 228 25.83 34.94 -38.62
N PHE C 229 26.20 33.80 -39.21
CA PHE C 229 25.23 32.86 -39.75
C PHE C 229 24.65 32.14 -38.52
N ILE C 230 23.33 32.00 -38.50
CA ILE C 230 22.69 31.38 -37.36
C ILE C 230 21.71 30.29 -37.76
N PHE C 231 21.94 29.06 -37.32
CA PHE C 231 20.99 27.99 -37.60
C PHE C 231 20.58 27.28 -36.31
N GLN C 232 19.29 27.45 -35.99
CA GLN C 232 18.69 26.93 -34.78
C GLN C 232 18.24 25.49 -34.86
N GLU C 233 18.65 24.69 -33.88
CA GLU C 233 18.30 23.28 -33.84
C GLU C 233 16.91 23.07 -33.23
N VAL C 234 15.89 23.09 -34.08
CA VAL C 234 14.51 22.90 -33.65
C VAL C 234 13.94 21.60 -34.26
N ILE C 235 13.82 20.56 -33.44
CA ILE C 235 13.26 19.30 -33.93
C ILE C 235 11.75 19.45 -34.01
N ASP C 236 11.22 19.63 -35.21
CA ASP C 236 9.78 19.78 -35.37
C ASP C 236 9.24 18.93 -36.50
N LEU C 237 8.88 17.70 -36.18
CA LEU C 237 8.33 16.80 -37.21
C LEU C 237 6.84 17.01 -37.30
N GLY C 238 6.37 18.09 -36.69
CA GLY C 238 4.94 18.39 -36.69
C GLY C 238 4.26 17.61 -35.59
N GLY C 239 3.02 17.97 -35.28
CA GLY C 239 2.30 17.26 -34.25
C GLY C 239 2.57 17.76 -32.84
N GLU C 240 3.33 18.85 -32.74
CA GLU C 240 3.65 19.42 -31.43
C GLU C 240 3.20 20.86 -31.39
N ALA C 241 3.35 21.47 -30.22
CA ALA C 241 2.96 22.85 -30.03
C ALA C 241 3.99 23.79 -30.65
N ILE C 242 5.26 23.44 -30.52
CA ILE C 242 6.34 24.28 -31.03
C ILE C 242 6.61 24.11 -32.53
N LYS C 243 6.30 25.16 -33.28
CA LYS C 243 6.52 25.16 -34.73
C LYS C 243 7.87 25.78 -35.03
N SER C 244 8.54 25.30 -36.08
CA SER C 244 9.85 25.84 -36.44
C SER C 244 9.76 27.24 -37.02
N SER C 245 8.63 27.57 -37.63
CA SER C 245 8.44 28.89 -38.22
C SER C 245 8.51 30.01 -37.19
N GLU C 246 8.44 29.63 -35.91
CA GLU C 246 8.49 30.63 -34.84
C GLU C 246 9.89 31.15 -34.61
N TYR C 247 10.86 30.56 -35.31
CA TYR C 247 12.26 30.97 -35.16
C TYR C 247 12.86 31.61 -36.40
N PHE C 248 12.08 31.76 -37.47
CA PHE C 248 12.61 32.34 -38.68
C PHE C 248 13.13 33.76 -38.48
N GLY C 249 12.66 34.43 -37.42
CA GLY C 249 13.11 35.79 -37.17
C GLY C 249 14.55 35.88 -36.72
N ASN C 250 15.06 34.81 -36.12
CA ASN C 250 16.42 34.80 -35.60
C ASN C 250 17.44 34.26 -36.59
N GLY C 251 16.96 33.53 -37.59
CA GLY C 251 17.85 32.97 -38.58
C GLY C 251 17.25 31.69 -39.15
N ARG C 252 18.10 30.88 -39.78
CA ARG C 252 17.64 29.64 -40.38
C ARG C 252 17.40 28.56 -39.33
N VAL C 253 16.64 27.53 -39.70
CA VAL C 253 16.30 26.44 -38.80
C VAL C 253 16.47 25.05 -39.40
N THR C 254 17.04 24.15 -38.61
CA THR C 254 17.26 22.76 -39.04
C THR C 254 15.94 22.09 -39.47
N GLU C 255 15.92 21.52 -40.67
CA GLU C 255 14.72 20.85 -41.16
C GLU C 255 14.83 19.32 -41.01
N PHE C 256 14.51 18.82 -39.82
CA PHE C 256 14.59 17.40 -39.55
C PHE C 256 13.60 16.61 -40.39
N LYS C 257 12.57 17.30 -40.88
CA LYS C 257 11.57 16.68 -41.73
C LYS C 257 12.29 16.15 -42.97
N TYR C 258 13.27 16.94 -43.42
CA TYR C 258 14.04 16.60 -44.60
C TYR C 258 14.64 15.20 -44.53
N GLY C 259 15.51 14.98 -43.55
CA GLY C 259 16.15 13.69 -43.41
C GLY C 259 15.22 12.52 -43.11
N ALA C 260 14.16 12.78 -42.35
CA ALA C 260 13.21 11.73 -42.02
C ALA C 260 12.43 11.30 -43.27
N LYS C 261 12.08 12.28 -44.11
CA LYS C 261 11.33 11.97 -45.32
C LYS C 261 12.19 11.33 -46.40
N LEU C 262 13.39 11.87 -46.61
CA LEU C 262 14.30 11.35 -47.63
C LEU C 262 14.68 9.91 -47.29
N GLY C 263 15.06 9.69 -46.04
CA GLY C 263 15.45 8.36 -45.60
C GLY C 263 14.38 7.32 -45.89
N THR C 264 13.12 7.68 -45.64
CA THR C 264 12.00 6.77 -45.88
C THR C 264 11.81 6.44 -47.36
N VAL C 265 11.97 7.45 -48.22
CA VAL C 265 11.81 7.23 -49.65
C VAL C 265 12.95 6.39 -50.23
N VAL C 266 14.19 6.73 -49.87
CA VAL C 266 15.34 5.99 -50.37
C VAL C 266 15.36 4.55 -49.89
N ARG C 267 14.86 4.31 -48.68
CA ARG C 267 14.82 2.96 -48.16
C ARG C 267 13.61 2.29 -48.77
N LYS C 268 12.84 3.09 -49.52
CA LYS C 268 11.63 2.64 -50.18
C LYS C 268 10.68 1.97 -49.21
N TRP C 269 10.46 2.62 -48.07
CA TRP C 269 9.56 2.10 -47.04
C TRP C 269 8.16 2.66 -47.22
N SER C 270 7.18 1.97 -46.63
CA SER C 270 5.77 2.34 -46.65
C SER C 270 5.16 2.69 -48.01
N GLY C 271 5.72 2.14 -49.08
CA GLY C 271 5.18 2.40 -50.40
C GLY C 271 5.77 3.60 -51.13
N GLU C 272 6.73 4.26 -50.51
CA GLU C 272 7.36 5.44 -51.11
C GLU C 272 8.21 5.06 -52.32
N LYS C 273 8.46 6.04 -53.17
CA LYS C 273 9.26 5.82 -54.37
C LYS C 273 10.02 7.10 -54.69
N MET C 274 11.14 6.98 -55.40
CA MET C 274 11.91 8.18 -55.73
C MET C 274 11.24 9.09 -56.73
N SER C 275 10.45 8.52 -57.63
CA SER C 275 9.77 9.34 -58.63
C SER C 275 8.89 10.39 -57.97
N TYR C 276 8.47 10.12 -56.72
CA TYR C 276 7.62 11.05 -55.98
C TYR C 276 8.37 12.31 -55.56
N LEU C 277 9.69 12.29 -55.64
CA LEU C 277 10.49 13.44 -55.24
C LEU C 277 10.44 14.61 -56.22
N LYS C 278 9.68 14.45 -57.29
CA LYS C 278 9.58 15.49 -58.30
C LYS C 278 9.40 16.90 -57.71
N ASN C 279 8.48 17.05 -56.76
CA ASN C 279 8.21 18.34 -56.14
C ASN C 279 8.87 18.50 -54.78
N TRP C 280 9.99 17.80 -54.59
CA TRP C 280 10.76 17.84 -53.35
C TRP C 280 10.98 19.29 -52.90
N GLY C 281 10.84 19.54 -51.60
CA GLY C 281 11.02 20.88 -51.06
C GLY C 281 9.75 21.39 -50.39
N GLU C 282 9.56 22.70 -50.38
CA GLU C 282 8.38 23.30 -49.78
C GLU C 282 7.15 22.45 -50.08
N GLY C 283 7.05 22.02 -51.33
CA GLY C 283 5.95 21.21 -51.79
C GLY C 283 5.64 19.96 -50.99
N TRP C 284 6.62 19.45 -50.26
CA TRP C 284 6.39 18.26 -49.45
C TRP C 284 5.92 18.62 -48.04
N GLY C 285 5.95 19.91 -47.72
CA GLY C 285 5.52 20.33 -46.41
C GLY C 285 6.61 21.01 -45.60
N PHE C 286 7.79 21.14 -46.20
CA PHE C 286 8.94 21.74 -45.54
C PHE C 286 8.86 23.28 -45.48
N MET C 287 9.76 23.85 -44.68
CA MET C 287 9.86 25.30 -44.52
C MET C 287 10.49 25.93 -45.77
N PRO C 288 10.59 27.28 -45.81
CA PRO C 288 11.17 27.96 -46.99
C PRO C 288 12.64 27.58 -47.18
N SER C 289 13.04 27.43 -48.44
CA SER C 289 14.40 27.06 -48.77
C SER C 289 15.41 27.98 -48.13
N ASP C 290 15.18 29.29 -48.27
CA ASP C 290 16.08 30.30 -47.72
C ASP C 290 15.99 30.43 -46.21
N ARG C 291 15.41 29.42 -45.57
CA ARG C 291 15.27 29.40 -44.13
C ARG C 291 15.65 28.02 -43.60
N ALA C 292 15.98 27.12 -44.51
CA ALA C 292 16.29 25.76 -44.12
C ALA C 292 17.74 25.31 -44.14
N LEU C 293 18.08 24.44 -43.21
CA LEU C 293 19.41 23.86 -43.13
C LEU C 293 19.14 22.36 -43.15
N VAL C 294 19.52 21.72 -44.25
CA VAL C 294 19.25 20.29 -44.41
C VAL C 294 20.43 19.37 -44.21
N PHE C 295 20.10 18.09 -44.01
CA PHE C 295 21.08 17.04 -43.77
C PHE C 295 20.34 15.71 -43.83
N VAL C 296 21.04 14.64 -44.17
CA VAL C 296 20.42 13.33 -44.23
C VAL C 296 20.29 12.83 -42.80
N ASP C 297 21.35 13.00 -42.02
CA ASP C 297 21.38 12.57 -40.64
C ASP C 297 22.28 13.52 -39.86
N ASN C 298 22.11 13.55 -38.54
CA ASN C 298 22.94 14.40 -37.70
C ASN C 298 23.56 13.50 -36.63
N HIS C 299 24.32 14.09 -35.71
CA HIS C 299 24.96 13.31 -34.66
C HIS C 299 23.96 12.63 -33.73
N ASP C 300 22.77 13.21 -33.58
CA ASP C 300 21.78 12.61 -32.70
C ASP C 300 21.09 11.43 -33.36
N ASN C 301 20.23 11.74 -34.35
CA ASN C 301 19.46 10.72 -35.06
C ASN C 301 20.20 9.61 -35.80
N GLN C 302 21.49 9.77 -36.07
CA GLN C 302 22.20 8.71 -36.78
C GLN C 302 22.34 7.51 -35.84
N ARG C 303 21.91 7.70 -34.59
CA ARG C 303 22.00 6.64 -33.61
C ARG C 303 20.72 5.84 -33.39
N GLY C 304 19.76 6.01 -34.30
CA GLY C 304 18.54 5.23 -34.23
C GLY C 304 17.22 5.69 -33.60
N HIS C 305 17.27 6.57 -32.61
CA HIS C 305 16.02 6.97 -31.98
C HIS C 305 15.87 8.47 -31.75
N GLY C 306 16.30 9.26 -32.72
CA GLY C 306 16.19 10.70 -32.62
C GLY C 306 15.19 11.10 -33.68
N ALA C 307 15.05 12.39 -33.92
CA ALA C 307 14.11 12.87 -34.93
C ALA C 307 14.26 12.08 -36.23
N GLY C 308 13.24 11.28 -36.55
CA GLY C 308 13.25 10.48 -37.76
C GLY C 308 13.08 9.00 -37.51
N GLY C 309 13.70 8.50 -36.43
CA GLY C 309 13.58 7.10 -36.12
C GLY C 309 14.56 6.25 -36.91
N SER C 310 14.13 5.04 -37.24
CA SER C 310 14.96 4.11 -37.98
C SER C 310 14.99 4.38 -39.48
N SER C 311 14.21 5.36 -39.93
CA SER C 311 14.17 5.68 -41.34
C SER C 311 15.40 6.50 -41.74
N ILE C 312 16.07 7.07 -40.74
CA ILE C 312 17.26 7.88 -40.97
C ILE C 312 18.38 7.02 -41.54
N LEU C 313 19.01 7.50 -42.61
CA LEU C 313 20.11 6.78 -43.22
C LEU C 313 21.44 7.26 -42.64
N THR C 314 22.37 6.33 -42.45
CA THR C 314 23.68 6.65 -41.90
C THR C 314 24.77 5.95 -42.69
N PHE C 315 26.01 6.16 -42.28
CA PHE C 315 27.13 5.53 -42.96
C PHE C 315 26.99 4.01 -42.84
N TRP C 316 26.14 3.54 -41.91
CA TRP C 316 25.92 2.12 -41.72
C TRP C 316 25.23 1.48 -42.92
N ASP C 317 24.39 2.24 -43.59
CA ASP C 317 23.68 1.80 -44.79
C ASP C 317 24.34 2.57 -45.92
N ALA C 318 25.67 2.40 -46.00
CA ALA C 318 26.49 3.07 -46.98
C ALA C 318 25.87 3.31 -48.36
N ARG C 319 25.72 2.24 -49.15
CA ARG C 319 25.16 2.34 -50.48
C ARG C 319 23.99 3.35 -50.51
N LEU C 320 22.88 3.00 -49.86
CA LEU C 320 21.71 3.89 -49.81
C LEU C 320 22.01 5.24 -49.20
N TYR C 321 22.98 5.29 -48.29
CA TYR C 321 23.35 6.55 -47.67
C TYR C 321 23.89 7.51 -48.73
N LYS C 322 24.89 7.04 -49.48
CA LYS C 322 25.50 7.84 -50.53
C LYS C 322 24.45 8.31 -51.54
N ILE C 323 23.46 7.49 -51.84
CA ILE C 323 22.47 7.92 -52.82
C ILE C 323 21.59 9.03 -52.26
N ALA C 324 21.13 8.87 -51.02
CA ALA C 324 20.29 9.89 -50.39
C ALA C 324 21.07 11.20 -50.30
N VAL C 325 22.32 11.11 -49.87
CA VAL C 325 23.16 12.30 -49.74
C VAL C 325 23.42 12.85 -51.14
N GLY C 326 23.45 11.96 -52.12
CA GLY C 326 23.70 12.36 -53.49
C GLY C 326 22.56 13.24 -53.97
N PHE C 327 21.33 12.80 -53.71
CA PHE C 327 20.17 13.56 -54.12
C PHE C 327 20.15 14.93 -53.44
N MET C 328 20.53 14.97 -52.17
CA MET C 328 20.55 16.22 -51.40
C MET C 328 21.50 17.27 -51.98
N LEU C 329 22.75 16.89 -52.20
CA LEU C 329 23.72 17.83 -52.74
C LEU C 329 23.33 18.29 -54.14
N ALA C 330 22.52 17.47 -54.81
CA ALA C 330 22.07 17.77 -56.17
C ALA C 330 20.84 18.67 -56.19
N HIS C 331 19.99 18.53 -55.18
CA HIS C 331 18.78 19.33 -55.14
C HIS C 331 19.05 20.72 -54.57
N PRO C 332 18.42 21.75 -55.16
CA PRO C 332 18.55 23.16 -54.75
C PRO C 332 17.97 23.58 -53.40
N TYR C 333 17.07 22.78 -52.83
CA TYR C 333 16.44 23.12 -51.55
C TYR C 333 17.36 23.23 -50.33
N GLY C 334 17.27 24.38 -49.64
CA GLY C 334 18.05 24.62 -48.43
C GLY C 334 19.56 24.61 -48.47
N PHE C 335 20.15 24.81 -47.30
CA PHE C 335 21.60 24.80 -47.16
C PHE C 335 22.02 23.46 -46.57
N THR C 336 22.85 22.75 -47.30
CA THR C 336 23.30 21.41 -46.95
C THR C 336 24.42 21.28 -45.92
N ARG C 337 24.24 20.32 -45.02
CA ARG C 337 25.23 19.99 -44.00
C ARG C 337 25.57 18.51 -44.17
N VAL C 338 26.85 18.21 -44.32
CA VAL C 338 27.30 16.83 -44.47
C VAL C 338 27.82 16.30 -43.13
N MET C 339 27.42 15.09 -42.80
CA MET C 339 27.81 14.46 -41.55
C MET C 339 29.05 13.59 -41.66
N SER C 340 30.05 13.87 -40.83
CA SER C 340 31.27 13.07 -40.78
C SER C 340 31.25 12.50 -39.36
N SER C 341 31.54 11.21 -39.21
CA SER C 341 31.45 10.62 -37.89
C SER C 341 32.49 9.56 -37.54
N TYR C 342 32.24 8.87 -36.43
CA TYR C 342 33.15 7.82 -35.98
C TYR C 342 32.41 6.49 -35.83
N ARG C 343 33.12 5.40 -36.07
CA ARG C 343 32.52 4.08 -35.98
C ARG C 343 32.39 3.68 -34.50
N TRP C 344 31.40 2.85 -34.19
CA TRP C 344 31.21 2.37 -32.82
C TRP C 344 30.48 1.03 -32.85
N ALA C 345 30.54 0.27 -31.77
CA ALA C 345 29.90 -1.06 -31.71
C ALA C 345 28.40 -1.04 -31.43
N ARG C 346 27.61 -0.94 -32.49
CA ARG C 346 26.16 -0.93 -32.35
C ARG C 346 25.64 -2.23 -31.78
N ASN C 347 24.64 -2.13 -30.92
CA ASN C 347 24.03 -3.29 -30.31
C ASN C 347 22.57 -3.02 -29.99
N PHE C 348 21.71 -3.34 -30.95
CA PHE C 348 20.29 -3.13 -30.80
C PHE C 348 19.59 -4.18 -29.93
N VAL C 349 18.86 -3.67 -28.93
CA VAL C 349 18.11 -4.50 -27.99
C VAL C 349 16.72 -3.90 -27.97
N ASN C 350 15.71 -4.69 -28.33
CA ASN C 350 14.36 -4.16 -28.36
C ASN C 350 14.41 -2.97 -29.30
N GLY C 351 15.13 -3.13 -30.42
CA GLY C 351 15.25 -2.09 -31.42
C GLY C 351 16.16 -0.92 -31.11
N GLU C 352 16.41 -0.68 -29.82
CA GLU C 352 17.24 0.43 -29.36
C GLU C 352 18.71 0.05 -29.23
N ASP C 353 19.61 0.94 -29.66
CA ASP C 353 21.04 0.69 -29.59
C ASP C 353 21.59 1.07 -28.21
N VAL C 354 21.93 0.08 -27.40
CA VAL C 354 22.43 0.36 -26.06
C VAL C 354 23.86 0.84 -25.97
N ASN C 355 24.58 0.81 -27.09
CA ASN C 355 25.95 1.30 -27.11
C ASN C 355 25.96 2.63 -27.86
N ASP C 356 24.81 3.27 -27.90
CA ASP C 356 24.67 4.55 -28.61
C ASP C 356 25.28 5.72 -27.84
N TRP C 357 25.89 5.45 -26.69
CA TRP C 357 26.51 6.50 -25.88
C TRP C 357 28.02 6.56 -26.14
N ILE C 358 28.59 5.45 -26.60
CA ILE C 358 30.03 5.36 -26.87
C ILE C 358 30.58 6.68 -27.43
N GLY C 359 31.66 7.15 -26.82
CA GLY C 359 32.27 8.39 -27.23
C GLY C 359 33.18 8.21 -28.43
N PRO C 360 33.89 9.27 -28.83
CA PRO C 360 34.82 9.25 -29.98
C PRO C 360 36.01 8.33 -29.74
N PRO C 361 36.56 7.72 -30.82
CA PRO C 361 37.72 6.83 -30.69
C PRO C 361 38.70 7.47 -29.71
N ASN C 362 39.28 6.68 -28.83
CA ASN C 362 40.18 7.26 -27.85
C ASN C 362 41.00 6.22 -27.12
N ASN C 363 41.97 6.73 -26.37
CA ASN C 363 42.84 5.90 -25.53
C ASN C 363 42.73 6.49 -24.13
N ASN C 364 42.22 5.70 -23.20
CA ASN C 364 42.03 6.11 -21.81
C ASN C 364 41.33 7.47 -21.73
N GLY C 365 40.51 7.76 -22.74
CA GLY C 365 39.78 9.01 -22.75
C GLY C 365 40.34 10.04 -23.71
N VAL C 366 41.64 9.97 -23.98
CA VAL C 366 42.25 10.92 -24.88
C VAL C 366 41.87 10.60 -26.33
N ILE C 367 41.13 11.53 -26.94
CA ILE C 367 40.67 11.37 -28.31
C ILE C 367 41.83 11.06 -29.25
N LYS C 368 41.72 9.99 -30.02
CA LYS C 368 42.75 9.60 -30.98
C LYS C 368 42.79 10.63 -32.11
N GLU C 369 43.94 10.72 -32.78
CA GLU C 369 44.07 11.66 -33.89
C GLU C 369 43.45 11.05 -35.14
N VAL C 370 43.13 11.89 -36.12
CA VAL C 370 42.55 11.41 -37.37
C VAL C 370 43.66 11.11 -38.36
N THR C 371 43.86 9.83 -38.65
CA THR C 371 44.90 9.42 -39.59
C THR C 371 44.36 9.26 -41.02
N ILE C 372 45.18 9.62 -41.99
CA ILE C 372 44.77 9.51 -43.39
C ILE C 372 45.42 8.28 -44.01
N ASN C 373 44.59 7.48 -44.70
CA ASN C 373 45.06 6.26 -45.35
C ASN C 373 45.42 6.54 -46.80
N ALA C 374 46.11 5.59 -47.43
CA ALA C 374 46.53 5.71 -48.83
C ALA C 374 45.37 5.96 -49.78
N ASP C 375 44.26 5.28 -49.56
CA ASP C 375 43.09 5.45 -50.42
C ASP C 375 42.37 6.75 -50.06
N THR C 376 42.99 7.50 -49.14
CA THR C 376 42.49 8.79 -48.62
C THR C 376 41.35 8.68 -47.60
N THR C 377 41.00 7.47 -47.19
CA THR C 377 39.96 7.30 -46.15
C THR C 377 40.70 7.58 -44.85
N CYS C 378 40.02 7.51 -43.70
CA CYS C 378 40.68 7.78 -42.42
C CYS C 378 40.89 6.53 -41.58
N GLY C 379 41.72 6.64 -40.55
CA GLY C 379 41.99 5.52 -39.68
C GLY C 379 41.34 5.72 -38.31
N ASN C 380 41.91 5.08 -37.29
CA ASN C 380 41.44 5.19 -35.92
C ASN C 380 39.93 5.24 -35.72
N ASP C 381 39.20 4.44 -36.50
CA ASP C 381 37.75 4.38 -36.38
C ASP C 381 37.00 5.63 -36.81
N TRP C 382 37.66 6.58 -37.47
CA TRP C 382 36.95 7.75 -37.95
C TRP C 382 36.44 7.33 -39.33
N VAL C 383 35.14 7.50 -39.59
CA VAL C 383 34.58 7.10 -40.88
C VAL C 383 34.89 8.05 -42.02
N CYS C 384 34.89 9.35 -41.74
CA CYS C 384 35.19 10.36 -42.76
C CYS C 384 34.35 10.28 -44.02
N GLU C 385 33.03 10.32 -43.87
CA GLU C 385 32.14 10.27 -45.03
C GLU C 385 32.53 11.37 -46.02
N HIS C 386 32.92 12.53 -45.48
CA HIS C 386 33.26 13.67 -46.31
C HIS C 386 34.41 13.36 -47.26
N ARG C 387 35.06 12.22 -47.05
CA ARG C 387 36.18 11.79 -47.89
C ARG C 387 35.76 10.69 -48.86
N TRP C 388 34.50 10.28 -48.78
CA TRP C 388 33.99 9.27 -49.70
C TRP C 388 33.88 9.95 -51.07
N ARG C 389 34.51 9.35 -52.09
CA ARG C 389 34.48 9.92 -53.43
C ARG C 389 33.11 10.41 -53.83
N GLU C 390 32.12 9.54 -53.67
CA GLU C 390 30.76 9.87 -54.03
C GLU C 390 30.23 11.08 -53.25
N ILE C 391 30.84 11.36 -52.10
CA ILE C 391 30.41 12.50 -51.28
C ILE C 391 31.26 13.70 -51.67
N ARG C 392 32.57 13.53 -51.63
CA ARG C 392 33.49 14.60 -51.97
C ARG C 392 33.08 15.29 -53.27
N ASN C 393 32.93 14.50 -54.33
CA ASN C 393 32.58 15.05 -55.62
C ASN C 393 31.21 15.69 -55.73
N MET C 394 30.24 15.22 -54.96
CA MET C 394 28.93 15.82 -55.02
C MET C 394 28.89 17.16 -54.31
N VAL C 395 29.78 17.38 -53.33
CA VAL C 395 29.79 18.68 -52.68
C VAL C 395 30.42 19.65 -53.69
N TRP C 396 31.35 19.15 -54.50
CA TRP C 396 31.98 19.97 -55.52
C TRP C 396 30.91 20.27 -56.57
N PHE C 397 30.12 19.25 -56.88
CA PHE C 397 29.02 19.37 -57.82
C PHE C 397 28.12 20.52 -57.38
N ARG C 398 27.79 20.55 -56.09
CA ARG C 398 26.92 21.60 -55.58
C ARG C 398 27.51 22.99 -55.83
N ASN C 399 28.82 23.11 -55.65
CA ASN C 399 29.50 24.38 -55.90
C ASN C 399 29.34 24.74 -57.36
N VAL C 400 29.65 23.77 -58.23
CA VAL C 400 29.57 23.97 -59.68
C VAL C 400 28.21 24.38 -60.23
N VAL C 401 27.13 23.79 -59.73
CA VAL C 401 25.81 24.12 -60.24
C VAL C 401 25.16 25.27 -59.46
N ASP C 402 25.91 25.84 -58.54
CA ASP C 402 25.43 26.93 -57.69
C ASP C 402 24.68 28.02 -58.44
N GLY C 403 23.41 28.19 -58.11
CA GLY C 403 22.60 29.21 -58.76
C GLY C 403 21.76 28.72 -59.93
N GLN C 404 22.14 27.58 -60.51
CA GLN C 404 21.38 27.05 -61.64
C GLN C 404 20.04 26.47 -61.18
N PRO C 405 18.97 26.72 -61.93
CA PRO C 405 17.65 26.20 -61.55
C PRO C 405 17.46 24.70 -61.77
N PHE C 406 16.55 24.14 -60.99
CA PHE C 406 16.18 22.73 -61.06
C PHE C 406 15.54 22.55 -62.44
N ALA C 407 15.96 21.55 -63.20
CA ALA C 407 15.42 21.36 -64.55
C ALA C 407 15.51 19.94 -65.09
N ASN C 408 14.82 19.73 -66.21
CA ASN C 408 14.78 18.44 -66.89
C ASN C 408 14.57 17.23 -66.00
N TRP C 409 13.47 17.24 -65.27
CA TRP C 409 13.15 16.14 -64.41
C TRP C 409 12.64 15.00 -65.27
N TRP C 410 12.99 13.79 -64.86
CA TRP C 410 12.58 12.60 -65.56
C TRP C 410 12.48 11.48 -64.53
N ASP C 411 11.55 10.57 -64.75
CA ASP C 411 11.40 9.42 -63.85
C ASP C 411 10.68 8.35 -64.66
N ASN C 412 10.75 7.11 -64.21
CA ASN C 412 10.09 6.03 -64.92
C ASN C 412 8.83 5.55 -64.18
N GLY C 413 8.38 6.36 -63.22
CA GLY C 413 7.20 6.01 -62.47
C GLY C 413 7.49 5.19 -61.23
N SER C 414 8.73 4.75 -61.10
CA SER C 414 9.11 3.94 -59.96
C SER C 414 10.24 4.59 -59.14
N ASN C 415 11.43 4.00 -59.20
CA ASN C 415 12.55 4.52 -58.45
C ASN C 415 13.74 4.92 -59.30
N GLN C 416 13.47 5.27 -60.55
CA GLN C 416 14.50 5.71 -61.46
C GLN C 416 14.19 7.16 -61.77
N VAL C 417 15.07 8.04 -61.32
CA VAL C 417 14.85 9.46 -61.49
C VAL C 417 16.10 10.18 -61.99
N ALA C 418 15.88 11.37 -62.55
CA ALA C 418 16.96 12.20 -63.04
C ALA C 418 16.53 13.66 -63.10
N PHE C 419 17.49 14.58 -63.09
CA PHE C 419 17.21 16.01 -63.18
C PHE C 419 18.53 16.76 -63.25
N GLY C 420 18.46 18.03 -63.64
CA GLY C 420 19.68 18.82 -63.73
C GLY C 420 19.54 20.17 -63.05
N ARG C 421 20.60 20.97 -63.16
CA ARG C 421 20.62 22.30 -62.58
C ARG C 421 21.18 23.19 -63.67
N GLY C 422 20.27 23.89 -64.34
CA GLY C 422 20.67 24.78 -65.42
C GLY C 422 21.37 23.99 -66.50
N ASN C 423 22.45 24.56 -67.02
CA ASN C 423 23.21 23.89 -68.08
C ASN C 423 24.58 23.50 -67.54
N ARG C 424 24.66 23.28 -66.22
CA ARG C 424 25.94 22.93 -65.60
C ARG C 424 25.96 21.61 -64.84
N GLY C 425 24.82 20.93 -64.72
CA GLY C 425 24.84 19.68 -63.99
C GLY C 425 23.65 18.78 -64.22
N PHE C 426 23.90 17.48 -64.17
CA PHE C 426 22.82 16.51 -64.35
C PHE C 426 23.13 15.32 -63.47
N ILE C 427 22.10 14.75 -62.87
CA ILE C 427 22.27 13.61 -61.98
C ILE C 427 21.14 12.62 -62.27
N VAL C 428 21.44 11.34 -62.25
CA VAL C 428 20.46 10.31 -62.52
C VAL C 428 20.63 9.15 -61.54
N PHE C 429 19.51 8.62 -61.05
CA PHE C 429 19.53 7.52 -60.07
C PHE C 429 18.70 6.33 -60.51
N ASN C 430 19.02 5.17 -59.94
CA ASN C 430 18.27 3.95 -60.22
C ASN C 430 18.14 3.13 -58.95
N ASN C 431 17.03 3.31 -58.24
CA ASN C 431 16.80 2.56 -57.01
C ASN C 431 15.68 1.56 -57.21
N ASP C 432 15.63 0.98 -58.40
CA ASP C 432 14.64 -0.05 -58.71
C ASP C 432 15.42 -1.33 -58.79
N ASP C 433 14.71 -2.46 -58.65
CA ASP C 433 15.34 -3.77 -58.67
C ASP C 433 15.67 -4.27 -60.07
N TRP C 434 15.63 -3.37 -61.05
CA TRP C 434 15.96 -3.75 -62.41
C TRP C 434 16.84 -2.70 -63.10
N GLN C 435 17.51 -3.10 -64.16
CA GLN C 435 18.43 -2.25 -64.91
C GLN C 435 17.85 -0.93 -65.47
N LEU C 436 18.64 0.14 -65.37
CA LEU C 436 18.23 1.45 -65.87
C LEU C 436 18.95 1.75 -67.17
N SER C 437 18.20 2.17 -68.17
CA SER C 437 18.79 2.51 -69.45
C SER C 437 17.81 3.32 -70.29
N SER C 438 18.06 4.60 -70.35
CA SER C 438 17.21 5.50 -71.12
C SER C 438 18.07 6.60 -71.68
N THR C 439 17.60 7.21 -72.75
CA THR C 439 18.29 8.32 -73.38
C THR C 439 17.56 9.50 -72.76
N LEU C 440 18.30 10.40 -72.11
CA LEU C 440 17.68 11.53 -71.46
C LEU C 440 18.25 12.87 -71.88
N GLN C 441 17.44 13.91 -71.73
CA GLN C 441 17.87 15.26 -72.05
C GLN C 441 18.55 15.76 -70.77
N THR C 442 19.82 16.13 -70.90
CA THR C 442 20.60 16.58 -69.75
C THR C 442 20.54 18.07 -69.57
N GLY C 443 20.34 18.79 -70.67
CA GLY C 443 20.27 20.24 -70.61
C GLY C 443 21.67 20.80 -70.63
N LEU C 444 22.66 19.91 -70.73
CA LEU C 444 24.06 20.30 -70.76
C LEU C 444 24.65 20.38 -72.16
N PRO C 445 25.76 21.13 -72.30
CA PRO C 445 26.41 21.27 -73.61
C PRO C 445 26.91 19.91 -74.09
N GLY C 446 26.93 19.73 -75.41
CA GLY C 446 27.40 18.47 -75.97
C GLY C 446 28.84 18.22 -75.60
N GLY C 447 29.23 16.96 -75.54
CA GLY C 447 30.59 16.62 -75.20
C GLY C 447 30.65 15.33 -74.43
N THR C 448 31.84 14.96 -73.97
CA THR C 448 32.01 13.73 -73.22
C THR C 448 32.32 14.11 -71.79
N TYR C 449 31.56 13.54 -70.85
CA TYR C 449 31.73 13.86 -69.44
C TYR C 449 32.16 12.68 -68.58
N CYS C 450 32.87 13.00 -67.50
CA CYS C 450 33.34 12.00 -66.55
C CYS C 450 32.38 11.93 -65.37
N ASP C 451 31.88 10.73 -65.07
CA ASP C 451 30.97 10.54 -63.93
C ASP C 451 31.84 10.72 -62.68
N VAL C 452 31.44 11.62 -61.78
CA VAL C 452 32.22 11.85 -60.58
C VAL C 452 31.78 10.97 -59.40
N ILE C 453 30.84 10.07 -59.65
CA ILE C 453 30.37 9.17 -58.61
C ILE C 453 31.18 7.88 -58.66
N SER C 454 31.47 7.42 -59.88
CA SER C 454 32.24 6.19 -60.08
C SER C 454 33.72 6.48 -60.23
N GLY C 455 34.06 7.75 -60.44
CA GLY C 455 35.45 8.09 -60.60
C GLY C 455 35.65 9.59 -60.69
N ASP C 456 36.79 9.98 -61.25
CA ASP C 456 37.12 11.37 -61.43
C ASP C 456 37.72 11.55 -62.80
N LYS C 457 37.92 12.83 -63.14
CA LYS C 457 38.51 13.21 -64.40
C LYS C 457 39.98 13.51 -64.13
N VAL C 458 40.85 12.60 -64.54
CA VAL C 458 42.27 12.80 -64.35
C VAL C 458 42.88 13.06 -65.72
N GLY C 459 43.69 14.10 -65.81
CA GLY C 459 44.31 14.42 -67.08
C GLY C 459 43.24 14.66 -68.13
N ASN C 460 43.21 13.82 -69.15
CA ASN C 460 42.25 13.94 -70.22
C ASN C 460 41.32 12.74 -70.27
N SER C 461 41.25 11.98 -69.17
CA SER C 461 40.41 10.80 -69.14
C SER C 461 39.46 10.77 -67.96
N CYS C 462 38.72 9.68 -67.86
CA CYS C 462 37.77 9.46 -66.80
C CYS C 462 38.18 8.17 -66.10
N THR C 463 38.61 8.26 -64.85
CA THR C 463 39.01 7.05 -64.14
C THR C 463 37.81 6.14 -63.94
N GLY C 464 36.63 6.65 -64.25
CA GLY C 464 35.44 5.83 -64.11
C GLY C 464 34.57 5.86 -65.36
N ILE C 465 33.27 5.76 -65.16
CA ILE C 465 32.31 5.79 -66.26
C ILE C 465 32.38 7.12 -67.01
N LYS C 466 32.14 7.03 -68.33
CA LYS C 466 32.12 8.19 -69.24
C LYS C 466 30.72 8.28 -69.81
N VAL C 467 30.23 9.51 -69.99
CA VAL C 467 28.91 9.75 -70.55
C VAL C 467 29.00 10.74 -71.72
N TYR C 468 28.29 10.42 -72.79
CA TYR C 468 28.30 11.28 -73.96
C TYR C 468 26.99 12.01 -74.17
N VAL C 469 27.04 13.34 -74.14
CA VAL C 469 25.84 14.12 -74.39
C VAL C 469 26.02 14.73 -75.77
N SER C 470 25.21 14.30 -76.74
CA SER C 470 25.30 14.85 -78.09
C SER C 470 24.88 16.31 -78.03
N SER C 471 25.11 17.03 -79.12
CA SER C 471 24.79 18.46 -79.19
C SER C 471 23.35 18.87 -78.87
N ASP C 472 22.43 17.93 -78.82
CA ASP C 472 21.04 18.29 -78.50
C ASP C 472 20.76 18.10 -77.00
N GLY C 473 21.78 17.70 -76.25
CA GLY C 473 21.60 17.52 -74.82
C GLY C 473 21.26 16.11 -74.37
N THR C 474 20.79 15.26 -75.28
CA THR C 474 20.44 13.90 -74.89
C THR C 474 21.68 13.08 -74.62
N ALA C 475 21.53 12.06 -73.77
CA ALA C 475 22.64 11.20 -73.40
C ALA C 475 22.13 9.86 -72.96
N GLN C 476 22.70 8.79 -73.50
CA GLN C 476 22.28 7.44 -73.12
C GLN C 476 22.91 7.11 -71.76
N PHE C 477 22.09 6.65 -70.81
CA PHE C 477 22.57 6.28 -69.48
C PHE C 477 22.33 4.79 -69.20
N SER C 478 23.27 4.16 -68.50
CA SER C 478 23.15 2.76 -68.16
C SER C 478 23.51 2.52 -66.70
N ILE C 479 22.55 2.05 -65.91
CA ILE C 479 22.82 1.79 -64.50
C ILE C 479 22.16 0.49 -64.05
N SER C 480 22.98 -0.50 -63.76
CA SER C 480 22.50 -1.78 -63.31
C SER C 480 22.09 -1.67 -61.85
N ASN C 481 20.92 -2.20 -61.51
CA ASN C 481 20.45 -2.13 -60.12
C ASN C 481 21.47 -2.73 -59.17
N SER C 482 22.35 -3.61 -59.68
CA SER C 482 23.35 -4.20 -58.81
C SER C 482 24.69 -3.48 -58.87
N ALA C 483 24.64 -2.19 -59.16
CA ALA C 483 25.84 -1.36 -59.24
C ALA C 483 26.31 -0.95 -57.82
N GLU C 484 27.61 -0.73 -57.67
CA GLU C 484 28.19 -0.32 -56.39
C GLU C 484 27.48 0.93 -55.90
N ASP C 485 27.27 1.87 -56.83
CA ASP C 485 26.59 3.12 -56.57
C ASP C 485 25.64 3.26 -57.74
N PRO C 486 24.36 2.97 -57.52
CA PRO C 486 23.34 3.05 -58.57
C PRO C 486 22.93 4.44 -59.07
N PHE C 487 23.88 5.36 -59.15
CA PHE C 487 23.58 6.70 -59.65
C PHE C 487 24.80 7.34 -60.28
N ILE C 488 24.54 8.19 -61.26
CA ILE C 488 25.59 8.89 -62.01
C ILE C 488 25.42 10.40 -61.94
N ALA C 489 26.53 11.12 -61.96
CA ALA C 489 26.47 12.59 -61.92
C ALA C 489 27.57 13.18 -62.80
N ILE C 490 27.22 14.24 -63.52
CA ILE C 490 28.17 14.91 -64.39
C ILE C 490 27.87 16.41 -64.32
N HIS C 491 28.91 17.22 -64.52
CA HIS C 491 28.75 18.67 -64.47
C HIS C 491 29.83 19.36 -65.29
N ALA C 492 29.71 20.68 -65.38
CA ALA C 492 30.63 21.50 -66.16
C ALA C 492 32.12 21.30 -65.96
N GLU C 493 32.56 20.94 -64.76
CA GLU C 493 33.98 20.79 -64.56
C GLU C 493 34.54 19.38 -64.69
N SER C 494 33.68 18.43 -65.07
CA SER C 494 34.15 17.06 -65.23
C SER C 494 34.12 16.71 -66.72
N LYS C 495 33.76 17.70 -67.53
CA LYS C 495 33.69 17.53 -68.98
C LYS C 495 35.10 17.31 -69.53
N LEU C 496 35.19 16.55 -70.62
CA LEU C 496 36.49 16.26 -71.22
C LEU C 496 36.86 17.32 -72.25
N GLN D 1 -7.91 19.05 -30.38
CA GLN D 1 -7.09 17.94 -30.95
C GLN D 1 -7.54 17.61 -32.37
N VAL D 2 -6.66 16.96 -33.13
CA VAL D 2 -6.97 16.61 -34.52
C VAL D 2 -7.48 15.17 -34.66
N GLN D 3 -8.47 15.00 -35.52
CA GLN D 3 -9.08 13.69 -35.76
C GLN D 3 -9.46 13.49 -37.22
N LEU D 4 -9.13 12.31 -37.76
CA LEU D 4 -9.44 11.97 -39.14
C LEU D 4 -10.43 10.80 -39.19
N VAL D 5 -11.50 10.96 -39.98
CA VAL D 5 -12.51 9.92 -40.09
C VAL D 5 -12.73 9.49 -41.53
N ALA D 6 -12.29 8.29 -41.86
CA ALA D 6 -12.46 7.76 -43.21
C ALA D 6 -13.80 7.04 -43.33
N SER D 7 -14.57 7.37 -44.35
CA SER D 7 -15.89 6.77 -44.57
C SER D 7 -15.82 5.81 -45.76
N GLY D 8 -16.98 5.53 -46.35
CA GLY D 8 -17.04 4.64 -47.51
C GLY D 8 -16.24 3.36 -47.41
N GLY D 9 -16.17 2.64 -48.51
CA GLY D 9 -15.43 1.39 -48.51
C GLY D 9 -16.32 0.23 -48.10
N GLY D 10 -15.89 -0.98 -48.43
CA GLY D 10 -16.67 -2.16 -48.10
C GLY D 10 -16.28 -3.35 -48.95
N SER D 11 -17.27 -4.15 -49.33
CA SER D 11 -17.01 -5.33 -50.17
C SER D 11 -17.68 -5.16 -51.52
N VAL D 12 -16.90 -5.34 -52.58
CA VAL D 12 -17.40 -5.22 -53.94
C VAL D 12 -16.84 -6.35 -54.78
N GLN D 13 -17.25 -6.40 -56.03
CA GLN D 13 -16.81 -7.43 -56.94
C GLN D 13 -15.91 -6.87 -58.04
N ALA D 14 -14.86 -7.61 -58.35
CA ALA D 14 -13.87 -7.24 -59.37
C ALA D 14 -14.40 -6.29 -60.44
N GLY D 15 -13.64 -5.23 -60.69
CA GLY D 15 -14.05 -4.26 -61.69
C GLY D 15 -15.05 -3.26 -61.13
N GLY D 16 -15.46 -3.45 -59.88
CA GLY D 16 -16.41 -2.56 -59.26
C GLY D 16 -15.77 -1.25 -58.83
N SER D 17 -16.59 -0.32 -58.38
CA SER D 17 -16.10 0.99 -57.94
C SER D 17 -16.57 1.33 -56.52
N LEU D 18 -15.77 2.14 -55.83
CA LEU D 18 -16.09 2.56 -54.47
C LEU D 18 -15.43 3.91 -54.25
N ARG D 19 -15.95 4.67 -53.30
CA ARG D 19 -15.38 5.98 -53.01
C ARG D 19 -15.12 6.14 -51.51
N LEU D 20 -13.84 6.28 -51.15
CA LEU D 20 -13.49 6.45 -49.76
C LEU D 20 -13.43 7.94 -49.47
N SER D 21 -14.02 8.33 -48.34
CA SER D 21 -14.03 9.73 -47.94
C SER D 21 -13.27 9.87 -46.62
N CYS D 22 -12.83 11.08 -46.30
CA CYS D 22 -12.11 11.31 -45.07
C CYS D 22 -12.40 12.71 -44.53
N ALA D 23 -13.26 12.79 -43.52
CA ALA D 23 -13.60 14.07 -42.90
C ALA D 23 -12.57 14.38 -41.83
N ALA D 24 -12.54 15.63 -41.35
CA ALA D 24 -11.55 16.00 -40.34
C ALA D 24 -11.89 17.22 -39.49
N SER D 25 -11.39 17.23 -38.26
CA SER D 25 -11.63 18.35 -37.36
C SER D 25 -10.34 18.63 -36.57
N THR D 28 -8.25 20.68 -37.89
CA THR D 28 -7.28 20.37 -38.99
C THR D 28 -7.75 20.83 -40.36
N PHE D 29 -6.81 21.28 -41.19
CA PHE D 29 -7.14 21.78 -42.52
C PHE D 29 -6.42 21.08 -43.68
N SER D 30 -6.86 21.42 -44.89
CA SER D 30 -6.30 20.88 -46.13
C SER D 30 -5.25 21.79 -46.76
N SER D 31 -4.06 21.83 -46.17
CA SER D 31 -2.95 22.68 -46.62
C SER D 31 -1.59 22.02 -46.38
N TYR D 32 -1.61 20.69 -46.42
CA TYR D 32 -0.40 19.90 -46.26
C TYR D 32 -0.68 18.68 -47.11
N PRO D 33 0.37 17.95 -47.50
CA PRO D 33 0.04 16.78 -48.30
C PRO D 33 -0.85 15.85 -47.47
N MET D 34 -1.93 15.36 -48.08
CA MET D 34 -2.83 14.44 -47.40
C MET D 34 -2.74 13.16 -48.22
N GLY D 35 -2.85 12.00 -47.58
CA GLY D 35 -2.72 10.78 -48.34
C GLY D 35 -3.35 9.51 -47.81
N TRP D 36 -3.61 8.59 -48.73
CA TRP D 36 -4.21 7.30 -48.43
C TRP D 36 -3.17 6.19 -48.47
N TYR D 37 -3.27 5.26 -47.53
CA TYR D 37 -2.37 4.13 -47.45
C TYR D 37 -3.26 2.89 -47.36
N ARG D 38 -2.70 1.71 -47.58
CA ARG D 38 -3.50 0.50 -47.46
C ARG D 38 -2.65 -0.61 -46.86
N GLN D 39 -3.26 -1.38 -45.96
CA GLN D 39 -2.56 -2.45 -45.29
C GLN D 39 -3.25 -3.81 -45.47
N ALA D 40 -2.60 -4.68 -46.25
CA ALA D 40 -3.14 -6.01 -46.49
C ALA D 40 -2.69 -6.96 -45.38
N PRO D 41 -3.42 -8.06 -45.18
CA PRO D 41 -3.08 -9.03 -44.12
C PRO D 41 -1.70 -9.64 -44.34
N GLY D 42 -0.89 -9.63 -43.29
CA GLY D 42 0.45 -10.18 -43.41
C GLY D 42 1.32 -9.40 -44.40
N LYS D 43 0.78 -8.31 -44.94
CA LYS D 43 1.51 -7.47 -45.89
C LYS D 43 2.06 -6.21 -45.21
N GLU D 44 3.02 -5.57 -45.87
CA GLU D 44 3.62 -4.35 -45.35
C GLU D 44 2.69 -3.21 -45.76
N CYS D 45 2.92 -2.03 -45.18
CA CYS D 45 2.11 -0.84 -45.44
C CYS D 45 2.53 -0.15 -46.74
N GLU D 46 1.55 0.22 -47.57
CA GLU D 46 1.84 0.87 -48.85
C GLU D 46 1.06 2.17 -49.11
N LEU D 47 1.76 3.15 -49.67
CA LEU D 47 1.17 4.44 -50.03
C LEU D 47 0.35 4.29 -51.31
N SER D 48 -0.95 4.57 -51.20
CA SER D 48 -1.87 4.47 -52.33
C SER D 48 -1.82 5.65 -53.29
N ALA D 49 -2.09 6.84 -52.77
CA ALA D 49 -2.07 8.06 -53.57
C ALA D 49 -1.82 9.23 -52.62
N ARG D 50 -1.44 10.36 -53.18
CA ARG D 50 -1.17 11.50 -52.34
C ARG D 50 -1.32 12.82 -53.06
N ILE D 51 -2.19 13.68 -52.53
CA ILE D 51 -2.44 14.99 -53.11
C ILE D 51 -1.62 16.01 -52.33
N PHE D 52 -0.82 16.80 -53.03
CA PHE D 52 -0.02 17.82 -52.37
C PHE D 52 -0.85 19.09 -52.28
N SER D 53 -0.36 20.06 -51.53
CA SER D 53 -1.09 21.30 -51.34
C SER D 53 -1.26 22.09 -52.63
N ASP D 54 -0.41 21.81 -53.61
CA ASP D 54 -0.48 22.53 -54.89
C ASP D 54 -1.45 21.86 -55.87
N GLY D 55 -2.09 20.79 -55.43
CA GLY D 55 -3.03 20.10 -56.29
C GLY D 55 -2.46 18.89 -57.00
N SER D 56 -1.14 18.79 -57.11
CA SER D 56 -0.53 17.64 -57.77
C SER D 56 -0.68 16.41 -56.89
N ALA D 57 -0.40 15.23 -57.45
CA ALA D 57 -0.55 14.00 -56.68
C ALA D 57 0.40 12.86 -57.08
N ASN D 58 0.43 11.83 -56.25
CA ASN D 58 1.24 10.64 -56.48
C ASN D 58 0.26 9.49 -56.56
N TYR D 59 0.68 8.40 -57.19
CA TYR D 59 -0.15 7.22 -57.35
C TYR D 59 0.75 5.99 -57.48
N ALA D 60 0.50 4.96 -56.68
CA ALA D 60 1.30 3.75 -56.75
C ALA D 60 1.12 3.22 -58.18
N ASP D 61 2.18 2.64 -58.74
CA ASP D 61 2.11 2.14 -60.11
C ASP D 61 0.93 1.20 -60.37
N SER D 62 0.51 0.45 -59.37
CA SER D 62 -0.61 -0.48 -59.54
C SER D 62 -2.00 0.16 -59.55
N VAL D 63 -2.16 1.30 -58.89
CA VAL D 63 -3.46 1.98 -58.85
C VAL D 63 -3.57 3.00 -59.97
N LYS D 64 -2.45 3.25 -60.62
CA LYS D 64 -2.37 4.22 -61.71
C LYS D 64 -3.46 4.04 -62.77
N GLY D 65 -4.15 5.14 -63.08
CA GLY D 65 -5.22 5.07 -64.07
C GLY D 65 -6.42 4.28 -63.58
N ARG D 66 -6.46 3.97 -62.29
CA ARG D 66 -7.58 3.24 -61.71
C ARG D 66 -8.16 4.04 -60.55
N PHE D 67 -7.30 4.58 -59.72
CA PHE D 67 -7.73 5.37 -58.58
C PHE D 67 -7.49 6.85 -58.85
N THR D 68 -8.40 7.69 -58.36
CA THR D 68 -8.26 9.12 -58.51
C THR D 68 -8.44 9.74 -57.13
N ILE D 69 -7.41 10.48 -56.71
CA ILE D 69 -7.39 11.13 -55.40
C ILE D 69 -7.87 12.57 -55.59
N SER D 70 -8.53 13.16 -54.60
CA SER D 70 -8.99 14.55 -54.73
C SER D 70 -9.27 15.24 -53.40
N ARG D 71 -9.63 16.51 -53.47
CA ARG D 71 -9.91 17.28 -52.26
C ARG D 71 -11.05 18.27 -52.52
N ASP D 72 -11.58 18.84 -51.44
CA ASP D 72 -12.68 19.80 -51.56
C ASP D 72 -12.35 21.25 -51.21
N ASN D 73 -11.62 21.46 -50.13
CA ASN D 73 -11.27 22.82 -49.71
C ASN D 73 -12.50 23.66 -49.44
N ALA D 74 -13.67 23.03 -49.52
CA ALA D 74 -14.93 23.72 -49.28
C ALA D 74 -15.71 22.92 -48.23
N ALA D 75 -15.14 21.81 -47.81
CA ALA D 75 -15.78 20.96 -46.82
C ALA D 75 -14.70 20.27 -45.98
N ASN D 76 -13.43 20.53 -46.32
CA ASN D 76 -12.32 19.92 -45.59
C ASN D 76 -12.41 18.42 -45.71
N THR D 77 -12.65 17.93 -46.92
CA THR D 77 -12.77 16.49 -47.12
C THR D 77 -11.88 15.99 -48.24
N ALA D 78 -11.33 14.79 -48.04
CA ALA D 78 -10.48 14.17 -49.04
C ALA D 78 -11.20 12.95 -49.58
N TYR D 79 -10.88 12.55 -50.81
CA TYR D 79 -11.54 11.41 -51.42
C TYR D 79 -10.61 10.56 -52.25
N LEU D 80 -10.97 9.29 -52.40
CA LEU D 80 -10.21 8.35 -53.22
C LEU D 80 -11.18 7.48 -54.00
N GLN D 81 -11.35 7.79 -55.28
CA GLN D 81 -12.25 7.01 -56.13
C GLN D 81 -11.54 5.74 -56.64
N MET D 82 -12.11 4.60 -56.30
CA MET D 82 -11.54 3.31 -56.69
C MET D 82 -12.33 2.64 -57.80
N ASP D 83 -11.86 2.79 -59.03
CA ASP D 83 -12.51 2.18 -60.18
C ASP D 83 -11.76 0.92 -60.57
N SER D 84 -12.41 0.05 -61.34
CA SER D 84 -11.78 -1.20 -61.78
C SER D 84 -11.06 -1.87 -60.64
N LEU D 85 -11.75 -2.03 -59.51
CA LEU D 85 -11.13 -2.66 -58.35
C LEU D 85 -10.69 -4.07 -58.67
N LYS D 86 -9.63 -4.51 -58.01
CA LYS D 86 -9.09 -5.84 -58.22
C LYS D 86 -8.91 -6.54 -56.88
N PRO D 87 -9.01 -7.88 -56.86
CA PRO D 87 -8.85 -8.60 -55.60
C PRO D 87 -7.55 -8.21 -54.87
N GLU D 88 -6.56 -7.78 -55.64
CA GLU D 88 -5.28 -7.36 -55.08
C GLU D 88 -5.49 -6.19 -54.13
N ASP D 89 -6.36 -5.27 -54.53
CA ASP D 89 -6.66 -4.08 -53.75
C ASP D 89 -7.32 -4.31 -52.39
N THR D 90 -7.54 -5.57 -52.01
CA THR D 90 -8.15 -5.90 -50.72
C THR D 90 -7.19 -5.52 -49.58
N ALA D 91 -7.65 -4.67 -48.66
CA ALA D 91 -6.81 -4.24 -47.55
C ALA D 91 -7.55 -3.18 -46.73
N VAL D 92 -6.97 -2.77 -45.61
CA VAL D 92 -7.59 -1.74 -44.80
C VAL D 92 -7.01 -0.43 -45.32
N TYR D 93 -7.89 0.50 -45.66
CA TYR D 93 -7.44 1.79 -46.16
C TYR D 93 -7.46 2.83 -45.06
N TYR D 94 -6.28 3.33 -44.73
CA TYR D 94 -6.13 4.33 -43.71
C TYR D 94 -5.97 5.70 -44.33
N CYS D 95 -6.71 6.66 -43.79
CA CYS D 95 -6.62 8.04 -44.25
C CYS D 95 -5.49 8.62 -43.42
N ALA D 96 -4.68 9.47 -44.02
CA ALA D 96 -3.57 10.08 -43.31
C ALA D 96 -3.30 11.47 -43.84
N ALA D 97 -2.79 12.34 -42.98
CA ALA D 97 -2.51 13.71 -43.38
C ALA D 97 -1.79 14.46 -42.27
N GLY D 98 -1.49 15.72 -42.54
CA GLY D 98 -0.79 16.52 -41.55
C GLY D 98 0.55 16.99 -42.08
N PRO D 99 1.25 17.82 -41.31
CA PRO D 99 2.55 18.28 -41.78
C PRO D 99 3.55 17.21 -41.35
N GLY D 100 4.83 17.54 -41.44
CA GLY D 100 5.84 16.62 -41.00
C GLY D 100 5.59 15.14 -41.22
N SER D 101 6.17 14.33 -40.32
CA SER D 101 6.06 12.88 -40.40
C SER D 101 5.52 12.18 -39.16
N GLY D 102 5.15 10.92 -39.34
CA GLY D 102 4.62 10.14 -38.22
C GLY D 102 4.70 8.67 -38.53
N LYS D 103 4.08 7.84 -37.69
CA LYS D 103 4.12 6.41 -37.88
C LYS D 103 2.79 5.77 -37.52
N LEU D 104 2.44 4.71 -38.24
CA LEU D 104 1.21 3.96 -38.00
C LEU D 104 1.67 2.57 -37.61
N VAL D 105 1.31 2.14 -36.42
CA VAL D 105 1.72 0.80 -36.00
C VAL D 105 0.54 -0.17 -36.03
N VAL D 106 0.39 -0.88 -37.13
CA VAL D 106 -0.68 -1.85 -37.27
C VAL D 106 -0.14 -3.27 -37.40
N ALA D 107 -0.46 -4.10 -36.42
CA ALA D 107 -0.05 -5.50 -36.39
C ALA D 107 1.45 -5.76 -36.44
N GLY D 108 2.19 -5.25 -35.46
CA GLY D 108 3.62 -5.46 -35.40
C GLY D 108 4.48 -4.74 -36.42
N ARG D 109 3.85 -4.00 -37.34
CA ARG D 109 4.62 -3.27 -38.35
C ARG D 109 4.29 -1.78 -38.30
N THR D 110 5.24 -0.94 -38.68
CA THR D 110 5.02 0.49 -38.63
C THR D 110 5.01 1.15 -40.00
N CYS D 111 4.06 2.06 -40.20
CA CYS D 111 3.97 2.76 -41.45
C CYS D 111 4.51 4.17 -41.25
N TYR D 112 5.48 4.56 -42.07
CA TYR D 112 6.05 5.88 -41.97
C TYR D 112 5.24 6.79 -42.89
N GLY D 113 4.67 7.84 -42.31
CA GLY D 113 3.84 8.75 -43.10
C GLY D 113 3.60 10.15 -42.55
N PRO D 114 2.42 10.73 -42.87
CA PRO D 114 1.82 12.05 -42.55
C PRO D 114 1.44 12.56 -41.16
N ASN D 115 1.91 12.00 -40.05
CA ASN D 115 1.54 12.53 -38.73
C ASN D 115 0.23 11.97 -38.17
N TYR D 116 -0.88 12.49 -38.70
CA TYR D 116 -2.22 12.09 -38.25
C TYR D 116 -2.87 11.02 -39.15
N TRP D 117 -3.37 9.96 -38.52
CA TRP D 117 -4.01 8.84 -39.21
C TRP D 117 -5.48 8.70 -38.84
N GLY D 118 -6.20 7.94 -39.67
CA GLY D 118 -7.61 7.69 -39.40
C GLY D 118 -7.66 6.30 -38.77
N GLN D 119 -8.85 5.76 -38.54
CA GLN D 119 -8.93 4.44 -37.93
C GLN D 119 -8.86 3.34 -38.98
N GLY D 120 -8.77 3.74 -40.25
CA GLY D 120 -8.70 2.78 -41.33
C GLY D 120 -10.02 2.11 -41.62
N THR D 121 -10.40 2.12 -42.89
CA THR D 121 -11.65 1.49 -43.32
C THR D 121 -11.25 0.18 -43.96
N GLN D 122 -12.22 -0.68 -44.28
CA GLN D 122 -11.93 -1.96 -44.90
C GLN D 122 -12.50 -2.05 -46.31
N VAL D 123 -11.72 -2.63 -47.21
CA VAL D 123 -12.15 -2.80 -48.60
C VAL D 123 -11.88 -4.24 -49.01
N THR D 124 -12.81 -4.82 -49.75
CA THR D 124 -12.69 -6.21 -50.18
C THR D 124 -13.17 -6.41 -51.61
N VAL D 125 -12.40 -7.18 -52.39
CA VAL D 125 -12.74 -7.44 -53.78
C VAL D 125 -12.63 -8.93 -54.10
N GLN E 1 -9.97 6.54 1.72
CA GLN E 1 -10.60 5.99 0.50
C GLN E 1 -11.05 4.54 0.66
N TYR E 2 -10.15 3.68 1.14
CA TYR E 2 -10.44 2.26 1.33
C TYR E 2 -11.07 1.89 2.66
N ALA E 3 -10.74 2.66 3.70
CA ALA E 3 -11.27 2.42 5.04
C ALA E 3 -12.75 2.74 5.11
N PRO E 4 -13.56 1.79 5.59
CA PRO E 4 -15.00 2.02 5.69
C PRO E 4 -15.37 3.23 6.57
N GLN E 5 -14.57 3.46 7.60
CA GLN E 5 -14.79 4.57 8.54
C GLN E 5 -15.98 4.30 9.44
N THR E 6 -16.34 3.02 9.59
CA THR E 6 -17.45 2.66 10.47
C THR E 6 -16.85 2.70 11.86
N GLN E 7 -17.69 2.66 12.88
CA GLN E 7 -17.19 2.65 14.24
C GLN E 7 -16.41 1.34 14.39
N SER E 8 -15.18 1.42 14.89
CA SER E 8 -14.36 0.23 15.06
C SER E 8 -15.16 -0.92 15.66
N GLY E 9 -14.96 -2.11 15.11
CA GLY E 9 -15.69 -3.26 15.62
C GLY E 9 -16.88 -3.59 14.74
N ARG E 10 -17.39 -2.58 14.04
CA ARG E 10 -18.53 -2.71 13.13
C ARG E 10 -17.99 -3.03 11.73
N THR E 11 -18.38 -4.20 11.21
CA THR E 11 -17.88 -4.73 9.95
C THR E 11 -18.80 -4.82 8.74
N SER E 12 -20.07 -4.45 8.85
CA SER E 12 -20.96 -4.54 7.70
C SER E 12 -21.82 -3.30 7.49
N ILE E 13 -22.44 -3.23 6.31
CA ILE E 13 -23.34 -2.14 5.97
C ILE E 13 -24.57 -2.76 5.32
N VAL E 14 -25.73 -2.12 5.49
CA VAL E 14 -26.95 -2.63 4.87
C VAL E 14 -27.52 -1.61 3.91
N HIS E 15 -28.11 -2.13 2.85
CA HIS E 15 -28.72 -1.28 1.86
C HIS E 15 -30.20 -1.18 2.23
N LEU E 16 -30.60 -0.05 2.80
CA LEU E 16 -31.99 0.14 3.16
C LEU E 16 -32.70 0.75 1.94
N PHE E 17 -32.68 -0.04 0.88
CA PHE E 17 -33.26 0.26 -0.43
C PHE E 17 -34.59 1.02 -0.41
N GLU E 18 -34.58 2.26 -0.89
CA GLU E 18 -35.78 3.07 -0.98
C GLU E 18 -36.47 3.43 0.33
N TRP E 19 -35.73 3.33 1.43
CA TRP E 19 -36.28 3.66 2.74
C TRP E 19 -36.34 5.19 2.87
N ARG E 20 -37.31 5.68 3.64
CA ARG E 20 -37.47 7.13 3.87
C ARG E 20 -36.48 7.55 4.96
N TRP E 21 -36.12 8.82 4.97
CA TRP E 21 -35.18 9.34 5.96
C TRP E 21 -35.65 9.19 7.40
N VAL E 22 -36.93 9.43 7.67
CA VAL E 22 -37.44 9.29 9.04
C VAL E 22 -37.37 7.84 9.55
N ASP E 23 -37.69 6.89 8.69
CA ASP E 23 -37.67 5.47 9.07
C ASP E 23 -36.27 4.97 9.34
N ILE E 24 -35.31 5.42 8.54
CA ILE E 24 -33.93 5.03 8.71
C ILE E 24 -33.40 5.65 9.99
N ALA E 25 -33.85 6.87 10.28
CA ALA E 25 -33.44 7.56 11.50
C ALA E 25 -33.85 6.70 12.70
N LEU E 26 -35.10 6.25 12.69
CA LEU E 26 -35.61 5.43 13.77
C LEU E 26 -34.90 4.09 13.81
N GLU E 27 -34.75 3.46 12.66
CA GLU E 27 -34.11 2.16 12.59
C GLU E 27 -32.70 2.17 13.19
N CYS E 28 -31.94 3.24 12.93
CA CYS E 28 -30.59 3.34 13.47
C CYS E 28 -30.62 3.23 14.98
N GLU E 29 -31.50 4.03 15.59
CA GLU E 29 -31.65 4.07 17.04
C GLU E 29 -32.19 2.81 17.68
N ARG E 30 -33.26 2.28 17.10
CA ARG E 30 -33.95 1.09 17.62
C ARG E 30 -33.44 -0.29 17.19
N TYR E 31 -32.43 -0.35 16.33
CA TYR E 31 -31.96 -1.66 15.85
C TYR E 31 -30.50 -1.69 15.36
N LEU E 32 -30.23 -0.99 14.27
CA LEU E 32 -28.89 -0.95 13.70
C LEU E 32 -27.77 -0.73 14.70
N GLY E 33 -27.90 0.30 15.54
CA GLY E 33 -26.88 0.58 16.53
C GLY E 33 -26.72 -0.55 17.52
N PRO E 34 -27.78 -0.92 18.26
CA PRO E 34 -27.71 -2.02 19.23
C PRO E 34 -27.21 -3.33 18.61
N LYS E 35 -27.55 -3.57 17.36
CA LYS E 35 -27.11 -4.80 16.70
C LYS E 35 -25.74 -4.71 16.04
N GLY E 36 -25.05 -3.59 16.25
CA GLY E 36 -23.73 -3.43 15.69
C GLY E 36 -23.56 -3.25 14.20
N PHE E 37 -24.62 -2.91 13.48
CA PHE E 37 -24.48 -2.67 12.05
C PHE E 37 -23.54 -1.47 11.86
N GLY E 38 -22.56 -1.62 10.97
CA GLY E 38 -21.61 -0.54 10.72
C GLY E 38 -22.17 0.71 10.09
N GLY E 39 -23.02 0.54 9.09
CA GLY E 39 -23.59 1.69 8.42
C GLY E 39 -24.71 1.34 7.45
N VAL E 40 -25.29 2.36 6.82
CA VAL E 40 -26.38 2.18 5.87
C VAL E 40 -26.11 2.78 4.48
N GLN E 41 -26.52 2.08 3.43
CA GLN E 41 -26.38 2.62 2.09
C GLN E 41 -27.77 3.15 1.76
N VAL E 42 -27.86 4.46 1.56
CA VAL E 42 -29.14 5.09 1.26
C VAL E 42 -29.33 5.33 -0.23
N SER E 43 -30.57 5.21 -0.69
CA SER E 43 -30.84 5.44 -2.09
C SER E 43 -30.42 6.89 -2.39
N PRO E 44 -30.33 7.26 -3.67
CA PRO E 44 -29.94 8.63 -4.04
C PRO E 44 -30.79 9.69 -3.32
N PRO E 45 -30.14 10.65 -2.64
CA PRO E 45 -30.90 11.68 -1.94
C PRO E 45 -31.15 12.94 -2.76
N ASN E 46 -30.53 13.03 -3.93
CA ASN E 46 -30.70 14.19 -4.79
C ASN E 46 -32.00 14.10 -5.57
N GLU E 47 -32.52 15.24 -5.99
CA GLU E 47 -33.76 15.31 -6.74
C GLU E 47 -33.68 14.51 -8.05
N ASN E 48 -34.74 13.77 -8.36
CA ASN E 48 -34.80 13.00 -9.59
C ASN E 48 -36.04 13.38 -10.41
N ILE E 49 -36.12 12.82 -11.60
CA ILE E 49 -37.27 13.06 -12.47
C ILE E 49 -38.42 12.18 -12.02
N VAL E 50 -39.64 12.59 -12.26
CA VAL E 50 -40.79 11.78 -11.86
C VAL E 50 -41.26 11.00 -13.08
N VAL E 51 -41.19 9.67 -12.98
CA VAL E 51 -41.60 8.81 -14.07
C VAL E 51 -43.01 8.33 -13.83
N THR E 52 -43.90 8.55 -14.79
CA THR E 52 -45.30 8.15 -14.66
C THR E 52 -45.63 6.95 -15.55
N ASN E 53 -44.72 6.59 -16.44
CA ASN E 53 -44.92 5.43 -17.29
C ASN E 53 -43.71 4.51 -17.20
N PRO E 54 -43.77 3.49 -16.34
CA PRO E 54 -44.86 3.12 -15.42
C PRO E 54 -44.95 4.05 -14.22
N SER E 55 -45.96 3.85 -13.38
CA SER E 55 -46.17 4.73 -12.25
C SER E 55 -45.17 4.67 -11.11
N ARG E 56 -44.24 5.63 -11.12
CA ARG E 56 -43.23 5.74 -10.07
C ARG E 56 -42.39 4.48 -9.87
N PRO E 57 -41.63 4.09 -10.89
CA PRO E 57 -40.82 2.88 -10.71
C PRO E 57 -39.66 3.18 -9.79
N TRP E 58 -38.93 2.14 -9.36
CA TRP E 58 -37.80 2.34 -8.47
C TRP E 58 -36.63 3.04 -9.15
N TRP E 59 -36.40 2.72 -10.43
CA TRP E 59 -35.29 3.34 -11.16
C TRP E 59 -35.36 4.82 -11.49
N GLU E 60 -36.51 5.46 -11.29
CA GLU E 60 -36.59 6.89 -11.59
C GLU E 60 -35.55 7.62 -10.71
N ARG E 61 -35.19 7.02 -9.59
CA ARG E 61 -34.22 7.64 -8.68
C ARG E 61 -32.80 7.68 -9.23
N TYR E 62 -32.57 7.10 -10.42
CA TYR E 62 -31.24 7.15 -11.01
C TYR E 62 -31.22 8.12 -12.19
N GLN E 63 -32.22 8.99 -12.22
CA GLN E 63 -32.35 10.01 -13.23
C GLN E 63 -32.45 11.38 -12.54
N PRO E 64 -31.29 11.94 -12.16
CA PRO E 64 -31.21 13.23 -11.48
C PRO E 64 -31.65 14.42 -12.31
N VAL E 65 -32.14 15.45 -11.62
CA VAL E 65 -32.57 16.67 -12.27
C VAL E 65 -31.90 17.84 -11.55
N SER E 66 -31.29 17.56 -10.40
CA SER E 66 -30.56 18.57 -9.63
C SER E 66 -29.91 17.93 -8.41
N TYR E 67 -29.13 18.71 -7.66
CA TYR E 67 -28.45 18.18 -6.47
C TYR E 67 -29.12 18.56 -5.16
N LYS E 68 -30.36 19.01 -5.25
CA LYS E 68 -31.11 19.34 -4.04
C LYS E 68 -31.39 18.02 -3.33
N LEU E 69 -31.26 18.01 -2.01
CA LEU E 69 -31.52 16.81 -1.21
C LEU E 69 -33.01 16.79 -0.91
N CYS E 70 -33.79 16.44 -1.93
CA CYS E 70 -35.25 16.44 -1.82
C CYS E 70 -35.88 15.37 -2.72
N THR E 71 -36.34 14.28 -2.10
CA THR E 71 -36.92 13.15 -2.83
C THR E 71 -38.12 12.52 -2.12
N ARG E 72 -38.51 11.34 -2.58
CA ARG E 72 -39.62 10.66 -1.92
C ARG E 72 -39.16 10.15 -0.56
N SER E 73 -37.84 10.01 -0.39
CA SER E 73 -37.32 9.55 0.91
C SER E 73 -37.39 10.68 1.94
N GLY E 74 -37.50 11.93 1.46
CA GLY E 74 -37.59 13.05 2.38
C GLY E 74 -36.86 14.31 1.94
N ASN E 75 -37.00 15.37 2.73
CA ASN E 75 -36.36 16.65 2.43
C ASN E 75 -34.97 16.73 3.03
N GLU E 76 -34.31 17.86 2.82
CA GLU E 76 -32.95 18.04 3.33
C GLU E 76 -32.83 17.98 4.85
N ASN E 77 -33.74 18.64 5.56
CA ASN E 77 -33.68 18.62 7.01
C ASN E 77 -33.89 17.21 7.56
N GLU E 78 -34.76 16.43 6.94
CA GLU E 78 -35.00 15.07 7.39
C GLU E 78 -33.71 14.26 7.14
N PHE E 79 -33.10 14.46 5.97
CA PHE E 79 -31.85 13.76 5.66
C PHE E 79 -30.82 14.13 6.73
N ARG E 80 -30.77 15.41 7.08
CA ARG E 80 -29.84 15.89 8.10
C ARG E 80 -30.10 15.21 9.44
N ASP E 81 -31.36 15.22 9.85
CA ASP E 81 -31.75 14.64 11.13
C ASP E 81 -31.34 13.18 11.16
N MET E 82 -31.58 12.47 10.07
CA MET E 82 -31.22 11.05 9.95
C MET E 82 -29.72 10.85 10.20
N VAL E 83 -28.92 11.60 9.44
CA VAL E 83 -27.46 11.51 9.53
C VAL E 83 -26.93 11.84 10.91
N THR E 84 -27.47 12.90 11.51
CA THR E 84 -27.03 13.30 12.84
C THR E 84 -27.40 12.23 13.88
N ARG E 85 -28.61 11.71 13.76
CA ARG E 85 -29.08 10.71 14.70
C ARG E 85 -28.42 9.34 14.52
N CYS E 86 -28.15 8.97 13.28
CA CYS E 86 -27.51 7.68 13.04
C CYS E 86 -26.07 7.74 13.54
N ASN E 87 -25.36 8.81 13.20
CA ASN E 87 -23.96 8.93 13.63
C ASN E 87 -23.88 8.93 15.14
N ASN E 88 -24.89 9.51 15.79
CA ASN E 88 -24.90 9.57 17.25
C ASN E 88 -24.97 8.21 17.97
N VAL E 89 -25.41 7.16 17.27
CA VAL E 89 -25.46 5.82 17.87
C VAL E 89 -24.51 4.89 17.12
N GLY E 90 -23.54 5.50 16.44
CA GLY E 90 -22.53 4.74 15.72
C GLY E 90 -22.90 4.04 14.43
N VAL E 91 -23.90 4.54 13.72
CA VAL E 91 -24.31 3.92 12.46
C VAL E 91 -24.04 4.92 11.33
N ARG E 92 -23.27 4.50 10.34
CA ARG E 92 -22.91 5.34 9.23
C ARG E 92 -23.94 5.49 8.11
N ILE E 93 -23.84 6.61 7.39
CA ILE E 93 -24.69 6.87 6.24
C ILE E 93 -23.78 6.98 5.03
N TYR E 94 -23.98 6.10 4.06
CA TYR E 94 -23.21 6.09 2.83
C TYR E 94 -24.21 6.38 1.73
N VAL E 95 -23.92 7.41 0.93
CA VAL E 95 -24.80 7.84 -0.14
C VAL E 95 -24.55 7.23 -1.51
N ASP E 96 -25.65 6.84 -2.16
CA ASP E 96 -25.59 6.31 -3.50
C ASP E 96 -25.39 7.54 -4.40
N ALA E 97 -24.16 7.75 -4.87
CA ALA E 97 -23.85 8.92 -5.68
C ALA E 97 -24.04 8.76 -7.17
N VAL E 98 -25.14 9.32 -7.69
CA VAL E 98 -25.39 9.23 -9.13
C VAL E 98 -24.79 10.48 -9.76
N ILE E 99 -23.55 10.37 -10.23
CA ILE E 99 -22.87 11.51 -10.83
C ILE E 99 -22.42 11.34 -12.27
N ASN E 100 -22.88 10.29 -12.93
CA ASN E 100 -22.49 10.04 -14.32
C ASN E 100 -23.41 10.74 -15.32
N HIS E 101 -24.66 10.92 -14.91
CA HIS E 101 -25.64 11.48 -15.80
C HIS E 101 -26.79 12.18 -15.08
N MET E 102 -27.69 12.71 -15.88
CA MET E 102 -28.89 13.34 -15.40
C MET E 102 -29.98 12.45 -15.95
N CYS E 103 -31.23 12.89 -15.93
CA CYS E 103 -32.33 12.06 -16.42
C CYS E 103 -32.21 11.60 -17.88
N GLY E 104 -33.25 10.91 -18.35
CA GLY E 104 -33.27 10.42 -19.71
C GLY E 104 -33.40 11.54 -20.71
N SER E 105 -32.65 11.42 -21.80
CA SER E 105 -32.66 12.42 -22.85
C SER E 105 -34.05 12.57 -23.46
N GLY E 106 -34.89 11.56 -23.28
CA GLY E 106 -36.23 11.61 -23.82
C GLY E 106 -37.31 11.92 -22.80
N ALA E 107 -36.95 12.60 -21.71
CA ALA E 107 -37.94 12.94 -20.69
C ALA E 107 -38.57 14.30 -21.01
N ALA E 108 -39.89 14.38 -20.90
CA ALA E 108 -40.61 15.62 -21.20
C ALA E 108 -40.14 16.76 -20.31
N ALA E 109 -40.16 17.98 -20.85
CA ALA E 109 -39.74 19.15 -20.10
C ALA E 109 -40.84 19.56 -19.12
N GLY E 110 -40.47 20.27 -18.07
CA GLY E 110 -41.45 20.72 -17.10
C GLY E 110 -40.93 20.63 -15.67
N THR E 111 -41.85 20.74 -14.71
CA THR E 111 -41.49 20.68 -13.30
C THR E 111 -41.92 19.34 -12.68
N GLY E 112 -41.94 18.30 -13.51
CA GLY E 112 -42.34 16.98 -13.03
C GLY E 112 -41.14 16.32 -12.38
N THR E 113 -40.75 16.85 -11.22
CA THR E 113 -39.61 16.34 -10.47
C THR E 113 -39.93 16.22 -8.97
N THR E 114 -39.15 15.43 -8.25
CA THR E 114 -39.42 15.23 -6.83
C THR E 114 -39.41 16.50 -5.99
N CYS E 115 -38.81 17.59 -6.49
CA CYS E 115 -38.78 18.84 -5.73
C CYS E 115 -39.28 20.06 -6.51
N GLY E 116 -40.02 19.83 -7.59
CA GLY E 116 -40.54 20.95 -8.37
C GLY E 116 -39.54 21.71 -9.23
N SER E 117 -38.27 21.29 -9.25
CA SER E 117 -37.29 21.99 -10.06
C SER E 117 -37.61 21.82 -11.54
N TYR E 118 -37.42 22.87 -12.33
CA TYR E 118 -37.70 22.78 -13.75
C TYR E 118 -36.50 22.22 -14.48
N CYS E 119 -36.76 21.55 -15.59
CA CYS E 119 -35.69 21.01 -16.41
C CYS E 119 -36.22 20.75 -17.81
N ASN E 120 -35.35 20.90 -18.80
CA ASN E 120 -35.74 20.66 -20.18
C ASN E 120 -34.73 19.67 -20.73
N PRO E 121 -34.99 18.37 -20.54
CA PRO E 121 -34.10 17.30 -21.00
C PRO E 121 -33.71 17.37 -22.47
N GLY E 122 -34.67 17.57 -23.35
CA GLY E 122 -34.37 17.64 -24.76
C GLY E 122 -33.29 18.67 -25.03
N SER E 123 -33.42 19.83 -24.39
CA SER E 123 -32.44 20.88 -24.58
C SER E 123 -31.26 20.86 -23.61
N ARG E 124 -31.21 19.84 -22.74
CA ARG E 124 -30.13 19.73 -21.76
C ARG E 124 -30.14 20.91 -20.78
N GLU E 125 -31.32 21.37 -20.40
CA GLU E 125 -31.43 22.48 -19.47
C GLU E 125 -31.81 22.01 -18.06
N PHE E 126 -30.93 22.25 -17.10
CA PHE E 126 -31.14 21.87 -15.70
C PHE E 126 -30.73 23.05 -14.86
N PRO E 127 -31.56 24.11 -14.84
CA PRO E 127 -31.33 25.35 -14.08
C PRO E 127 -31.14 25.24 -12.57
N ALA E 128 -31.51 24.11 -11.99
CA ALA E 128 -31.37 23.92 -10.55
C ALA E 128 -29.93 23.58 -10.16
N VAL E 129 -29.10 23.21 -11.14
CA VAL E 129 -27.72 22.86 -10.83
C VAL E 129 -26.81 24.11 -10.82
N PRO E 130 -26.71 24.81 -11.95
CA PRO E 130 -27.36 24.59 -13.24
C PRO E 130 -26.41 23.95 -14.25
N TYR E 131 -26.96 23.21 -15.19
CA TYR E 131 -26.19 22.57 -16.24
C TYR E 131 -26.87 22.99 -17.54
N SER E 132 -26.09 23.07 -18.61
CA SER E 132 -26.60 23.42 -19.92
C SER E 132 -25.98 22.44 -20.91
N ALA E 133 -26.47 22.48 -22.15
CA ALA E 133 -26.00 21.59 -23.21
C ALA E 133 -24.50 21.33 -23.22
N TRP E 134 -23.72 22.40 -23.15
CA TRP E 134 -22.27 22.28 -23.18
C TRP E 134 -21.69 21.48 -22.01
N ASP E 135 -22.54 21.11 -21.06
CA ASP E 135 -22.09 20.32 -19.92
C ASP E 135 -22.26 18.83 -20.18
N PHE E 136 -22.74 18.48 -21.37
CA PHE E 136 -22.95 17.08 -21.69
C PHE E 136 -22.03 16.58 -22.79
N ASN E 137 -21.93 15.26 -22.92
CA ASN E 137 -21.05 14.61 -23.91
C ASN E 137 -21.64 14.31 -25.28
N ASP E 138 -22.69 14.99 -25.71
CA ASP E 138 -23.28 14.71 -27.01
C ASP E 138 -22.22 14.67 -28.12
N GLY E 139 -21.37 15.70 -28.19
CA GLY E 139 -20.36 15.75 -29.22
C GLY E 139 -19.22 14.77 -29.01
N LYS E 140 -18.96 14.42 -27.76
CA LYS E 140 -17.88 13.49 -27.46
C LYS E 140 -18.17 12.07 -27.96
N CYS E 141 -19.42 11.63 -27.81
CA CYS E 141 -19.81 10.29 -28.24
C CYS E 141 -19.67 10.17 -29.75
N LYS E 142 -19.12 9.06 -30.20
CA LYS E 142 -18.88 8.84 -31.62
C LYS E 142 -19.74 7.75 -32.28
N THR E 143 -20.63 7.11 -31.52
CA THR E 143 -21.47 6.07 -32.13
C THR E 143 -22.56 6.71 -32.96
N ALA E 144 -23.13 5.95 -33.89
CA ALA E 144 -24.18 6.47 -34.74
C ALA E 144 -25.44 6.74 -33.93
N SER E 145 -25.68 5.88 -32.95
CA SER E 145 -26.86 5.99 -32.10
C SER E 145 -26.69 7.07 -31.05
N GLY E 146 -25.49 7.18 -30.52
CA GLY E 146 -25.23 8.17 -29.48
C GLY E 146 -25.24 7.41 -28.17
N GLY E 147 -25.67 6.16 -28.26
CA GLY E 147 -25.73 5.31 -27.09
C GLY E 147 -24.65 4.25 -27.20
N ILE E 148 -24.49 3.49 -26.12
CA ILE E 148 -23.49 2.43 -26.07
C ILE E 148 -23.96 1.28 -26.94
N GLU E 149 -23.13 0.90 -27.90
CA GLU E 149 -23.46 -0.18 -28.82
C GLU E 149 -22.55 -1.39 -28.56
N SER E 150 -21.33 -1.12 -28.09
CA SER E 150 -20.39 -2.19 -27.81
C SER E 150 -19.54 -1.93 -26.57
N TYR E 151 -19.59 -2.87 -25.62
CA TYR E 151 -18.84 -2.78 -24.39
C TYR E 151 -17.39 -3.20 -24.55
N ASN E 152 -16.99 -3.48 -25.79
CA ASN E 152 -15.61 -3.86 -26.06
C ASN E 152 -14.86 -2.59 -26.39
N ASP E 153 -15.61 -1.50 -26.47
CA ASP E 153 -15.07 -0.18 -26.79
C ASP E 153 -15.18 0.71 -25.56
N PRO E 154 -14.07 0.91 -24.83
CA PRO E 154 -14.07 1.75 -23.63
C PRO E 154 -14.51 3.18 -23.87
N TYR E 155 -14.24 3.72 -25.05
CA TYR E 155 -14.63 5.10 -25.33
C TYR E 155 -16.13 5.36 -25.39
N GLN E 156 -16.89 4.49 -26.02
CA GLN E 156 -18.32 4.75 -26.09
C GLN E 156 -19.05 4.32 -24.82
N VAL E 157 -18.44 3.42 -24.05
CA VAL E 157 -19.09 2.98 -22.83
C VAL E 157 -19.06 4.12 -21.81
N ARG E 158 -18.02 4.95 -21.89
CA ARG E 158 -17.85 6.08 -20.98
C ARG E 158 -18.22 7.45 -21.55
N ASP E 159 -18.31 7.54 -22.88
CA ASP E 159 -18.63 8.81 -23.51
C ASP E 159 -20.03 8.90 -24.13
N CYS E 160 -20.72 7.77 -24.23
CA CYS E 160 -22.05 7.75 -24.82
C CYS E 160 -23.14 7.55 -23.76
N GLN E 161 -24.39 7.71 -24.17
CA GLN E 161 -25.52 7.57 -23.28
C GLN E 161 -25.85 6.15 -22.85
N LEU E 162 -26.06 5.99 -21.54
CA LEU E 162 -26.41 4.70 -20.96
C LEU E 162 -27.93 4.70 -20.91
N VAL E 163 -28.53 3.73 -21.59
CA VAL E 163 -29.99 3.61 -21.66
C VAL E 163 -30.68 4.97 -21.79
N GLY E 164 -30.19 5.79 -22.71
CA GLY E 164 -30.77 7.10 -22.96
C GLY E 164 -30.47 8.22 -21.98
N LEU E 165 -29.78 7.90 -20.88
CA LEU E 165 -29.42 8.88 -19.87
C LEU E 165 -28.50 9.95 -20.44
N LEU E 166 -28.81 11.22 -20.18
CA LEU E 166 -27.97 12.29 -20.67
C LEU E 166 -26.62 12.08 -19.99
N ASP E 167 -25.57 11.85 -20.78
CA ASP E 167 -24.24 11.60 -20.20
C ASP E 167 -23.54 12.92 -19.90
N LEU E 168 -23.08 13.05 -18.66
CA LEU E 168 -22.39 14.25 -18.19
C LEU E 168 -20.95 14.35 -18.70
N ALA E 169 -20.50 15.57 -18.97
CA ALA E 169 -19.14 15.80 -19.45
C ALA E 169 -18.19 15.91 -18.25
N LEU E 170 -17.79 14.77 -17.71
CA LEU E 170 -16.93 14.77 -16.54
C LEU E 170 -15.45 15.17 -16.74
N GLU E 171 -15.06 15.51 -17.96
CA GLU E 171 -13.68 15.93 -18.14
C GLU E 171 -13.61 17.41 -17.74
N LYS E 172 -14.77 18.06 -17.65
CA LYS E 172 -14.84 19.48 -17.32
C LYS E 172 -14.76 19.80 -15.83
N ASP E 173 -13.84 20.69 -15.50
CA ASP E 173 -13.65 21.11 -14.12
C ASP E 173 -14.95 21.67 -13.56
N TYR E 174 -15.74 22.29 -14.43
CA TYR E 174 -17.02 22.86 -14.03
C TYR E 174 -17.98 21.79 -13.54
N VAL E 175 -18.04 20.70 -14.29
CA VAL E 175 -18.91 19.58 -13.98
C VAL E 175 -18.32 18.81 -12.81
N ARG E 176 -16.99 18.76 -12.78
CA ARG E 176 -16.28 18.06 -11.72
C ARG E 176 -16.47 18.80 -10.39
N SER E 177 -16.35 20.13 -10.40
CA SER E 177 -16.49 20.93 -9.19
C SER E 177 -17.92 21.01 -8.68
N MET E 178 -18.86 21.00 -9.61
CA MET E 178 -20.27 21.04 -9.27
C MET E 178 -20.61 19.73 -8.55
N ILE E 179 -20.17 18.62 -9.14
CA ILE E 179 -20.44 17.32 -8.53
C ILE E 179 -19.79 17.26 -7.15
N ALA E 180 -18.58 17.81 -7.06
CA ALA E 180 -17.83 17.82 -5.80
C ALA E 180 -18.50 18.73 -4.77
N ASP E 181 -19.28 19.70 -5.24
CA ASP E 181 -19.97 20.61 -4.33
C ASP E 181 -21.09 19.83 -3.67
N TYR E 182 -21.72 18.96 -4.45
CA TYR E 182 -22.80 18.11 -3.98
C TYR E 182 -22.27 17.17 -2.91
N LEU E 183 -21.21 16.45 -3.26
CA LEU E 183 -20.62 15.49 -2.34
C LEU E 183 -20.17 16.14 -1.04
N ASN E 184 -19.44 17.25 -1.15
CA ASN E 184 -18.96 17.92 0.04
C ASN E 184 -20.08 18.40 0.96
N LYS E 185 -21.25 18.71 0.39
CA LYS E 185 -22.38 19.15 1.19
C LYS E 185 -22.83 17.97 2.06
N LEU E 186 -22.87 16.79 1.46
CA LEU E 186 -23.28 15.59 2.19
C LEU E 186 -22.24 15.28 3.25
N ILE E 187 -20.98 15.41 2.88
CA ILE E 187 -19.88 15.14 3.80
C ILE E 187 -19.95 16.08 5.00
N ASP E 188 -20.21 17.36 4.73
CA ASP E 188 -20.33 18.34 5.80
C ASP E 188 -21.48 17.96 6.72
N ILE E 189 -22.54 17.41 6.14
CA ILE E 189 -23.71 16.99 6.92
C ILE E 189 -23.40 15.83 7.85
N GLY E 190 -22.43 14.99 7.49
CA GLY E 190 -22.09 13.86 8.34
C GLY E 190 -21.92 12.54 7.61
N VAL E 191 -22.20 12.53 6.31
CA VAL E 191 -22.07 11.34 5.50
C VAL E 191 -20.65 10.76 5.64
N ALA E 192 -20.54 9.44 5.68
CA ALA E 192 -19.24 8.77 5.83
C ALA E 192 -18.57 8.32 4.54
N GLY E 193 -19.33 8.18 3.47
CA GLY E 193 -18.73 7.76 2.22
C GLY E 193 -19.76 7.64 1.12
N PHE E 194 -19.37 7.07 -0.01
CA PHE E 194 -20.28 6.94 -1.14
C PHE E 194 -20.06 5.70 -2.00
N ARG E 195 -21.12 5.35 -2.71
CA ARG E 195 -21.11 4.28 -3.68
C ARG E 195 -21.17 5.13 -4.96
N ILE E 196 -20.22 4.95 -5.86
CA ILE E 196 -20.25 5.73 -7.07
C ILE E 196 -21.04 4.94 -8.10
N ASP E 197 -22.28 5.35 -8.30
CA ASP E 197 -23.14 4.67 -9.25
C ASP E 197 -22.57 4.71 -10.66
N ALA E 198 -22.75 3.60 -11.39
CA ALA E 198 -22.29 3.49 -12.77
C ALA E 198 -20.89 4.02 -13.00
N SER E 199 -19.94 3.47 -12.27
CA SER E 199 -18.54 3.89 -12.39
C SER E 199 -17.91 3.40 -13.68
N LYS E 200 -18.41 2.28 -14.19
CA LYS E 200 -17.85 1.74 -15.43
C LYS E 200 -18.04 2.74 -16.56
N HIS E 201 -19.15 3.46 -16.49
CA HIS E 201 -19.47 4.45 -17.53
C HIS E 201 -18.78 5.80 -17.40
N MET E 202 -17.80 5.86 -16.49
CA MET E 202 -17.01 7.07 -16.29
C MET E 202 -15.53 6.67 -16.30
N TRP E 203 -14.67 7.61 -16.66
CA TRP E 203 -13.24 7.34 -16.69
C TRP E 203 -12.66 7.33 -15.29
N PRO E 204 -11.77 6.37 -15.00
CA PRO E 204 -11.17 6.31 -13.66
C PRO E 204 -10.57 7.67 -13.34
N GLY E 205 -9.96 8.29 -14.35
CA GLY E 205 -9.33 9.59 -14.18
C GLY E 205 -10.25 10.73 -13.79
N ASP E 206 -11.44 10.78 -14.36
CA ASP E 206 -12.37 11.86 -14.03
C ASP E 206 -12.88 11.63 -12.62
N ILE E 207 -13.14 10.37 -12.29
CA ILE E 207 -13.62 10.02 -10.96
C ILE E 207 -12.61 10.57 -9.95
N LYS E 208 -11.33 10.30 -10.23
CA LYS E 208 -10.26 10.75 -9.36
C LYS E 208 -10.32 12.26 -9.17
N ALA E 209 -10.48 12.99 -10.27
CA ALA E 209 -10.54 14.45 -10.21
C ALA E 209 -11.58 14.97 -9.22
N VAL E 210 -12.75 14.33 -9.20
CA VAL E 210 -13.81 14.73 -8.30
C VAL E 210 -13.40 14.37 -6.88
N LEU E 211 -13.07 13.10 -6.69
CA LEU E 211 -12.68 12.58 -5.40
C LEU E 211 -11.66 13.46 -4.72
N ASP E 212 -10.69 13.96 -5.50
CA ASP E 212 -9.64 14.81 -4.95
C ASP E 212 -10.11 16.19 -4.52
N LYS E 213 -11.40 16.48 -4.73
CA LYS E 213 -11.95 17.78 -4.35
C LYS E 213 -12.68 17.63 -3.02
N LEU E 214 -12.81 16.39 -2.56
CA LEU E 214 -13.53 16.10 -1.32
C LEU E 214 -12.88 16.50 0.00
N HIS E 215 -13.70 17.03 0.91
CA HIS E 215 -13.23 17.44 2.23
C HIS E 215 -13.09 16.20 3.08
N ASN E 216 -12.42 16.36 4.22
CA ASN E 216 -12.24 15.26 5.16
C ASN E 216 -13.58 15.14 5.88
N LEU E 217 -13.79 14.01 6.53
CA LEU E 217 -15.04 13.76 7.23
C LEU E 217 -15.30 14.73 8.38
N ASN E 218 -16.57 14.86 8.74
CA ASN E 218 -17.02 15.75 9.81
C ASN E 218 -16.34 15.33 11.11
N THR E 219 -15.70 16.28 11.79
CA THR E 219 -15.00 15.99 13.04
C THR E 219 -15.88 15.85 14.27
N ASN E 220 -17.19 16.01 14.12
CA ASN E 220 -18.06 15.85 15.28
C ASN E 220 -18.27 14.35 15.51
N TRP E 221 -17.87 13.55 14.51
CA TRP E 221 -18.03 12.10 14.57
C TRP E 221 -16.84 11.30 14.09
N PHE E 222 -15.97 11.93 13.32
CA PHE E 222 -14.79 11.26 12.78
C PHE E 222 -13.51 11.98 13.19
N PRO E 223 -12.38 11.26 13.21
CA PRO E 223 -11.11 11.90 13.59
C PRO E 223 -10.46 12.77 12.51
N ALA E 224 -9.58 13.65 12.96
CA ALA E 224 -8.83 14.60 12.14
C ALA E 224 -8.93 14.47 10.61
N GLY E 225 -7.94 13.81 10.02
CA GLY E 225 -7.90 13.65 8.56
C GLY E 225 -8.55 12.39 8.03
N SER E 226 -9.87 12.32 8.15
CA SER E 226 -10.59 11.15 7.67
C SER E 226 -11.00 11.31 6.22
N ARG E 227 -10.64 10.32 5.41
CA ARG E 227 -10.96 10.26 3.99
C ARG E 227 -12.30 9.54 3.84
N PRO E 228 -13.21 10.07 3.02
CA PRO E 228 -14.49 9.38 2.87
C PRO E 228 -14.37 7.98 2.27
N PHE E 229 -15.21 7.07 2.74
CA PHE E 229 -15.22 5.71 2.23
C PHE E 229 -15.73 5.76 0.79
N ILE E 230 -15.00 5.13 -0.12
CA ILE E 230 -15.43 5.14 -1.51
C ILE E 230 -15.52 3.74 -2.08
N PHE E 231 -16.68 3.40 -2.63
CA PHE E 231 -16.80 2.10 -3.29
C PHE E 231 -17.56 2.33 -4.59
N GLN E 232 -16.82 2.13 -5.68
CA GLN E 232 -17.29 2.32 -7.03
C GLN E 232 -18.05 1.10 -7.52
N GLU E 233 -19.21 1.33 -8.14
CA GLU E 233 -20.04 0.25 -8.65
C GLU E 233 -19.62 -0.08 -10.07
N VAL E 234 -18.88 -1.17 -10.22
CA VAL E 234 -18.40 -1.61 -11.53
C VAL E 234 -18.77 -3.08 -11.76
N ILE E 235 -19.57 -3.33 -12.80
CA ILE E 235 -19.97 -4.69 -13.11
C ILE E 235 -18.97 -5.32 -14.07
N ASP E 236 -18.07 -6.14 -13.54
CA ASP E 236 -17.06 -6.79 -14.35
C ASP E 236 -16.99 -8.28 -14.03
N LEU E 237 -17.67 -9.07 -14.85
CA LEU E 237 -17.68 -10.51 -14.67
C LEU E 237 -16.72 -11.18 -15.65
N GLY E 238 -15.89 -10.37 -16.28
CA GLY E 238 -14.94 -10.91 -17.23
C GLY E 238 -15.43 -10.75 -18.65
N GLY E 239 -14.58 -11.06 -19.62
CA GLY E 239 -14.96 -10.92 -21.01
C GLY E 239 -15.47 -9.52 -21.27
N GLU E 240 -14.58 -8.53 -21.16
CA GLU E 240 -14.95 -7.14 -21.40
C GLU E 240 -13.70 -6.29 -21.38
N ALA E 241 -13.77 -5.15 -22.08
CA ALA E 241 -12.64 -4.23 -22.16
C ALA E 241 -12.34 -3.56 -20.82
N ILE E 242 -13.38 -3.14 -20.11
CA ILE E 242 -13.18 -2.47 -18.84
C ILE E 242 -12.95 -3.47 -17.71
N LYS E 243 -11.91 -3.25 -16.92
CA LYS E 243 -11.60 -4.11 -15.79
C LYS E 243 -11.77 -3.29 -14.51
N SER E 244 -12.41 -3.87 -13.51
CA SER E 244 -12.62 -3.17 -12.25
C SER E 244 -11.28 -2.74 -11.68
N SER E 245 -10.24 -3.48 -12.03
CA SER E 245 -8.89 -3.16 -11.55
C SER E 245 -8.45 -1.77 -11.99
N GLU E 246 -9.13 -1.24 -13.00
CA GLU E 246 -8.81 0.09 -13.50
C GLU E 246 -9.25 1.17 -12.53
N TYR E 247 -10.11 0.81 -11.58
CA TYR E 247 -10.63 1.76 -10.61
C TYR E 247 -10.07 1.61 -9.19
N PHE E 248 -9.02 0.80 -9.03
CA PHE E 248 -8.47 0.60 -7.69
C PHE E 248 -7.83 1.83 -7.04
N GLY E 249 -7.29 2.74 -7.83
CA GLY E 249 -6.65 3.91 -7.25
C GLY E 249 -7.60 4.91 -6.60
N ASN E 250 -8.89 4.79 -6.87
CA ASN E 250 -9.87 5.71 -6.31
C ASN E 250 -10.59 5.19 -5.08
N GLY E 251 -10.53 3.89 -4.83
CA GLY E 251 -11.22 3.33 -3.67
C GLY E 251 -11.56 1.88 -3.90
N ARG E 252 -12.46 1.34 -3.09
CA ARG E 252 -12.85 -0.06 -3.24
C ARG E 252 -13.81 -0.17 -4.40
N VAL E 253 -14.02 -1.40 -4.85
CA VAL E 253 -14.90 -1.66 -5.97
C VAL E 253 -15.83 -2.83 -5.64
N THR E 254 -17.05 -2.78 -6.15
CA THR E 254 -18.00 -3.85 -5.92
C THR E 254 -17.53 -5.07 -6.73
N GLU E 255 -17.47 -6.23 -6.07
CA GLU E 255 -17.03 -7.46 -6.72
C GLU E 255 -18.23 -8.33 -7.06
N PHE E 256 -18.77 -8.13 -8.25
CA PHE E 256 -19.95 -8.87 -8.71
C PHE E 256 -19.65 -10.34 -8.99
N LYS E 257 -18.37 -10.69 -9.12
CA LYS E 257 -18.01 -12.09 -9.35
C LYS E 257 -18.35 -12.89 -8.11
N TYR E 258 -18.29 -12.22 -6.95
CA TYR E 258 -18.55 -12.85 -5.66
C TYR E 258 -19.92 -13.50 -5.57
N GLY E 259 -20.98 -12.69 -5.65
CA GLY E 259 -22.32 -13.22 -5.55
C GLY E 259 -22.67 -14.20 -6.66
N ALA E 260 -22.08 -13.99 -7.83
CA ALA E 260 -22.33 -14.86 -8.97
C ALA E 260 -21.83 -16.28 -8.72
N LYS E 261 -20.56 -16.41 -8.37
CA LYS E 261 -20.00 -17.74 -8.13
C LYS E 261 -20.57 -18.39 -6.88
N LEU E 262 -20.72 -17.60 -5.82
CA LEU E 262 -21.26 -18.14 -4.56
C LEU E 262 -22.67 -18.68 -4.78
N GLY E 263 -23.44 -18.00 -5.63
CA GLY E 263 -24.80 -18.43 -5.91
C GLY E 263 -24.76 -19.80 -6.57
N THR E 264 -23.88 -19.93 -7.56
CA THR E 264 -23.72 -21.18 -8.30
C THR E 264 -23.38 -22.34 -7.36
N VAL E 265 -22.50 -22.09 -6.40
CA VAL E 265 -22.09 -23.15 -5.48
C VAL E 265 -23.19 -23.63 -4.54
N VAL E 266 -23.83 -22.71 -3.80
CA VAL E 266 -24.91 -23.07 -2.87
C VAL E 266 -26.06 -23.79 -3.55
N ARG E 267 -26.34 -23.42 -4.80
CA ARG E 267 -27.40 -24.05 -5.58
C ARG E 267 -26.88 -25.36 -6.14
N LYS E 268 -25.56 -25.50 -6.11
CA LYS E 268 -24.88 -26.68 -6.60
C LYS E 268 -25.11 -26.92 -8.09
N TRP E 269 -25.06 -25.86 -8.89
CA TRP E 269 -25.25 -26.01 -10.32
C TRP E 269 -23.93 -26.35 -10.99
N SER E 270 -24.01 -26.91 -12.18
CA SER E 270 -22.84 -27.25 -12.98
C SER E 270 -21.73 -27.99 -12.23
N GLY E 271 -22.10 -28.84 -11.27
CA GLY E 271 -21.10 -29.61 -10.55
C GLY E 271 -20.48 -28.95 -9.34
N GLU E 272 -20.72 -27.68 -9.12
CA GLU E 272 -20.14 -27.01 -7.96
C GLU E 272 -20.48 -27.69 -6.63
N LYS E 273 -19.50 -27.77 -5.75
CA LYS E 273 -19.67 -28.36 -4.43
C LYS E 273 -19.11 -27.39 -3.40
N MET E 274 -19.82 -27.22 -2.31
CA MET E 274 -19.37 -26.27 -1.29
C MET E 274 -17.98 -26.57 -0.71
N SER E 275 -17.56 -27.83 -0.76
CA SER E 275 -16.24 -28.20 -0.25
C SER E 275 -15.14 -27.57 -1.09
N TYR E 276 -15.49 -27.03 -2.25
CA TYR E 276 -14.52 -26.38 -3.13
C TYR E 276 -14.22 -24.96 -2.63
N LEU E 277 -15.02 -24.48 -1.69
CA LEU E 277 -14.85 -23.12 -1.16
C LEU E 277 -13.72 -22.98 -0.15
N LYS E 278 -12.95 -24.05 0.02
CA LYS E 278 -11.82 -24.04 0.95
C LYS E 278 -10.89 -22.85 0.70
N ASN E 279 -10.60 -22.58 -0.57
CA ASN E 279 -9.71 -21.49 -0.94
C ASN E 279 -10.46 -20.27 -1.48
N TRP E 280 -11.68 -20.09 -1.01
CA TRP E 280 -12.54 -18.97 -1.42
C TRP E 280 -11.82 -17.63 -1.28
N GLY E 281 -12.07 -16.71 -2.21
CA GLY E 281 -11.44 -15.40 -2.13
C GLY E 281 -10.67 -15.06 -3.39
N GLU E 282 -9.48 -14.51 -3.25
CA GLU E 282 -8.67 -14.17 -4.41
C GLU E 282 -8.36 -15.42 -5.22
N GLY E 283 -8.20 -16.54 -4.52
CA GLY E 283 -7.90 -17.80 -5.18
C GLY E 283 -8.86 -18.13 -6.32
N TRP E 284 -10.04 -17.53 -6.28
CA TRP E 284 -11.05 -17.77 -7.32
C TRP E 284 -11.01 -16.68 -8.39
N GLY E 285 -9.93 -15.91 -8.44
CA GLY E 285 -9.81 -14.87 -9.44
C GLY E 285 -10.46 -13.56 -9.02
N PHE E 286 -10.80 -13.45 -7.75
CA PHE E 286 -11.42 -12.26 -7.20
C PHE E 286 -10.37 -11.18 -6.99
N MET E 287 -10.83 -9.92 -6.94
CA MET E 287 -9.92 -8.79 -6.72
C MET E 287 -9.35 -8.84 -5.31
N PRO E 288 -8.33 -8.03 -5.02
CA PRO E 288 -7.74 -8.03 -3.68
C PRO E 288 -8.77 -7.74 -2.60
N SER E 289 -8.70 -8.51 -1.53
CA SER E 289 -9.60 -8.40 -0.40
C SER E 289 -9.77 -6.96 0.09
N ASP E 290 -8.72 -6.17 0.04
CA ASP E 290 -8.79 -4.79 0.52
C ASP E 290 -9.26 -3.76 -0.50
N ARG E 291 -9.89 -4.22 -1.57
CA ARG E 291 -10.42 -3.34 -2.62
C ARG E 291 -11.86 -3.75 -2.89
N ALA E 292 -12.25 -4.86 -2.28
CA ALA E 292 -13.57 -5.42 -2.50
C ALA E 292 -14.70 -5.06 -1.55
N LEU E 293 -15.88 -4.89 -2.12
CA LEU E 293 -17.13 -4.64 -1.39
C LEU E 293 -17.96 -5.83 -1.87
N VAL E 294 -18.32 -6.72 -0.95
CA VAL E 294 -19.07 -7.92 -1.35
C VAL E 294 -20.52 -7.97 -0.88
N PHE E 295 -21.28 -8.87 -1.51
CA PHE E 295 -22.72 -9.04 -1.23
C PHE E 295 -23.24 -10.21 -2.07
N VAL E 296 -24.34 -10.82 -1.63
CA VAL E 296 -24.95 -11.95 -2.31
C VAL E 296 -25.80 -11.48 -3.48
N ASP E 297 -26.59 -10.45 -3.25
CA ASP E 297 -27.42 -9.87 -4.28
C ASP E 297 -27.44 -8.36 -4.02
N ASN E 298 -27.96 -7.60 -4.98
CA ASN E 298 -28.03 -6.17 -4.80
C ASN E 298 -29.38 -5.74 -5.37
N HIS E 299 -29.81 -4.53 -5.04
CA HIS E 299 -31.10 -4.03 -5.49
C HIS E 299 -31.34 -4.28 -6.95
N ASP E 300 -30.25 -4.29 -7.71
CA ASP E 300 -30.33 -4.47 -9.15
C ASP E 300 -30.42 -5.90 -9.66
N ASN E 301 -29.47 -6.76 -9.30
CA ASN E 301 -29.51 -8.12 -9.82
C ASN E 301 -30.51 -9.05 -9.10
N GLN E 302 -31.10 -8.58 -8.00
CA GLN E 302 -32.08 -9.42 -7.32
C GLN E 302 -33.35 -9.41 -8.19
N ARG E 303 -33.29 -8.66 -9.29
CA ARG E 303 -34.42 -8.55 -10.21
C ARG E 303 -34.23 -9.26 -11.54
N GLY E 304 -33.56 -10.40 -11.50
CA GLY E 304 -33.34 -11.17 -12.72
C GLY E 304 -32.08 -10.86 -13.48
N HIS E 305 -32.25 -10.42 -14.73
CA HIS E 305 -31.12 -10.10 -15.61
C HIS E 305 -30.14 -9.05 -15.07
N GLY E 306 -29.58 -9.34 -13.90
CA GLY E 306 -28.62 -8.44 -13.30
C GLY E 306 -27.23 -9.01 -13.50
N ALA E 307 -26.28 -8.61 -12.66
CA ALA E 307 -24.90 -9.11 -12.77
C ALA E 307 -24.78 -10.42 -12.02
N GLY E 308 -24.78 -11.52 -12.78
CA GLY E 308 -24.66 -12.84 -12.19
C GLY E 308 -25.74 -13.76 -12.72
N GLY E 309 -26.79 -13.15 -13.27
CA GLY E 309 -27.89 -13.92 -13.84
C GLY E 309 -28.74 -14.65 -12.81
N SER E 310 -29.30 -15.77 -13.23
CA SER E 310 -30.18 -16.57 -12.38
C SER E 310 -29.51 -17.22 -11.17
N SER E 311 -28.19 -17.36 -11.21
CA SER E 311 -27.47 -17.98 -10.11
C SER E 311 -27.49 -17.14 -8.83
N ILE E 312 -27.74 -15.84 -8.96
CA ILE E 312 -27.78 -14.97 -7.79
C ILE E 312 -28.91 -15.33 -6.84
N LEU E 313 -28.59 -15.44 -5.56
CA LEU E 313 -29.59 -15.77 -4.55
C LEU E 313 -30.21 -14.50 -3.97
N THR E 314 -31.46 -14.59 -3.55
CA THR E 314 -32.19 -13.45 -3.00
C THR E 314 -33.20 -13.91 -1.96
N PHE E 315 -33.83 -12.96 -1.29
CA PHE E 315 -34.83 -13.26 -0.28
C PHE E 315 -35.93 -14.19 -0.83
N TRP E 316 -36.05 -14.26 -2.16
CA TRP E 316 -37.05 -15.12 -2.77
C TRP E 316 -36.67 -16.59 -2.56
N ASP E 317 -35.40 -16.82 -2.22
CA ASP E 317 -34.85 -18.15 -1.97
C ASP E 317 -34.25 -18.11 -0.59
N ALA E 318 -35.09 -17.74 0.38
CA ALA E 318 -34.71 -17.59 1.78
C ALA E 318 -33.79 -18.65 2.39
N ARG E 319 -34.17 -19.91 2.30
CA ARG E 319 -33.36 -20.95 2.90
C ARG E 319 -31.93 -20.95 2.36
N LEU E 320 -31.79 -20.95 1.04
CA LEU E 320 -30.46 -20.94 0.44
C LEU E 320 -29.81 -19.56 0.57
N TYR E 321 -30.61 -18.49 0.53
CA TYR E 321 -30.10 -17.12 0.66
C TYR E 321 -29.39 -16.97 2.01
N LYS E 322 -30.04 -17.46 3.07
CA LYS E 322 -29.47 -17.36 4.39
C LYS E 322 -28.15 -18.14 4.52
N ILE E 323 -28.04 -19.28 3.84
CA ILE E 323 -26.78 -20.02 3.89
C ILE E 323 -25.65 -19.28 3.16
N ALA E 324 -25.95 -18.67 2.02
CA ALA E 324 -24.93 -17.94 1.28
C ALA E 324 -24.52 -16.65 2.01
N VAL E 325 -25.51 -15.96 2.58
CA VAL E 325 -25.22 -14.72 3.32
C VAL E 325 -24.40 -15.05 4.57
N GLY E 326 -24.78 -16.11 5.26
CA GLY E 326 -24.05 -16.52 6.44
C GLY E 326 -22.62 -16.89 6.11
N PHE E 327 -22.42 -17.55 4.98
CA PHE E 327 -21.07 -17.92 4.59
C PHE E 327 -20.25 -16.66 4.41
N MET E 328 -20.77 -15.74 3.60
CA MET E 328 -20.13 -14.46 3.29
C MET E 328 -19.73 -13.70 4.56
N LEU E 329 -20.67 -13.64 5.50
CA LEU E 329 -20.49 -12.92 6.76
C LEU E 329 -19.44 -13.58 7.65
N ALA E 330 -19.32 -14.89 7.55
CA ALA E 330 -18.36 -15.59 8.37
C ALA E 330 -16.97 -15.49 7.75
N HIS E 331 -16.91 -15.54 6.42
CA HIS E 331 -15.65 -15.51 5.70
C HIS E 331 -14.97 -14.16 5.72
N PRO E 332 -13.65 -14.14 5.96
CA PRO E 332 -12.87 -12.90 6.02
C PRO E 332 -12.75 -12.07 4.72
N TYR E 333 -13.03 -12.67 3.56
CA TYR E 333 -12.87 -11.92 2.31
C TYR E 333 -13.75 -10.67 2.17
N GLY E 334 -13.11 -9.56 1.85
CA GLY E 334 -13.80 -8.29 1.64
C GLY E 334 -14.62 -7.64 2.72
N PHE E 335 -15.26 -6.52 2.37
CA PHE E 335 -16.12 -5.78 3.29
C PHE E 335 -17.56 -6.10 2.85
N THR E 336 -18.34 -6.68 3.77
CA THR E 336 -19.70 -7.12 3.48
C THR E 336 -20.82 -6.09 3.52
N ARG E 337 -21.69 -6.18 2.52
CA ARG E 337 -22.87 -5.32 2.43
C ARG E 337 -24.08 -6.25 2.36
N VAL E 338 -25.07 -6.00 3.21
CA VAL E 338 -26.27 -6.82 3.25
C VAL E 338 -27.49 -6.10 2.66
N MET E 339 -28.25 -6.84 1.87
CA MET E 339 -29.44 -6.31 1.23
C MET E 339 -30.67 -6.32 2.16
N SER E 340 -31.47 -5.27 2.05
CA SER E 340 -32.72 -5.13 2.81
C SER E 340 -33.63 -4.57 1.74
N SER E 341 -34.69 -5.30 1.41
CA SER E 341 -35.58 -4.84 0.36
C SER E 341 -37.09 -4.90 0.62
N TYR E 342 -37.87 -4.81 -0.47
CA TYR E 342 -39.32 -4.87 -0.37
C TYR E 342 -39.84 -5.90 -1.36
N ARG E 343 -41.02 -6.42 -1.08
CA ARG E 343 -41.61 -7.44 -1.92
C ARG E 343 -42.55 -6.84 -2.97
N TRP E 344 -42.59 -7.45 -4.14
CA TRP E 344 -43.46 -6.97 -5.21
C TRP E 344 -44.07 -8.14 -5.95
N ALA E 345 -45.14 -7.88 -6.68
CA ALA E 345 -45.85 -8.90 -7.42
C ALA E 345 -45.09 -9.28 -8.69
N ARG E 346 -44.15 -10.21 -8.56
CA ARG E 346 -43.39 -10.65 -9.72
C ARG E 346 -44.36 -11.24 -10.73
N ASN E 347 -44.14 -10.95 -12.00
CA ASN E 347 -45.00 -11.47 -13.04
C ASN E 347 -44.12 -11.82 -14.23
N PHE E 348 -43.71 -13.07 -14.29
CA PHE E 348 -42.83 -13.55 -15.35
C PHE E 348 -43.55 -13.86 -16.66
N VAL E 349 -43.15 -13.15 -17.71
CA VAL E 349 -43.71 -13.38 -19.03
C VAL E 349 -42.51 -13.62 -19.93
N ASN E 350 -42.53 -14.71 -20.67
CA ASN E 350 -41.43 -15.07 -21.56
C ASN E 350 -40.16 -15.11 -20.72
N GLY E 351 -40.29 -15.65 -19.51
CA GLY E 351 -39.15 -15.77 -18.61
C GLY E 351 -38.63 -14.46 -18.05
N GLU E 352 -39.38 -13.37 -18.19
CA GLU E 352 -38.94 -12.08 -17.68
C GLU E 352 -40.00 -11.38 -16.83
N ASP E 353 -39.62 -10.97 -15.62
CA ASP E 353 -40.52 -10.30 -14.71
C ASP E 353 -40.89 -8.89 -15.21
N VAL E 354 -42.10 -8.77 -15.77
CA VAL E 354 -42.56 -7.47 -16.27
C VAL E 354 -42.94 -6.50 -15.16
N ASN E 355 -42.88 -6.97 -13.91
CA ASN E 355 -43.20 -6.11 -12.76
C ASN E 355 -41.99 -5.74 -11.94
N ASP E 356 -40.81 -6.11 -12.44
CA ASP E 356 -39.54 -5.84 -11.76
C ASP E 356 -39.29 -4.33 -11.63
N TRP E 357 -40.19 -3.53 -12.19
CA TRP E 357 -40.04 -2.08 -12.13
C TRP E 357 -40.72 -1.49 -10.90
N ILE E 358 -41.73 -2.20 -10.38
CA ILE E 358 -42.48 -1.74 -9.24
C ILE E 358 -41.62 -1.11 -8.14
N GLY E 359 -42.01 0.09 -7.74
CA GLY E 359 -41.32 0.83 -6.70
C GLY E 359 -41.65 0.32 -5.31
N PRO E 360 -41.14 0.98 -4.25
CA PRO E 360 -41.34 0.65 -2.84
C PRO E 360 -42.79 0.72 -2.35
N PRO E 361 -43.12 0.00 -1.26
CA PRO E 361 -44.49 0.02 -0.74
C PRO E 361 -44.93 1.47 -0.63
N ASN E 362 -46.00 1.84 -1.32
CA ASN E 362 -46.48 3.21 -1.31
C ASN E 362 -48.00 3.34 -1.38
N ASN E 363 -48.46 4.55 -1.07
CA ASN E 363 -49.87 4.91 -1.12
C ASN E 363 -49.94 6.01 -2.15
N ASN E 364 -50.50 5.71 -3.32
CA ASN E 364 -50.60 6.71 -4.37
C ASN E 364 -49.27 7.43 -4.60
N GLY E 365 -48.17 6.69 -4.52
CA GLY E 365 -46.88 7.32 -4.76
C GLY E 365 -46.07 7.72 -3.54
N VAL E 366 -46.69 7.86 -2.37
CA VAL E 366 -45.94 8.25 -1.19
C VAL E 366 -45.49 7.00 -0.44
N ILE E 367 -44.18 6.85 -0.27
CA ILE E 367 -43.64 5.66 0.38
C ILE E 367 -44.31 5.36 1.71
N LYS E 368 -44.60 4.08 1.93
CA LYS E 368 -45.20 3.63 3.17
C LYS E 368 -44.13 3.63 4.26
N GLU E 369 -44.57 3.67 5.52
CA GLU E 369 -43.65 3.63 6.66
C GLU E 369 -43.29 2.19 6.95
N VAL E 370 -42.10 1.98 7.49
CA VAL E 370 -41.68 0.65 7.85
C VAL E 370 -42.24 0.36 9.23
N THR E 371 -43.25 -0.51 9.29
CA THR E 371 -43.82 -0.87 10.60
C THR E 371 -43.04 -2.05 11.15
N ILE E 372 -42.91 -2.07 12.47
CA ILE E 372 -42.18 -3.11 13.18
C ILE E 372 -43.13 -3.97 14.00
N ASN E 373 -43.06 -5.28 13.78
CA ASN E 373 -43.91 -6.25 14.46
C ASN E 373 -43.28 -6.70 15.77
N ALA E 374 -44.11 -7.19 16.67
CA ALA E 374 -43.66 -7.67 17.98
C ALA E 374 -42.55 -8.70 17.88
N ASP E 375 -42.61 -9.55 16.85
CA ASP E 375 -41.61 -10.59 16.66
C ASP E 375 -40.36 -10.03 15.99
N THR E 376 -40.36 -8.72 15.78
CA THR E 376 -39.26 -7.96 15.15
C THR E 376 -39.19 -7.98 13.62
N THR E 377 -40.17 -8.60 12.96
CA THR E 377 -40.21 -8.60 11.50
C THR E 377 -40.90 -7.31 11.09
N CYS E 378 -40.90 -7.00 9.80
CA CYS E 378 -41.52 -5.77 9.31
C CYS E 378 -42.85 -6.01 8.62
N GLY E 379 -43.60 -4.91 8.49
CA GLY E 379 -44.88 -4.95 7.81
C GLY E 379 -44.82 -4.07 6.57
N ASN E 380 -45.98 -3.87 5.94
CA ASN E 380 -46.06 -3.06 4.74
C ASN E 380 -45.17 -3.51 3.59
N ASP E 381 -45.10 -4.84 3.43
CA ASP E 381 -44.32 -5.48 2.39
C ASP E 381 -42.82 -5.21 2.39
N TRP E 382 -42.30 -4.68 3.48
CA TRP E 382 -40.86 -4.46 3.58
C TRP E 382 -40.38 -5.81 4.09
N VAL E 383 -39.40 -6.41 3.41
CA VAL E 383 -38.94 -7.73 3.84
C VAL E 383 -37.99 -7.69 5.02
N CYS E 384 -37.14 -6.66 5.08
CA CYS E 384 -36.22 -6.53 6.19
C CYS E 384 -35.35 -7.76 6.45
N GLU E 385 -34.58 -8.16 5.45
CA GLU E 385 -33.70 -9.31 5.60
C GLU E 385 -32.71 -9.00 6.72
N HIS E 386 -32.34 -7.73 6.84
CA HIS E 386 -31.38 -7.34 7.85
C HIS E 386 -31.87 -7.63 9.24
N ARG E 387 -33.17 -7.89 9.37
CA ARG E 387 -33.72 -8.21 10.68
C ARG E 387 -33.80 -9.72 10.92
N TRP E 388 -33.75 -10.53 9.84
CA TRP E 388 -33.80 -11.99 9.97
C TRP E 388 -32.75 -12.41 11.01
N ARG E 389 -33.11 -13.28 11.93
CA ARG E 389 -32.18 -13.73 12.98
C ARG E 389 -30.87 -14.30 12.40
N GLU E 390 -31.01 -15.16 11.39
CA GLU E 390 -29.86 -15.80 10.75
C GLU E 390 -28.90 -14.79 10.12
N ILE E 391 -29.42 -13.68 9.63
CA ILE E 391 -28.59 -12.67 9.01
C ILE E 391 -28.16 -11.69 10.09
N ARG E 392 -29.08 -11.40 11.00
CA ARG E 392 -28.82 -10.47 12.08
C ARG E 392 -27.69 -10.95 12.97
N ASN E 393 -27.69 -12.23 13.33
CA ASN E 393 -26.63 -12.71 14.21
C ASN E 393 -25.30 -13.00 13.57
N MET E 394 -25.26 -13.00 12.23
CA MET E 394 -24.01 -13.23 11.54
C MET E 394 -23.28 -11.89 11.37
N VAL E 395 -24.03 -10.80 11.26
CA VAL E 395 -23.36 -9.50 11.13
C VAL E 395 -22.61 -9.34 12.45
N TRP E 396 -23.28 -9.66 13.55
CA TRP E 396 -22.71 -9.58 14.90
C TRP E 396 -21.48 -10.49 14.93
N PHE E 397 -21.65 -11.67 14.33
CA PHE E 397 -20.59 -12.66 14.24
C PHE E 397 -19.38 -12.01 13.60
N ARG E 398 -19.58 -11.33 12.49
CA ARG E 398 -18.49 -10.69 11.78
C ARG E 398 -17.78 -9.71 12.69
N ASN E 399 -18.56 -8.96 13.48
CA ASN E 399 -17.97 -8.01 14.41
C ASN E 399 -17.13 -8.74 15.44
N VAL E 400 -17.69 -9.81 16.00
CA VAL E 400 -17.00 -10.62 17.00
C VAL E 400 -15.66 -11.24 16.56
N VAL E 401 -15.61 -11.74 15.32
CA VAL E 401 -14.38 -12.37 14.83
C VAL E 401 -13.46 -11.44 14.06
N ASP E 402 -13.79 -10.15 14.04
CA ASP E 402 -12.97 -9.19 13.30
C ASP E 402 -11.50 -9.34 13.63
N GLY E 403 -10.67 -9.50 12.61
CA GLY E 403 -9.25 -9.66 12.83
C GLY E 403 -8.79 -11.09 12.99
N GLN E 404 -9.65 -11.99 13.45
CA GLN E 404 -9.26 -13.39 13.63
C GLN E 404 -9.04 -14.07 12.28
N PRO E 405 -7.93 -14.79 12.11
CA PRO E 405 -7.64 -15.48 10.87
C PRO E 405 -8.47 -16.72 10.60
N PHE E 406 -8.79 -16.92 9.32
CA PHE E 406 -9.55 -18.07 8.85
C PHE E 406 -8.80 -19.32 9.33
N ALA E 407 -9.52 -20.30 9.88
CA ALA E 407 -8.85 -21.49 10.35
C ALA E 407 -9.77 -22.67 10.60
N ASN E 408 -9.14 -23.79 10.93
CA ASN E 408 -9.87 -25.01 11.23
C ASN E 408 -10.85 -25.45 10.16
N TRP E 409 -10.45 -25.34 8.90
CA TRP E 409 -11.32 -25.75 7.81
C TRP E 409 -11.55 -27.25 7.81
N TRP E 410 -12.77 -27.65 7.45
CA TRP E 410 -13.17 -29.05 7.37
C TRP E 410 -14.26 -29.19 6.31
N ASP E 411 -14.34 -30.37 5.71
CA ASP E 411 -15.38 -30.67 4.74
C ASP E 411 -15.49 -32.18 4.63
N ASN E 412 -16.64 -32.67 4.20
CA ASN E 412 -16.83 -34.11 4.09
C ASN E 412 -16.52 -34.57 2.67
N GLY E 413 -15.80 -33.71 1.96
CA GLY E 413 -15.44 -34.01 0.59
C GLY E 413 -16.62 -33.82 -0.34
N SER E 414 -17.74 -33.38 0.20
CA SER E 414 -18.93 -33.17 -0.61
C SER E 414 -19.47 -31.74 -0.47
N ASN E 415 -20.55 -31.58 0.30
CA ASN E 415 -21.17 -30.26 0.52
C ASN E 415 -21.36 -29.92 2.00
N GLN E 416 -20.61 -30.57 2.87
CA GLN E 416 -20.67 -30.28 4.31
C GLN E 416 -19.34 -29.64 4.60
N VAL E 417 -19.38 -28.41 5.09
CA VAL E 417 -18.14 -27.69 5.36
C VAL E 417 -18.20 -26.96 6.70
N ALA E 418 -17.05 -26.49 7.16
CA ALA E 418 -16.94 -25.78 8.43
C ALA E 418 -15.60 -25.08 8.51
N PHE E 419 -15.57 -23.97 9.22
CA PHE E 419 -14.32 -23.22 9.39
C PHE E 419 -14.50 -22.20 10.47
N GLY E 420 -13.39 -21.71 11.00
CA GLY E 420 -13.49 -20.74 12.07
C GLY E 420 -12.70 -19.47 11.85
N ARG E 421 -12.84 -18.54 12.78
CA ARG E 421 -12.15 -17.27 12.75
C ARG E 421 -11.34 -17.17 14.04
N GLY E 422 -10.11 -17.66 13.98
CA GLY E 422 -9.25 -17.63 15.15
C GLY E 422 -9.90 -18.40 16.26
N ASN E 423 -9.90 -17.82 17.46
CA ASN E 423 -10.52 -18.50 18.59
C ASN E 423 -11.79 -17.78 19.00
N ARG E 424 -12.29 -16.93 18.12
CA ARG E 424 -13.49 -16.18 18.46
C ARG E 424 -14.78 -16.60 17.77
N GLY E 425 -14.71 -17.51 16.81
CA GLY E 425 -15.94 -17.91 16.15
C GLY E 425 -15.83 -19.13 15.26
N PHE E 426 -16.86 -19.97 15.26
CA PHE E 426 -16.86 -21.17 14.42
C PHE E 426 -18.18 -21.30 13.70
N ILE E 427 -18.16 -21.85 12.49
CA ILE E 427 -19.39 -22.00 11.71
C ILE E 427 -19.39 -23.34 10.96
N VAL E 428 -20.56 -24.00 10.94
CA VAL E 428 -20.72 -25.30 10.28
C VAL E 428 -21.91 -25.37 9.34
N PHE E 429 -21.69 -25.82 8.11
CA PHE E 429 -22.75 -25.91 7.08
C PHE E 429 -23.05 -27.31 6.53
N ASN E 430 -24.32 -27.65 6.38
CA ASN E 430 -24.71 -28.92 5.78
C ASN E 430 -25.55 -28.65 4.53
N ASN E 431 -24.91 -28.71 3.37
CA ASN E 431 -25.63 -28.48 2.13
C ASN E 431 -25.79 -29.74 1.27
N ASP E 432 -25.57 -30.90 1.88
CA ASP E 432 -25.72 -32.18 1.19
C ASP E 432 -27.14 -32.71 1.44
N ASP E 433 -27.52 -33.73 0.69
CA ASP E 433 -28.83 -34.32 0.84
C ASP E 433 -28.85 -35.43 1.86
N TRP E 434 -28.04 -35.31 2.91
CA TRP E 434 -28.01 -36.30 3.96
C TRP E 434 -27.56 -35.72 5.29
N GLN E 435 -27.92 -36.42 6.35
CA GLN E 435 -27.61 -36.00 7.70
C GLN E 435 -26.12 -35.70 7.92
N LEU E 436 -25.86 -34.60 8.62
CA LEU E 436 -24.50 -34.21 8.95
C LEU E 436 -24.34 -34.50 10.44
N SER E 437 -23.22 -35.11 10.80
CA SER E 437 -22.94 -35.47 12.19
C SER E 437 -21.44 -35.71 12.34
N SER E 438 -20.76 -34.84 13.08
CA SER E 438 -19.32 -35.00 13.25
C SER E 438 -18.78 -34.19 14.41
N THR E 439 -17.69 -34.67 15.00
CA THR E 439 -17.01 -34.00 16.10
C THR E 439 -15.98 -33.09 15.43
N LEU E 440 -16.14 -31.78 15.61
CA LEU E 440 -15.24 -30.81 14.98
C LEU E 440 -14.41 -29.96 15.92
N GLN E 441 -13.21 -29.62 15.46
CA GLN E 441 -12.27 -28.77 16.23
C GLN E 441 -12.64 -27.32 15.96
N THR E 442 -13.45 -26.75 16.85
CA THR E 442 -13.93 -25.38 16.71
C THR E 442 -12.93 -24.23 16.94
N GLY E 443 -11.83 -24.50 17.63
CA GLY E 443 -10.86 -23.44 17.89
C GLY E 443 -11.29 -22.53 19.02
N LEU E 444 -12.43 -22.85 19.64
CA LEU E 444 -12.98 -22.05 20.74
C LEU E 444 -12.79 -22.65 22.13
N PRO E 445 -12.72 -21.78 23.15
CA PRO E 445 -12.55 -22.17 24.56
C PRO E 445 -13.74 -23.05 24.91
N GLY E 446 -13.55 -23.96 25.86
CA GLY E 446 -14.63 -24.85 26.26
C GLY E 446 -15.81 -24.12 26.86
N GLY E 447 -16.96 -24.79 26.89
CA GLY E 447 -18.15 -24.19 27.47
C GLY E 447 -19.40 -24.41 26.63
N THR E 448 -20.48 -23.79 27.05
CA THR E 448 -21.75 -23.90 26.35
C THR E 448 -21.97 -22.62 25.57
N TYR E 449 -22.27 -22.81 24.28
CA TYR E 449 -22.48 -21.72 23.34
C TYR E 449 -23.85 -21.77 22.71
N CYS E 450 -24.48 -20.62 22.52
CA CYS E 450 -25.77 -20.60 21.86
C CYS E 450 -25.54 -20.62 20.34
N ASP E 451 -26.34 -21.40 19.62
CA ASP E 451 -26.23 -21.43 18.18
C ASP E 451 -27.02 -20.18 17.76
N VAL E 452 -26.33 -19.20 17.19
CA VAL E 452 -27.00 -17.95 16.80
C VAL E 452 -27.86 -18.03 15.54
N ILE E 453 -27.83 -19.17 14.86
CA ILE E 453 -28.66 -19.30 13.67
C ILE E 453 -30.08 -19.68 14.09
N SER E 454 -30.18 -20.60 15.03
CA SER E 454 -31.47 -21.05 15.50
C SER E 454 -32.06 -20.30 16.69
N GLY E 455 -31.33 -19.33 17.24
CA GLY E 455 -31.84 -18.60 18.39
C GLY E 455 -30.89 -17.55 18.92
N ASP E 456 -31.19 -17.03 20.09
CA ASP E 456 -30.34 -16.00 20.70
C ASP E 456 -29.99 -16.33 22.14
N LYS E 457 -29.10 -15.51 22.68
CA LYS E 457 -28.69 -15.63 24.05
C LYS E 457 -29.44 -14.49 24.71
N VAL E 458 -30.42 -14.84 25.53
CA VAL E 458 -31.23 -13.87 26.24
C VAL E 458 -30.99 -14.07 27.73
N GLY E 459 -30.54 -13.02 28.41
CA GLY E 459 -30.26 -13.17 29.82
C GLY E 459 -29.18 -14.23 29.96
N ASN E 460 -29.49 -15.35 30.61
CA ASN E 460 -28.49 -16.40 30.77
C ASN E 460 -28.97 -17.70 30.13
N SER E 461 -29.66 -17.60 29.01
CA SER E 461 -30.16 -18.80 28.34
C SER E 461 -30.11 -18.65 26.83
N CYS E 462 -30.28 -19.77 26.14
CA CYS E 462 -30.30 -19.79 24.67
C CYS E 462 -31.71 -20.17 24.30
N THR E 463 -32.24 -19.55 23.25
CA THR E 463 -33.59 -19.84 22.82
C THR E 463 -33.62 -20.98 21.82
N GLY E 464 -32.46 -21.36 21.32
CA GLY E 464 -32.37 -22.43 20.34
C GLY E 464 -31.35 -23.52 20.68
N ILE E 465 -30.74 -24.09 19.65
CA ILE E 465 -29.75 -25.14 19.81
C ILE E 465 -28.57 -24.66 20.66
N LYS E 466 -28.04 -25.58 21.47
CA LYS E 466 -26.88 -25.29 22.29
C LYS E 466 -25.70 -26.12 21.79
N VAL E 467 -24.51 -25.55 21.80
CA VAL E 467 -23.33 -26.28 21.36
C VAL E 467 -22.41 -26.41 22.55
N TYR E 468 -21.95 -27.63 22.83
CA TYR E 468 -21.06 -27.88 23.95
C TYR E 468 -19.65 -28.15 23.46
N VAL E 469 -18.78 -27.15 23.55
CA VAL E 469 -17.40 -27.36 23.13
C VAL E 469 -16.61 -27.71 24.38
N SER E 470 -15.89 -28.84 24.34
CA SER E 470 -15.16 -29.23 25.53
C SER E 470 -13.82 -28.52 25.61
N SER E 471 -13.11 -28.79 26.70
CA SER E 471 -11.81 -28.17 26.92
C SER E 471 -10.85 -28.24 25.74
N ASP E 472 -10.86 -29.35 24.99
CA ASP E 472 -9.95 -29.47 23.86
C ASP E 472 -10.41 -28.74 22.59
N GLY E 473 -11.46 -27.93 22.70
CA GLY E 473 -11.93 -27.18 21.54
C GLY E 473 -12.87 -27.92 20.61
N THR E 474 -12.92 -29.24 20.69
CA THR E 474 -13.78 -30.01 19.82
C THR E 474 -15.22 -30.04 20.35
N ALA E 475 -16.17 -30.12 19.42
CA ALA E 475 -17.58 -30.18 19.78
C ALA E 475 -18.32 -31.02 18.73
N GLN E 476 -19.47 -31.55 19.12
CA GLN E 476 -20.26 -32.39 18.22
C GLN E 476 -21.29 -31.54 17.51
N PHE E 477 -21.53 -31.86 16.24
CA PHE E 477 -22.51 -31.14 15.44
C PHE E 477 -23.41 -32.12 14.68
N SER E 478 -24.71 -31.95 14.79
CA SER E 478 -25.64 -32.81 14.07
C SER E 478 -26.64 -31.93 13.34
N ILE E 479 -26.57 -31.91 12.02
CA ILE E 479 -27.49 -31.09 11.25
C ILE E 479 -28.19 -31.96 10.20
N SER E 480 -29.51 -32.02 10.33
CA SER E 480 -30.32 -32.78 9.39
C SER E 480 -30.44 -32.00 8.09
N ASN E 481 -30.17 -32.65 6.97
CA ASN E 481 -30.27 -31.98 5.68
C ASN E 481 -31.63 -31.34 5.51
N SER E 482 -32.59 -31.74 6.35
CA SER E 482 -33.93 -31.18 6.25
C SER E 482 -34.30 -30.18 7.35
N ALA E 483 -33.29 -29.60 7.99
CA ALA E 483 -33.54 -28.60 9.02
C ALA E 483 -33.98 -27.32 8.31
N GLU E 484 -34.55 -26.37 9.06
CA GLU E 484 -35.01 -25.11 8.48
C GLU E 484 -33.83 -24.30 7.98
N ASP E 485 -32.77 -24.31 8.78
CA ASP E 485 -31.53 -23.61 8.46
C ASP E 485 -30.46 -24.65 8.71
N PRO E 486 -29.99 -25.30 7.63
CA PRO E 486 -28.96 -26.34 7.67
C PRO E 486 -27.54 -25.92 8.05
N PHE E 487 -27.41 -24.94 8.95
CA PHE E 487 -26.10 -24.54 9.43
C PHE E 487 -26.17 -24.00 10.84
N ILE E 488 -25.06 -24.08 11.54
CA ILE E 488 -24.96 -23.64 12.92
C ILE E 488 -23.76 -22.72 13.08
N ALA E 489 -23.91 -21.71 13.93
CA ALA E 489 -22.84 -20.77 14.16
C ALA E 489 -22.73 -20.39 15.63
N ILE E 490 -21.51 -20.30 16.12
CA ILE E 490 -21.28 -19.92 17.51
C ILE E 490 -20.04 -19.03 17.56
N HIS E 491 -20.02 -18.13 18.53
CA HIS E 491 -18.91 -17.20 18.69
C HIS E 491 -18.75 -16.76 20.15
N ALA E 492 -17.65 -16.05 20.41
CA ALA E 492 -17.32 -15.58 21.76
C ALA E 492 -18.46 -14.95 22.56
N GLU E 493 -19.30 -14.15 21.92
CA GLU E 493 -20.38 -13.50 22.64
C GLU E 493 -21.70 -14.26 22.72
N SER E 494 -21.72 -15.49 22.22
CA SER E 494 -22.93 -16.29 22.28
C SER E 494 -22.75 -17.33 23.38
N LYS E 495 -21.52 -17.41 23.90
CA LYS E 495 -21.22 -18.36 24.96
C LYS E 495 -21.98 -18.02 26.24
N LEU E 496 -22.43 -19.05 26.94
CA LEU E 496 -23.17 -18.88 28.19
C LEU E 496 -22.22 -18.88 29.39
N GLN F 1 -7.45 -11.93 -29.81
CA GLN F 1 -8.59 -12.47 -29.00
C GLN F 1 -8.24 -13.84 -28.41
N VAL F 2 -8.82 -14.17 -27.27
CA VAL F 2 -8.52 -15.45 -26.63
C VAL F 2 -9.24 -16.65 -27.26
N GLN F 3 -8.51 -17.76 -27.36
CA GLN F 3 -9.07 -18.98 -27.91
C GLN F 3 -8.47 -20.18 -27.19
N LEU F 4 -9.33 -21.09 -26.74
CA LEU F 4 -8.89 -22.30 -26.05
C LEU F 4 -9.08 -23.46 -27.01
N VAL F 5 -8.03 -24.23 -27.26
CA VAL F 5 -8.14 -25.35 -28.17
C VAL F 5 -7.86 -26.65 -27.46
N ALA F 6 -8.86 -27.54 -27.46
CA ALA F 6 -8.74 -28.83 -26.80
C ALA F 6 -8.17 -29.89 -27.75
N SER F 7 -7.54 -30.90 -27.18
CA SER F 7 -6.94 -32.00 -27.93
C SER F 7 -7.13 -33.32 -27.23
N GLY F 8 -6.59 -34.39 -27.81
CA GLY F 8 -6.73 -35.70 -27.22
C GLY F 8 -8.19 -36.10 -27.26
N GLY F 9 -8.53 -37.16 -26.54
CA GLY F 9 -9.92 -37.59 -26.54
C GLY F 9 -10.19 -38.54 -27.68
N GLY F 10 -11.37 -39.16 -27.63
CA GLY F 10 -11.73 -40.11 -28.67
C GLY F 10 -12.49 -41.24 -28.01
N SER F 11 -12.33 -42.45 -28.53
CA SER F 11 -13.03 -43.60 -27.98
C SER F 11 -12.09 -44.73 -27.54
N VAL F 12 -12.28 -45.17 -26.30
CA VAL F 12 -11.47 -46.25 -25.74
C VAL F 12 -12.36 -47.25 -25.01
N GLN F 13 -11.77 -48.39 -24.66
CA GLN F 13 -12.50 -49.44 -23.96
C GLN F 13 -12.40 -49.21 -22.45
N ALA F 14 -13.48 -49.53 -21.73
CA ALA F 14 -13.48 -49.37 -20.27
C ALA F 14 -12.18 -49.91 -19.69
N GLY F 15 -11.45 -49.04 -19.00
CA GLY F 15 -10.19 -49.43 -18.42
C GLY F 15 -9.07 -48.66 -19.09
N GLY F 16 -9.31 -48.28 -20.35
CA GLY F 16 -8.33 -47.53 -21.12
C GLY F 16 -8.03 -46.16 -20.56
N SER F 17 -7.13 -45.45 -21.23
CA SER F 17 -6.75 -44.12 -20.78
C SER F 17 -6.65 -43.13 -21.93
N LEU F 18 -7.02 -41.89 -21.64
CA LEU F 18 -6.98 -40.80 -22.60
C LEU F 18 -6.40 -39.58 -21.91
N ARG F 19 -5.78 -38.71 -22.69
CA ARG F 19 -5.19 -37.50 -22.15
C ARG F 19 -5.68 -36.29 -22.93
N LEU F 20 -6.50 -35.46 -22.30
CA LEU F 20 -7.02 -34.28 -22.95
C LEU F 20 -6.01 -33.15 -22.83
N SER F 21 -5.97 -32.31 -23.84
CA SER F 21 -5.05 -31.18 -23.85
C SER F 21 -5.80 -29.91 -24.16
N CYS F 22 -5.27 -28.80 -23.68
CA CYS F 22 -5.88 -27.52 -23.91
C CYS F 22 -4.83 -26.44 -24.07
N ALA F 23 -4.79 -25.87 -25.26
CA ALA F 23 -3.86 -24.80 -25.58
C ALA F 23 -4.66 -23.51 -25.67
N ALA F 24 -3.98 -22.37 -25.60
CA ALA F 24 -4.67 -21.10 -25.68
C ALA F 24 -3.81 -19.97 -26.21
N SER F 25 -4.46 -19.01 -26.86
CA SER F 25 -3.79 -17.83 -27.38
C SER F 25 -4.70 -16.64 -27.04
N THR F 28 -4.54 -15.41 -23.87
CA THR F 28 -4.69 -15.84 -22.44
C THR F 28 -3.46 -16.59 -21.94
N PHE F 29 -3.27 -16.55 -20.63
CA PHE F 29 -2.14 -17.20 -19.97
C PHE F 29 -2.65 -18.19 -18.94
N SER F 30 -1.79 -18.53 -17.99
CA SER F 30 -2.14 -19.50 -16.95
C SER F 30 -1.88 -18.89 -15.57
N SER F 31 -2.78 -17.99 -15.18
CA SER F 31 -2.71 -17.27 -13.91
C SER F 31 -4.10 -17.02 -13.33
N TYR F 32 -5.02 -17.88 -13.70
CA TYR F 32 -6.39 -17.82 -13.22
C TYR F 32 -6.83 -19.27 -13.21
N PRO F 33 -7.90 -19.60 -12.50
CA PRO F 33 -8.30 -21.01 -12.52
C PRO F 33 -8.67 -21.51 -13.91
N MET F 34 -8.36 -22.76 -14.19
CA MET F 34 -8.70 -23.39 -15.47
C MET F 34 -9.37 -24.70 -15.07
N GLY F 35 -10.34 -25.13 -15.86
CA GLY F 35 -11.03 -26.37 -15.54
C GLY F 35 -11.62 -27.12 -16.72
N TRP F 36 -12.03 -28.35 -16.44
CA TRP F 36 -12.64 -29.21 -17.43
C TRP F 36 -14.08 -29.52 -17.03
N TYR F 37 -15.00 -29.30 -17.96
CA TYR F 37 -16.40 -29.59 -17.69
C TYR F 37 -16.83 -30.67 -18.68
N ARG F 38 -17.84 -31.46 -18.32
CA ARG F 38 -18.31 -32.47 -19.24
C ARG F 38 -19.83 -32.44 -19.34
N GLN F 39 -20.31 -32.62 -20.56
CA GLN F 39 -21.73 -32.60 -20.86
C GLN F 39 -22.18 -33.87 -21.60
N ALA F 40 -22.70 -34.83 -20.86
CA ALA F 40 -23.20 -36.07 -21.45
C ALA F 40 -24.60 -35.74 -21.95
N PRO F 41 -25.00 -36.32 -23.10
CA PRO F 41 -26.31 -36.09 -23.72
C PRO F 41 -27.53 -36.20 -22.80
N GLY F 42 -28.36 -35.17 -22.83
CA GLY F 42 -29.55 -35.16 -22.00
C GLY F 42 -29.17 -35.18 -20.53
N LYS F 43 -28.07 -34.51 -20.23
CA LYS F 43 -27.58 -34.43 -18.86
C LYS F 43 -27.13 -33.01 -18.62
N GLU F 44 -27.03 -32.65 -17.35
CA GLU F 44 -26.60 -31.31 -17.00
C GLU F 44 -25.07 -31.27 -17.06
N CYS F 45 -24.55 -30.08 -17.30
CA CYS F 45 -23.13 -29.83 -17.38
C CYS F 45 -22.49 -30.08 -16.01
N GLU F 46 -21.27 -30.62 -15.99
CA GLU F 46 -20.61 -30.91 -14.71
C GLU F 46 -19.10 -30.61 -14.67
N LEU F 47 -18.66 -29.97 -13.58
CA LEU F 47 -17.26 -29.65 -13.39
C LEU F 47 -16.49 -30.94 -13.09
N SER F 48 -15.61 -31.34 -14.00
CA SER F 48 -14.85 -32.56 -13.80
C SER F 48 -13.68 -32.32 -12.86
N ALA F 49 -12.89 -31.30 -13.19
CA ALA F 49 -11.73 -30.93 -12.38
C ALA F 49 -11.42 -29.46 -12.62
N ARG F 50 -10.71 -28.86 -11.67
CA ARG F 50 -10.34 -27.47 -11.78
C ARG F 50 -8.97 -27.29 -11.15
N ILE F 51 -8.18 -26.39 -11.73
CA ILE F 51 -6.84 -26.12 -11.22
C ILE F 51 -6.72 -24.61 -11.00
N PHE F 52 -6.35 -24.22 -9.78
CA PHE F 52 -6.20 -22.82 -9.47
C PHE F 52 -4.77 -22.35 -9.74
N SER F 53 -4.57 -21.05 -9.72
CA SER F 53 -3.25 -20.49 -9.96
C SER F 53 -2.19 -21.16 -9.09
N ASP F 54 -2.46 -21.28 -7.79
CA ASP F 54 -1.50 -21.91 -6.88
C ASP F 54 -1.27 -23.38 -7.14
N GLY F 55 -2.06 -23.98 -8.03
CA GLY F 55 -1.86 -25.38 -8.34
C GLY F 55 -2.77 -26.35 -7.61
N SER F 56 -3.49 -25.87 -6.61
CA SER F 56 -4.38 -26.76 -5.87
C SER F 56 -5.49 -27.15 -6.83
N ALA F 57 -6.25 -28.20 -6.50
CA ALA F 57 -7.30 -28.64 -7.40
C ALA F 57 -8.55 -29.23 -6.75
N ASN F 58 -9.62 -29.26 -7.55
CA ASN F 58 -10.91 -29.83 -7.17
C ASN F 58 -11.14 -30.96 -8.17
N TYR F 59 -11.95 -31.94 -7.77
CA TYR F 59 -12.28 -33.07 -8.63
C TYR F 59 -13.68 -33.58 -8.27
N ALA F 60 -14.46 -33.97 -9.29
CA ALA F 60 -15.79 -34.51 -9.01
C ALA F 60 -15.47 -35.76 -8.19
N ASP F 61 -16.30 -36.07 -7.21
CA ASP F 61 -16.01 -37.23 -6.38
C ASP F 61 -15.93 -38.53 -7.21
N SER F 62 -16.65 -38.57 -8.34
CA SER F 62 -16.66 -39.74 -9.23
C SER F 62 -15.41 -39.97 -10.07
N VAL F 63 -14.55 -38.96 -10.17
CA VAL F 63 -13.32 -39.09 -10.95
C VAL F 63 -12.11 -38.92 -10.04
N LYS F 64 -12.38 -38.61 -8.79
CA LYS F 64 -11.34 -38.41 -7.81
C LYS F 64 -10.41 -39.62 -7.79
N GLY F 65 -9.12 -39.38 -7.97
CA GLY F 65 -8.16 -40.46 -7.97
C GLY F 65 -7.91 -41.06 -9.33
N ARG F 66 -8.90 -40.99 -10.21
CA ARG F 66 -8.77 -41.51 -11.56
C ARG F 66 -8.25 -40.44 -12.52
N PHE F 67 -8.75 -39.21 -12.38
CA PHE F 67 -8.30 -38.12 -13.26
C PHE F 67 -7.29 -37.21 -12.58
N THR F 68 -6.31 -36.76 -13.35
CA THR F 68 -5.28 -35.86 -12.84
C THR F 68 -5.15 -34.63 -13.73
N ILE F 69 -5.46 -33.46 -13.18
CA ILE F 69 -5.36 -32.22 -13.95
C ILE F 69 -3.99 -31.59 -13.68
N SER F 70 -3.43 -30.92 -14.68
CA SER F 70 -2.13 -30.29 -14.52
C SER F 70 -1.95 -29.12 -15.47
N ARG F 71 -0.90 -28.34 -15.25
CA ARG F 71 -0.62 -27.17 -16.07
C ARG F 71 0.88 -27.09 -16.33
N ASP F 72 1.27 -26.86 -17.59
CA ASP F 72 2.70 -26.75 -17.90
C ASP F 72 3.28 -25.36 -17.71
N ASN F 73 2.49 -24.32 -17.92
CA ASN F 73 2.98 -22.94 -17.76
C ASN F 73 4.03 -22.58 -18.81
N ALA F 74 4.99 -23.47 -19.03
CA ALA F 74 6.01 -23.22 -20.04
C ALA F 74 5.33 -23.38 -21.38
N ALA F 75 4.53 -24.43 -21.51
CA ALA F 75 3.82 -24.73 -22.73
C ALA F 75 2.48 -24.00 -22.78
N ASN F 76 2.07 -23.43 -21.65
CA ASN F 76 0.79 -22.73 -21.59
C ASN F 76 -0.30 -23.72 -21.96
N THR F 77 -0.15 -24.96 -21.49
CA THR F 77 -1.12 -26.00 -21.80
C THR F 77 -1.63 -26.63 -20.53
N ALA F 78 -2.92 -26.96 -20.54
CA ALA F 78 -3.56 -27.60 -19.40
C ALA F 78 -3.87 -29.02 -19.85
N TYR F 79 -3.67 -29.98 -18.96
CA TYR F 79 -3.93 -31.38 -19.27
C TYR F 79 -4.91 -32.01 -18.30
N LEU F 80 -5.52 -33.09 -18.75
CA LEU F 80 -6.44 -33.85 -17.93
C LEU F 80 -6.18 -35.31 -18.28
N GLN F 81 -5.44 -35.99 -17.40
CA GLN F 81 -5.14 -37.39 -17.61
C GLN F 81 -6.25 -38.21 -16.98
N MET F 82 -6.95 -38.98 -17.81
CA MET F 82 -8.04 -39.82 -17.34
C MET F 82 -7.61 -41.28 -17.44
N ASP F 83 -7.59 -41.97 -16.31
CA ASP F 83 -7.18 -43.37 -16.26
C ASP F 83 -8.34 -44.20 -15.70
N SER F 84 -8.38 -45.48 -16.06
CA SER F 84 -9.47 -46.34 -15.59
C SER F 84 -10.82 -45.73 -16.01
N LEU F 85 -10.99 -45.48 -17.30
CA LEU F 85 -12.23 -44.88 -17.77
C LEU F 85 -13.41 -45.85 -17.71
N LYS F 86 -14.58 -45.30 -17.38
CA LYS F 86 -15.81 -46.07 -17.28
C LYS F 86 -16.81 -45.51 -18.29
N PRO F 87 -17.71 -46.36 -18.81
CA PRO F 87 -18.68 -45.85 -19.78
C PRO F 87 -19.31 -44.55 -19.31
N GLU F 88 -19.61 -44.48 -18.01
CA GLU F 88 -20.22 -43.28 -17.43
C GLU F 88 -19.45 -42.03 -17.80
N ASP F 89 -18.15 -42.18 -18.05
CA ASP F 89 -17.32 -41.03 -18.42
C ASP F 89 -17.63 -40.51 -19.83
N THR F 90 -18.44 -41.24 -20.59
CA THR F 90 -18.79 -40.82 -21.95
C THR F 90 -19.47 -39.47 -22.00
N ALA F 91 -18.92 -38.57 -22.81
CA ALA F 91 -19.51 -37.24 -22.97
C ALA F 91 -18.57 -36.32 -23.71
N VAL F 92 -19.05 -35.12 -23.97
CA VAL F 92 -18.24 -34.12 -24.63
C VAL F 92 -17.55 -33.41 -23.48
N TYR F 93 -16.27 -33.11 -23.66
CA TYR F 93 -15.54 -32.41 -22.62
C TYR F 93 -15.11 -31.04 -23.08
N TYR F 94 -15.32 -30.04 -22.22
CA TYR F 94 -14.95 -28.68 -22.56
C TYR F 94 -13.87 -28.15 -21.66
N CYS F 95 -12.95 -27.42 -22.27
CA CYS F 95 -11.86 -26.78 -21.56
C CYS F 95 -12.37 -25.39 -21.20
N ALA F 96 -12.22 -24.99 -19.94
CA ALA F 96 -12.71 -23.67 -19.52
C ALA F 96 -11.66 -22.92 -18.70
N ALA F 97 -11.67 -21.60 -18.77
CA ALA F 97 -10.69 -20.82 -18.03
C ALA F 97 -11.01 -19.33 -18.02
N GLY F 98 -10.28 -18.60 -17.20
CA GLY F 98 -10.48 -17.17 -17.19
C GLY F 98 -10.93 -16.52 -15.90
N PRO F 99 -10.54 -15.26 -15.73
CA PRO F 99 -10.93 -14.55 -14.52
C PRO F 99 -12.40 -14.30 -14.78
N GLY F 100 -13.21 -14.18 -13.74
CA GLY F 100 -14.62 -13.91 -13.96
C GLY F 100 -15.51 -15.13 -14.10
N SER F 101 -16.76 -14.90 -14.49
CA SER F 101 -17.72 -15.98 -14.64
C SER F 101 -18.51 -15.80 -15.90
N GLY F 102 -18.70 -16.88 -16.64
CA GLY F 102 -19.45 -16.81 -17.88
C GLY F 102 -20.36 -18.03 -17.98
N LYS F 103 -20.89 -18.30 -19.17
CA LYS F 103 -21.80 -19.42 -19.35
C LYS F 103 -21.59 -20.18 -20.65
N LEU F 104 -21.87 -21.48 -20.63
CA LEU F 104 -21.76 -22.32 -21.81
C LEU F 104 -23.17 -22.83 -22.05
N VAL F 105 -23.75 -22.50 -23.20
CA VAL F 105 -25.08 -22.97 -23.50
C VAL F 105 -25.04 -24.11 -24.50
N VAL F 106 -25.24 -25.32 -23.98
CA VAL F 106 -25.23 -26.51 -24.81
C VAL F 106 -26.56 -27.20 -24.79
N ALA F 107 -27.02 -27.62 -25.97
CA ALA F 107 -28.29 -28.32 -26.13
C ALA F 107 -29.39 -27.73 -25.26
N GLY F 108 -29.54 -26.41 -25.31
CA GLY F 108 -30.58 -25.77 -24.53
C GLY F 108 -30.33 -25.76 -23.04
N ARG F 109 -29.09 -26.01 -22.63
CA ARG F 109 -28.73 -26.01 -21.21
C ARG F 109 -27.60 -25.02 -20.98
N THR F 110 -27.56 -24.40 -19.80
CA THR F 110 -26.51 -23.43 -19.53
C THR F 110 -25.56 -23.89 -18.42
N CYS F 111 -24.26 -23.72 -18.65
CA CYS F 111 -23.22 -24.10 -17.68
C CYS F 111 -22.59 -22.82 -17.12
N TYR F 112 -22.55 -22.72 -15.79
CA TYR F 112 -21.95 -21.54 -15.16
C TYR F 112 -20.47 -21.77 -14.83
N GLY F 113 -19.59 -21.13 -15.61
CA GLY F 113 -18.16 -21.31 -15.39
C GLY F 113 -17.27 -20.09 -15.58
N PRO F 114 -16.04 -20.29 -16.12
CA PRO F 114 -14.99 -19.31 -16.42
C PRO F 114 -14.96 -18.53 -17.76
N ASN F 115 -15.95 -17.69 -18.04
CA ASN F 115 -15.90 -16.89 -19.29
C ASN F 115 -15.59 -17.56 -20.64
N TYR F 116 -14.39 -18.12 -20.81
CA TYR F 116 -14.02 -18.76 -22.07
C TYR F 116 -14.07 -20.28 -22.06
N TRP F 117 -14.60 -20.86 -23.13
CA TRP F 117 -14.71 -22.32 -23.28
C TRP F 117 -14.11 -22.74 -24.61
N GLY F 118 -13.83 -24.03 -24.73
CA GLY F 118 -13.30 -24.58 -25.97
C GLY F 118 -14.47 -25.04 -26.82
N GLN F 119 -14.18 -25.81 -27.87
CA GLN F 119 -15.23 -26.30 -28.75
C GLN F 119 -15.74 -27.67 -28.30
N GLY F 120 -15.21 -28.15 -27.18
CA GLY F 120 -15.62 -29.44 -26.67
C GLY F 120 -14.92 -30.56 -27.42
N THR F 121 -14.62 -31.63 -26.70
CA THR F 121 -13.95 -32.78 -27.30
C THR F 121 -14.61 -34.07 -26.83
N GLN F 122 -15.07 -34.86 -27.80
CA GLN F 122 -15.77 -36.12 -27.51
C GLN F 122 -14.89 -37.19 -26.88
N VAL F 123 -15.46 -37.86 -25.87
CA VAL F 123 -14.80 -38.94 -25.18
C VAL F 123 -15.80 -40.08 -25.08
N THR F 124 -15.43 -41.22 -25.63
CA THR F 124 -16.31 -42.38 -25.62
C THR F 124 -15.67 -43.61 -24.99
N VAL F 125 -16.32 -44.11 -23.96
CA VAL F 125 -15.88 -45.29 -23.23
C VAL F 125 -16.85 -46.42 -23.52
CA CA G . 4.23 -24.18 61.69
CL CL H . 4.43 -14.77 47.56
CA CA I . 14.73 26.37 -21.56
CL CL J . 21.24 19.59 -35.73
CA CA K . -20.08 8.73 -18.88
CL CL L . -24.00 -1.83 -6.08
#